data_1IG7
# 
_entry.id   1IG7 
# 
_audit_conform.dict_name       mmcif_pdbx.dic 
_audit_conform.dict_version    5.389 
_audit_conform.dict_location   http://mmcif.pdb.org/dictionaries/ascii/mmcif_pdbx.dic 
# 
loop_
_database_2.database_id 
_database_2.database_code 
_database_2.pdbx_database_accession 
_database_2.pdbx_DOI 
PDB   1IG7         pdb_00001ig7 10.2210/pdb1ig7/pdb 
NDB   PD0211       ?            ?                   
RCSB  RCSB013245   ?            ?                   
WWPDB D_1000013245 ?            ?                   
# 
loop_
_pdbx_audit_revision_history.ordinal 
_pdbx_audit_revision_history.data_content_type 
_pdbx_audit_revision_history.major_revision 
_pdbx_audit_revision_history.minor_revision 
_pdbx_audit_revision_history.revision_date 
1 'Structure model' 1 0 2001-04-23 
2 'Structure model' 1 1 2008-04-27 
3 'Structure model' 1 2 2011-07-13 
4 'Structure model' 1 3 2024-02-07 
5 'Structure model' 1 4 2024-04-03 
# 
_pdbx_audit_revision_details.ordinal             1 
_pdbx_audit_revision_details.revision_ordinal    1 
_pdbx_audit_revision_details.data_content_type   'Structure model' 
_pdbx_audit_revision_details.provider            repository 
_pdbx_audit_revision_details.type                'Initial release' 
_pdbx_audit_revision_details.description         ? 
_pdbx_audit_revision_details.details             ? 
# 
loop_
_pdbx_audit_revision_group.ordinal 
_pdbx_audit_revision_group.revision_ordinal 
_pdbx_audit_revision_group.data_content_type 
_pdbx_audit_revision_group.group 
1 2 'Structure model' 'Version format compliance' 
2 3 'Structure model' 'Version format compliance' 
3 4 'Structure model' 'Data collection'           
4 4 'Structure model' 'Database references'       
5 5 'Structure model' 'Refinement description'    
# 
loop_
_pdbx_audit_revision_category.ordinal 
_pdbx_audit_revision_category.revision_ordinal 
_pdbx_audit_revision_category.data_content_type 
_pdbx_audit_revision_category.category 
1 4 'Structure model' chem_comp_atom                
2 4 'Structure model' chem_comp_bond                
3 4 'Structure model' database_2                    
4 5 'Structure model' pdbx_initial_refinement_model 
# 
loop_
_pdbx_audit_revision_item.ordinal 
_pdbx_audit_revision_item.revision_ordinal 
_pdbx_audit_revision_item.data_content_type 
_pdbx_audit_revision_item.item 
1 4 'Structure model' '_database_2.pdbx_DOI'                
2 4 'Structure model' '_database_2.pdbx_database_accession' 
# 
_pdbx_database_status.status_code                     REL 
_pdbx_database_status.entry_id                        1IG7 
_pdbx_database_status.recvd_initial_deposition_date   2001-04-17 
_pdbx_database_status.deposit_site                    RCSB 
_pdbx_database_status.process_site                    RCSB 
_pdbx_database_status.SG_entry                        . 
_pdbx_database_status.pdb_format_compatible           Y 
_pdbx_database_status.status_code_mr                  ? 
_pdbx_database_status.status_code_sf                  ? 
_pdbx_database_status.status_code_cs                  ? 
_pdbx_database_status.status_code_nmr_data            ? 
_pdbx_database_status.methods_development_category    ? 
# 
loop_
_audit_author.name 
_audit_author.pdbx_ordinal 
'Hovde, S.'      1 
'Abate-Shen, C.' 2 
'Geiger, J.H.'   3 
# 
_citation.id                        primary 
_citation.title                     'Crystal structure of the Msx-1 homeodomain/DNA complex' 
_citation.journal_abbrev            Biochemistry 
_citation.journal_volume            40 
_citation.page_first                12013 
_citation.page_last                 12021 
_citation.year                      2001 
_citation.journal_id_ASTM           BICHAW 
_citation.country                   US 
_citation.journal_id_ISSN           0006-2960 
_citation.journal_id_CSD            0033 
_citation.book_publisher            ? 
_citation.pdbx_database_id_PubMed   11580277 
_citation.pdbx_database_id_DOI      10.1021/bi0108148 
# 
loop_
_citation_author.citation_id 
_citation_author.name 
_citation_author.ordinal 
_citation_author.identifier_ORCID 
primary 'Hovde, S.'      1 ? 
primary 'Abate-Shen, C.' 2 ? 
primary 'Geiger, J.H.'   3 ? 
# 
loop_
_entity.id 
_entity.type 
_entity.src_method 
_entity.pdbx_description 
_entity.formula_weight 
_entity.pdbx_number_of_molecules 
_entity.pdbx_ec 
_entity.pdbx_mutation 
_entity.pdbx_fragment 
_entity.details 
1 polymer syn "5'-D(*CP*AP*CP*TP*AP*AP*TP*TP*GP*AP*AP*GP*G)-3'"           3999.636 1   ? ? ?                       ? 
2 polymer syn "5'-D(P*TP*CP*CP*TP*TP*CP*AP*AP*TP*TP*AP*GP*TP*GP*AP*C)-3'" 4848.165 1   ? ? ?                       ? 
3 polymer man 'Homeotic protein Msx-1'                                    6939.079 1   ? ? 'Homeodomain (157-233)' ? 
4 water   nat water                                                       18.015   153 ? ? ?                       ? 
# 
loop_
_entity_poly.entity_id 
_entity_poly.type 
_entity_poly.nstd_linkage 
_entity_poly.nstd_monomer 
_entity_poly.pdbx_seq_one_letter_code 
_entity_poly.pdbx_seq_one_letter_code_can 
_entity_poly.pdbx_strand_id 
_entity_poly.pdbx_target_identifier 
1 polydeoxyribonucleotide no no '(DC)(DA)(DC)(DT)(DA)(DA)(DT)(DT)(DG)(DA)(DA)(DG)(DG)'             CACTAATTGAAGG B ? 
2 polydeoxyribonucleotide no no '(DT)(DC)(DC)(DT)(DT)(DC)(DA)(DA)(DT)(DT)(DA)(DG)(DT)(DG)(DA)(DC)' TCCTTCAATTAGTGAC C ? 
3 'polypeptide(L)'        no no RKPRTPFTTAQLLALERKFRQKQYLSIAERAEFSSSLSLTETQVKIWFQNRRAKAKRL         
RKPRTPFTTAQLLALERKFRQKQYLSIAERAEFSSSLSLTETQVKIWFQNRRAKAKRL A ? 
# 
_pdbx_entity_nonpoly.entity_id   4 
_pdbx_entity_nonpoly.name        water 
_pdbx_entity_nonpoly.comp_id     HOH 
# 
loop_
_entity_poly_seq.entity_id 
_entity_poly_seq.num 
_entity_poly_seq.mon_id 
_entity_poly_seq.hetero 
1 1  DC  n 
1 2  DA  n 
1 3  DC  n 
1 4  DT  n 
1 5  DA  n 
1 6  DA  n 
1 7  DT  n 
1 8  DT  n 
1 9  DG  n 
1 10 DA  n 
1 11 DA  n 
1 12 DG  n 
1 13 DG  n 
2 1  DT  n 
2 2  DC  n 
2 3  DC  n 
2 4  DT  n 
2 5  DT  n 
2 6  DC  n 
2 7  DA  n 
2 8  DA  n 
2 9  DT  n 
2 10 DT  n 
2 11 DA  n 
2 12 DG  n 
2 13 DT  n 
2 14 DG  n 
2 15 DA  n 
2 16 DC  n 
3 1  ARG n 
3 2  LYS n 
3 3  PRO n 
3 4  ARG n 
3 5  THR n 
3 6  PRO n 
3 7  PHE n 
3 8  THR n 
3 9  THR n 
3 10 ALA n 
3 11 GLN n 
3 12 LEU n 
3 13 LEU n 
3 14 ALA n 
3 15 LEU n 
3 16 GLU n 
3 17 ARG n 
3 18 LYS n 
3 19 PHE n 
3 20 ARG n 
3 21 GLN n 
3 22 LYS n 
3 23 GLN n 
3 24 TYR n 
3 25 LEU n 
3 26 SER n 
3 27 ILE n 
3 28 ALA n 
3 29 GLU n 
3 30 ARG n 
3 31 ALA n 
3 32 GLU n 
3 33 PHE n 
3 34 SER n 
3 35 SER n 
3 36 SER n 
3 37 LEU n 
3 38 SER n 
3 39 LEU n 
3 40 THR n 
3 41 GLU n 
3 42 THR n 
3 43 GLN n 
3 44 VAL n 
3 45 LYS n 
3 46 ILE n 
3 47 TRP n 
3 48 PHE n 
3 49 GLN n 
3 50 ASN n 
3 51 ARG n 
3 52 ARG n 
3 53 ALA n 
3 54 LYS n 
3 55 ALA n 
3 56 LYS n 
3 57 ARG n 
3 58 LEU n 
# 
_entity_src_gen.entity_id                          3 
_entity_src_gen.pdbx_src_id                        1 
_entity_src_gen.pdbx_alt_source_flag               sample 
_entity_src_gen.pdbx_seq_type                      ? 
_entity_src_gen.pdbx_beg_seq_num                   ? 
_entity_src_gen.pdbx_end_seq_num                   ? 
_entity_src_gen.gene_src_common_name               'house mouse' 
_entity_src_gen.gene_src_genus                     Mus 
_entity_src_gen.pdbx_gene_src_gene                 ? 
_entity_src_gen.gene_src_species                   ? 
_entity_src_gen.gene_src_strain                    ? 
_entity_src_gen.gene_src_tissue                    ? 
_entity_src_gen.gene_src_tissue_fraction           ? 
_entity_src_gen.gene_src_details                   ? 
_entity_src_gen.pdbx_gene_src_fragment             ? 
_entity_src_gen.pdbx_gene_src_scientific_name      'Mus musculus' 
_entity_src_gen.pdbx_gene_src_ncbi_taxonomy_id     10090 
_entity_src_gen.pdbx_gene_src_variant              ? 
_entity_src_gen.pdbx_gene_src_cell_line            ? 
_entity_src_gen.pdbx_gene_src_atcc                 ? 
_entity_src_gen.pdbx_gene_src_organ                ? 
_entity_src_gen.pdbx_gene_src_organelle            ? 
_entity_src_gen.pdbx_gene_src_cell                 ? 
_entity_src_gen.pdbx_gene_src_cellular_location    ? 
_entity_src_gen.host_org_common_name               ? 
_entity_src_gen.pdbx_host_org_scientific_name      'Escherichia coli' 
_entity_src_gen.pdbx_host_org_ncbi_taxonomy_id     562 
_entity_src_gen.host_org_genus                     Escherichia 
_entity_src_gen.pdbx_host_org_gene                 ? 
_entity_src_gen.pdbx_host_org_organ                ? 
_entity_src_gen.host_org_species                   ? 
_entity_src_gen.pdbx_host_org_tissue               ? 
_entity_src_gen.pdbx_host_org_tissue_fraction      ? 
_entity_src_gen.pdbx_host_org_strain               ? 
_entity_src_gen.pdbx_host_org_variant              ? 
_entity_src_gen.pdbx_host_org_cell_line            ? 
_entity_src_gen.pdbx_host_org_atcc                 ? 
_entity_src_gen.pdbx_host_org_culture_collection   ? 
_entity_src_gen.pdbx_host_org_cell                 ? 
_entity_src_gen.pdbx_host_org_organelle            ? 
_entity_src_gen.pdbx_host_org_cellular_location    ? 
_entity_src_gen.pdbx_host_org_vector_type          plasmid 
_entity_src_gen.pdbx_host_org_vector               ? 
_entity_src_gen.host_org_details                   ? 
_entity_src_gen.expression_system_id               ? 
_entity_src_gen.plasmid_name                       'pDs56-Msx-1(157-233)' 
_entity_src_gen.plasmid_details                    ? 
_entity_src_gen.pdbx_description                   ? 
# 
loop_
_chem_comp.id 
_chem_comp.type 
_chem_comp.mon_nstd_flag 
_chem_comp.name 
_chem_comp.pdbx_synonyms 
_chem_comp.formula 
_chem_comp.formula_weight 
ALA 'L-peptide linking' y ALANINE                              ? 'C3 H7 N O2'      89.093  
ARG 'L-peptide linking' y ARGININE                             ? 'C6 H15 N4 O2 1'  175.209 
ASN 'L-peptide linking' y ASPARAGINE                           ? 'C4 H8 N2 O3'     132.118 
DA  'DNA linking'       y "2'-DEOXYADENOSINE-5'-MONOPHOSPHATE" ? 'C10 H14 N5 O6 P' 331.222 
DC  'DNA linking'       y "2'-DEOXYCYTIDINE-5'-MONOPHOSPHATE"  ? 'C9 H14 N3 O7 P'  307.197 
DG  'DNA linking'       y "2'-DEOXYGUANOSINE-5'-MONOPHOSPHATE" ? 'C10 H14 N5 O7 P' 347.221 
DT  'DNA linking'       y "THYMIDINE-5'-MONOPHOSPHATE"         ? 'C10 H15 N2 O8 P' 322.208 
GLN 'L-peptide linking' y GLUTAMINE                            ? 'C5 H10 N2 O3'    146.144 
GLU 'L-peptide linking' y 'GLUTAMIC ACID'                      ? 'C5 H9 N O4'      147.129 
HOH non-polymer         . WATER                                ? 'H2 O'            18.015  
ILE 'L-peptide linking' y ISOLEUCINE                           ? 'C6 H13 N O2'     131.173 
LEU 'L-peptide linking' y LEUCINE                              ? 'C6 H13 N O2'     131.173 
LYS 'L-peptide linking' y LYSINE                               ? 'C6 H15 N2 O2 1'  147.195 
PHE 'L-peptide linking' y PHENYLALANINE                        ? 'C9 H11 N O2'     165.189 
PRO 'L-peptide linking' y PROLINE                              ? 'C5 H9 N O2'      115.130 
SER 'L-peptide linking' y SERINE                               ? 'C3 H7 N O3'      105.093 
THR 'L-peptide linking' y THREONINE                            ? 'C4 H9 N O3'      119.119 
TRP 'L-peptide linking' y TRYPTOPHAN                           ? 'C11 H12 N2 O2'   204.225 
TYR 'L-peptide linking' y TYROSINE                             ? 'C9 H11 N O3'     181.189 
VAL 'L-peptide linking' y VALINE                               ? 'C5 H11 N O2'     117.146 
# 
loop_
_pdbx_poly_seq_scheme.asym_id 
_pdbx_poly_seq_scheme.entity_id 
_pdbx_poly_seq_scheme.seq_id 
_pdbx_poly_seq_scheme.mon_id 
_pdbx_poly_seq_scheme.ndb_seq_num 
_pdbx_poly_seq_scheme.pdb_seq_num 
_pdbx_poly_seq_scheme.auth_seq_num 
_pdbx_poly_seq_scheme.pdb_mon_id 
_pdbx_poly_seq_scheme.auth_mon_id 
_pdbx_poly_seq_scheme.pdb_strand_id 
_pdbx_poly_seq_scheme.pdb_ins_code 
_pdbx_poly_seq_scheme.hetero 
A 1 1  DC  1  4   4   DC  CYT B . n 
A 1 2  DA  2  5   5   DA  ADE B . n 
A 1 3  DC  3  6   6   DC  CYT B . n 
A 1 4  DT  4  7   7   DT  THY B . n 
A 1 5  DA  5  8   8   DA  ADE B . n 
A 1 6  DA  6  9   9   DA  ADE B . n 
A 1 7  DT  7  10  10  DT  THY B . n 
A 1 8  DT  8  11  11  DT  THY B . n 
A 1 9  DG  9  12  12  DG  GUA B . n 
A 1 10 DA  10 13  13  DA  ADE B . n 
A 1 11 DA  11 14  14  DA  ADE B . n 
A 1 12 DG  12 15  15  DG  GUA B . n 
A 1 13 DG  13 16  16  DG  GUA B . n 
B 2 1  DT  1  17  17  DT  THY C . n 
B 2 2  DC  2  18  18  DC  CYT C . n 
B 2 3  DC  3  19  19  DC  CYT C . n 
B 2 4  DT  4  20  20  DT  THY C . n 
B 2 5  DT  5  21  21  DT  THY C . n 
B 2 6  DC  6  22  22  DC  CYT C . n 
B 2 7  DA  7  23  23  DA  ADE C . n 
B 2 8  DA  8  24  24  DA  ADE C . n 
B 2 9  DT  9  25  25  DT  THY C . n 
B 2 10 DT  10 26  26  DT  THY C . n 
B 2 11 DA  11 27  27  DA  ADE C . n 
B 2 12 DG  12 28  28  DG  GUA C . n 
B 2 13 DT  13 29  29  DT  THY C . n 
B 2 14 DG  14 30  30  DG  GUA C . n 
B 2 15 DA  15 31  31  DA  ADE C . n 
B 2 16 DC  16 32  32  DC  CYT C . n 
C 3 1  ARG 1  102 102 ARG ARG A . n 
C 3 2  LYS 2  103 103 LYS LYS A . n 
C 3 3  PRO 3  104 104 PRO PRO A . n 
C 3 4  ARG 4  105 105 ARG ARG A . n 
C 3 5  THR 5  106 106 THR THR A . n 
C 3 6  PRO 6  107 107 PRO PRO A . n 
C 3 7  PHE 7  108 108 PHE PHE A . n 
C 3 8  THR 8  109 109 THR THR A . n 
C 3 9  THR 9  110 110 THR THR A . n 
C 3 10 ALA 10 111 111 ALA ALA A . n 
C 3 11 GLN 11 112 112 GLN GLN A . n 
C 3 12 LEU 12 113 113 LEU LEU A . n 
C 3 13 LEU 13 114 114 LEU LEU A . n 
C 3 14 ALA 14 115 115 ALA ALA A . n 
C 3 15 LEU 15 116 116 LEU LEU A . n 
C 3 16 GLU 16 117 117 GLU GLU A . n 
C 3 17 ARG 17 118 118 ARG ARG A . n 
C 3 18 LYS 18 119 119 LYS LYS A . n 
C 3 19 PHE 19 120 120 PHE PHE A . n 
C 3 20 ARG 20 121 121 ARG ARG A . n 
C 3 21 GLN 21 122 122 GLN GLN A . n 
C 3 22 LYS 22 123 123 LYS LYS A . n 
C 3 23 GLN 23 124 124 GLN GLN A . n 
C 3 24 TYR 24 125 125 TYR TYR A . n 
C 3 25 LEU 25 126 126 LEU LEU A . n 
C 3 26 SER 26 127 127 SER SER A . n 
C 3 27 ILE 27 128 128 ILE ILE A . n 
C 3 28 ALA 28 129 129 ALA ALA A . n 
C 3 29 GLU 29 130 130 GLU GLU A . n 
C 3 30 ARG 30 131 131 ARG ARG A . n 
C 3 31 ALA 31 132 132 ALA ALA A . n 
C 3 32 GLU 32 133 133 GLU GLU A . n 
C 3 33 PHE 33 134 134 PHE PHE A . n 
C 3 34 SER 34 135 135 SER SER A . n 
C 3 35 SER 35 136 136 SER SER A . n 
C 3 36 SER 36 137 137 SER SER A . n 
C 3 37 LEU 37 138 138 LEU LEU A . n 
C 3 38 SER 38 139 139 SER SER A . n 
C 3 39 LEU 39 140 140 LEU LEU A . n 
C 3 40 THR 40 141 141 THR THR A . n 
C 3 41 GLU 41 142 142 GLU GLU A . n 
C 3 42 THR 42 143 143 THR THR A . n 
C 3 43 GLN 43 144 144 GLN GLN A . n 
C 3 44 VAL 44 145 145 VAL VAL A . n 
C 3 45 LYS 45 146 146 LYS LYS A . n 
C 3 46 ILE 46 147 147 ILE ILE A . n 
C 3 47 TRP 47 148 148 TRP TRP A . n 
C 3 48 PHE 48 149 149 PHE PHE A . n 
C 3 49 GLN 49 150 150 GLN GLN A . n 
C 3 50 ASN 50 151 151 ASN ASN A . n 
C 3 51 ARG 51 152 152 ARG ARG A . n 
C 3 52 ARG 52 153 153 ARG ARG A . n 
C 3 53 ALA 53 154 154 ALA ALA A . n 
C 3 54 LYS 54 155 155 LYS LYS A . n 
C 3 55 ALA 55 156 156 ALA ALA A . n 
C 3 56 LYS 56 157 157 LYS LYS A . n 
C 3 57 ARG 57 158 158 ARG ARG A . n 
C 3 58 LEU 58 159 159 LEU LEU A . n 
# 
loop_
_pdbx_nonpoly_scheme.asym_id 
_pdbx_nonpoly_scheme.entity_id 
_pdbx_nonpoly_scheme.mon_id 
_pdbx_nonpoly_scheme.ndb_seq_num 
_pdbx_nonpoly_scheme.pdb_seq_num 
_pdbx_nonpoly_scheme.auth_seq_num 
_pdbx_nonpoly_scheme.pdb_mon_id 
_pdbx_nonpoly_scheme.auth_mon_id 
_pdbx_nonpoly_scheme.pdb_strand_id 
_pdbx_nonpoly_scheme.pdb_ins_code 
D 4 HOH 1  161 161 HOH WAT B . 
D 4 HOH 2  162 162 HOH WAT B . 
D 4 HOH 3  168 168 HOH WAT B . 
D 4 HOH 4  170 170 HOH WAT B . 
D 4 HOH 5  183 183 HOH WAT B . 
D 4 HOH 6  188 188 HOH WAT B . 
D 4 HOH 7  191 191 HOH WAT B . 
D 4 HOH 8  194 194 HOH WAT B . 
D 4 HOH 9  195 195 HOH WAT B . 
D 4 HOH 10 202 202 HOH WAT B . 
D 4 HOH 11 203 203 HOH WAT B . 
D 4 HOH 12 206 206 HOH WAT B . 
D 4 HOH 13 213 213 HOH WAT B . 
D 4 HOH 14 215 215 HOH WAT B . 
D 4 HOH 15 218 218 HOH WAT B . 
D 4 HOH 16 220 220 HOH WAT B . 
D 4 HOH 17 226 226 HOH WAT B . 
D 4 HOH 18 234 234 HOH WAT B . 
D 4 HOH 19 248 248 HOH WAT B . 
D 4 HOH 20 255 255 HOH WAT B . 
D 4 HOH 21 289 289 HOH WAT B . 
D 4 HOH 22 296 296 HOH WAT B . 
D 4 HOH 23 299 299 HOH WAT B . 
D 4 HOH 24 305 305 HOH WAT B . 
D 4 HOH 25 314 314 HOH WAT B . 
D 4 HOH 26 332 332 HOH WAT B . 
D 4 HOH 27 357 357 HOH WAT B . 
D 4 HOH 28 359 359 HOH WAT B . 
D 4 HOH 29 360 360 HOH WAT B . 
D 4 HOH 30 383 383 HOH WAT B . 
D 4 HOH 31 384 384 HOH WAT B . 
D 4 HOH 32 385 385 HOH WAT B . 
D 4 HOH 33 386 386 HOH WAT B . 
E 4 HOH 1  160 160 HOH WAT C . 
E 4 HOH 2  163 163 HOH WAT C . 
E 4 HOH 3  169 169 HOH WAT C . 
E 4 HOH 4  173 173 HOH WAT C . 
E 4 HOH 5  174 174 HOH WAT C . 
E 4 HOH 6  175 175 HOH WAT C . 
E 4 HOH 7  179 179 HOH WAT C . 
E 4 HOH 8  185 185 HOH WAT C . 
E 4 HOH 9  189 189 HOH WAT C . 
E 4 HOH 10 190 190 HOH WAT C . 
E 4 HOH 11 205 205 HOH WAT C . 
E 4 HOH 12 217 217 HOH WAT C . 
E 4 HOH 13 224 224 HOH WAT C . 
E 4 HOH 14 233 233 HOH WAT C . 
E 4 HOH 15 236 236 HOH WAT C . 
E 4 HOH 16 237 237 HOH WAT C . 
E 4 HOH 17 240 240 HOH WAT C . 
E 4 HOH 18 244 244 HOH WAT C . 
E 4 HOH 19 246 246 HOH WAT C . 
E 4 HOH 20 252 252 HOH WAT C . 
E 4 HOH 21 256 256 HOH WAT C . 
E 4 HOH 22 257 257 HOH WAT C . 
E 4 HOH 23 259 259 HOH WAT C . 
E 4 HOH 24 260 260 HOH WAT C . 
E 4 HOH 25 265 265 HOH WAT C . 
E 4 HOH 26 275 275 HOH WAT C . 
E 4 HOH 27 277 277 HOH WAT C . 
E 4 HOH 28 278 278 HOH WAT C . 
E 4 HOH 29 279 279 HOH WAT C . 
E 4 HOH 30 280 280 HOH WAT C . 
E 4 HOH 31 282 282 HOH WAT C . 
E 4 HOH 32 290 290 HOH WAT C . 
E 4 HOH 33 304 304 HOH WAT C . 
E 4 HOH 34 330 330 HOH WAT C . 
E 4 HOH 35 331 331 HOH WAT C . 
E 4 HOH 36 338 338 HOH WAT C . 
E 4 HOH 37 355 355 HOH WAT C . 
E 4 HOH 38 364 364 HOH WAT C . 
E 4 HOH 39 378 378 HOH WAT C . 
E 4 HOH 40 379 379 HOH WAT C . 
E 4 HOH 41 380 380 HOH WAT C . 
E 4 HOH 42 382 382 HOH WAT C . 
E 4 HOH 43 389 389 HOH WAT C . 
E 4 HOH 44 390 390 HOH WAT C . 
F 4 HOH 1  164 164 HOH WAT A . 
F 4 HOH 2  165 165 HOH WAT A . 
F 4 HOH 3  166 166 HOH WAT A . 
F 4 HOH 4  167 167 HOH WAT A . 
F 4 HOH 5  171 171 HOH WAT A . 
F 4 HOH 6  172 172 HOH WAT A . 
F 4 HOH 7  176 176 HOH WAT A . 
F 4 HOH 8  177 177 HOH WAT A . 
F 4 HOH 9  178 178 HOH WAT A . 
F 4 HOH 10 180 180 HOH WAT A . 
F 4 HOH 11 181 181 HOH WAT A . 
F 4 HOH 12 182 182 HOH WAT A . 
F 4 HOH 13 184 184 HOH WAT A . 
F 4 HOH 14 186 186 HOH WAT A . 
F 4 HOH 15 187 187 HOH WAT A . 
F 4 HOH 16 192 192 HOH WAT A . 
F 4 HOH 17 193 193 HOH WAT A . 
F 4 HOH 18 196 196 HOH WAT A . 
F 4 HOH 19 197 197 HOH WAT A . 
F 4 HOH 20 198 198 HOH WAT A . 
F 4 HOH 21 200 200 HOH WAT A . 
F 4 HOH 22 201 201 HOH WAT A . 
F 4 HOH 23 204 204 HOH WAT A . 
F 4 HOH 24 207 207 HOH WAT A . 
F 4 HOH 25 208 208 HOH WAT A . 
F 4 HOH 26 209 209 HOH WAT A . 
F 4 HOH 27 210 210 HOH WAT A . 
F 4 HOH 28 211 211 HOH WAT A . 
F 4 HOH 29 212 212 HOH WAT A . 
F 4 HOH 30 214 214 HOH WAT A . 
F 4 HOH 31 216 216 HOH WAT A . 
F 4 HOH 32 219 219 HOH WAT A . 
F 4 HOH 33 221 221 HOH WAT A . 
F 4 HOH 34 225 225 HOH WAT A . 
F 4 HOH 35 229 229 HOH WAT A . 
F 4 HOH 36 235 235 HOH WAT A . 
F 4 HOH 37 241 241 HOH WAT A . 
F 4 HOH 38 243 243 HOH WAT A . 
F 4 HOH 39 247 247 HOH WAT A . 
F 4 HOH 40 249 249 HOH WAT A . 
F 4 HOH 41 250 250 HOH WAT A . 
F 4 HOH 42 253 253 HOH WAT A . 
F 4 HOH 43 254 254 HOH WAT A . 
F 4 HOH 44 258 258 HOH WAT A . 
F 4 HOH 45 262 262 HOH WAT A . 
F 4 HOH 46 263 263 HOH WAT A . 
F 4 HOH 47 264 264 HOH WAT A . 
F 4 HOH 48 266 266 HOH WAT A . 
F 4 HOH 49 267 267 HOH WAT A . 
F 4 HOH 50 269 269 HOH WAT A . 
F 4 HOH 51 270 270 HOH WAT A . 
F 4 HOH 52 271 271 HOH WAT A . 
F 4 HOH 53 272 272 HOH WAT A . 
F 4 HOH 54 276 276 HOH WAT A . 
F 4 HOH 55 283 283 HOH WAT A . 
F 4 HOH 56 284 284 HOH WAT A . 
F 4 HOH 57 285 285 HOH WAT A . 
F 4 HOH 58 288 288 HOH WAT A . 
F 4 HOH 59 291 291 HOH WAT A . 
F 4 HOH 60 297 297 HOH WAT A . 
F 4 HOH 61 302 302 HOH WAT A . 
F 4 HOH 62 309 309 HOH WAT A . 
F 4 HOH 63 310 310 HOH WAT A . 
F 4 HOH 64 312 312 HOH WAT A . 
F 4 HOH 65 318 318 HOH WAT A . 
F 4 HOH 66 325 325 HOH WAT A . 
F 4 HOH 67 326 326 HOH WAT A . 
F 4 HOH 68 352 352 HOH WAT A . 
F 4 HOH 69 353 353 HOH WAT A . 
F 4 HOH 70 356 356 HOH WAT A . 
F 4 HOH 71 358 358 HOH WAT A . 
F 4 HOH 72 361 361 HOH WAT A . 
F 4 HOH 73 363 363 HOH WAT A . 
F 4 HOH 74 381 381 HOH WAT A . 
F 4 HOH 75 387 387 HOH WAT A . 
F 4 HOH 76 388 388 HOH WAT A . 
# 
loop_
_pdbx_unobs_or_zero_occ_atoms.id 
_pdbx_unobs_or_zero_occ_atoms.PDB_model_num 
_pdbx_unobs_or_zero_occ_atoms.polymer_flag 
_pdbx_unobs_or_zero_occ_atoms.occupancy_flag 
_pdbx_unobs_or_zero_occ_atoms.auth_asym_id 
_pdbx_unobs_or_zero_occ_atoms.auth_comp_id 
_pdbx_unobs_or_zero_occ_atoms.auth_seq_id 
_pdbx_unobs_or_zero_occ_atoms.PDB_ins_code 
_pdbx_unobs_or_zero_occ_atoms.auth_atom_id 
_pdbx_unobs_or_zero_occ_atoms.label_alt_id 
_pdbx_unobs_or_zero_occ_atoms.label_asym_id 
_pdbx_unobs_or_zero_occ_atoms.label_comp_id 
_pdbx_unobs_or_zero_occ_atoms.label_seq_id 
_pdbx_unobs_or_zero_occ_atoms.label_atom_id 
1  1 Y 1 A ARG 121 ? CG  ? C ARG 20 CG  
2  1 Y 1 A ARG 121 ? CD  ? C ARG 20 CD  
3  1 Y 1 A ARG 121 ? NE  ? C ARG 20 NE  
4  1 Y 1 A ARG 121 ? CZ  ? C ARG 20 CZ  
5  1 Y 1 A ARG 121 ? NH1 ? C ARG 20 NH1 
6  1 Y 1 A ARG 121 ? NH2 ? C ARG 20 NH2 
7  1 Y 1 A GLN 122 ? CG  ? C GLN 21 CG  
8  1 Y 1 A GLN 122 ? CD  ? C GLN 21 CD  
9  1 Y 1 A GLN 122 ? OE1 ? C GLN 21 OE1 
10 1 Y 1 A GLN 122 ? NE2 ? C GLN 21 NE2 
11 1 Y 1 A LYS 157 ? CG  ? C LYS 56 CG  
12 1 Y 1 A LYS 157 ? CD  ? C LYS 56 CD  
13 1 Y 1 A LYS 157 ? CE  ? C LYS 56 CE  
14 1 Y 1 A LYS 157 ? NZ  ? C LYS 56 NZ  
# 
loop_
_software.name 
_software.classification 
_software.version 
_software.citation_id 
_software.pdbx_ordinal 
DENZO     'data reduction' .   ? 1 
SCALEPACK 'data scaling'   .   ? 2 
AMoRE     phasing          .   ? 3 
CNS       refinement       1.0 ? 4 
# 
_cell.entry_id           1IG7 
_cell.length_a           33.600 
_cell.length_b           60.960 
_cell.length_c           82.300 
_cell.angle_alpha        90.00 
_cell.angle_beta         90.00 
_cell.angle_gamma        90.00 
_cell.Z_PDB              4 
_cell.pdbx_unique_axis   ? 
# 
_symmetry.entry_id                         1IG7 
_symmetry.space_group_name_H-M             'P 21 21 21' 
_symmetry.pdbx_full_space_group_name_H-M   ? 
_symmetry.cell_setting                     ? 
_symmetry.Int_Tables_number                19 
# 
_exptl.entry_id          1IG7 
_exptl.method            'X-RAY DIFFRACTION' 
_exptl.crystals_number   1 
# 
_exptl_crystal.id                    1 
_exptl_crystal.density_meas          ? 
_exptl_crystal.density_Matthews      2.34 
_exptl_crystal.density_percent_sol   55 
_exptl_crystal.description           ? 
# 
_exptl_crystal_grow.crystal_id      1 
_exptl_crystal_grow.method          'VAPOR DIFFUSION, HANGING DROP' 
_exptl_crystal_grow.temp            298 
_exptl_crystal_grow.temp_details    ? 
_exptl_crystal_grow.pH              4.6 
_exptl_crystal_grow.pdbx_details    'PEG 4000, Sodium Acetate, pH 4.6, VAPOR DIFFUSION, HANGING DROP, temperature 298K' 
_exptl_crystal_grow.pdbx_pH_range   . 
# 
loop_
_exptl_crystal_grow_comp.crystal_id 
_exptl_crystal_grow_comp.id 
_exptl_crystal_grow_comp.sol_id 
_exptl_crystal_grow_comp.name 
_exptl_crystal_grow_comp.volume 
_exptl_crystal_grow_comp.conc 
_exptl_crystal_grow_comp.details 
1 1 1 'PEG 4000'       ? ? ? 
1 2 1 'Sodium Acetate' ? ? ? 
# 
_diffrn.id                     1 
_diffrn.ambient_temp           123 
_diffrn.ambient_temp_details   ? 
_diffrn.crystal_id             1 
# 
_diffrn_detector.diffrn_id              1 
_diffrn_detector.detector               'IMAGE PLATE' 
_diffrn_detector.type                   'RIGAKU RAXIS IIC' 
_diffrn_detector.pdbx_collection_date   1997-05-20 
_diffrn_detector.details                'Osmic confocal maxflux mirrors' 
# 
_diffrn_radiation.diffrn_id                        1 
_diffrn_radiation.wavelength_id                    1 
_diffrn_radiation.pdbx_monochromatic_or_laue_m_l   M 
_diffrn_radiation.monochromator                    'Ni Filter' 
_diffrn_radiation.pdbx_diffrn_protocol             'SINGLE WAVELENGTH' 
_diffrn_radiation.pdbx_scattering_type             x-ray 
# 
_diffrn_radiation_wavelength.id           1 
_diffrn_radiation_wavelength.wavelength   1.5418 
_diffrn_radiation_wavelength.wt           1.0 
# 
_diffrn_source.diffrn_id                   1 
_diffrn_source.source                      'ROTATING ANODE' 
_diffrn_source.type                        'RIGAKU RU200' 
_diffrn_source.pdbx_synchrotron_site       ? 
_diffrn_source.pdbx_synchrotron_beamline   ? 
_diffrn_source.pdbx_wavelength             1.5418 
_diffrn_source.pdbx_wavelength_list        ? 
# 
_reflns.entry_id                     1IG7 
_reflns.observed_criterion_sigma_I   -3.0 
_reflns.observed_criterion_sigma_F   -1.0 
_reflns.d_resolution_low             40.0 
_reflns.d_resolution_high            2.2 
_reflns.number_obs                   11914 
_reflns.number_all                   130352 
_reflns.percent_possible_obs         98.9 
_reflns.pdbx_Rmerge_I_obs            0.062 
_reflns.pdbx_Rsym_value              ? 
_reflns.pdbx_netI_over_sigmaI        17.3 
_reflns.B_iso_Wilson_estimate        27.2 
_reflns.pdbx_redundancy              11 
_reflns.R_free_details               ? 
_reflns.pdbx_diffrn_id               1 
_reflns.pdbx_ordinal                 1 
# 
_reflns_shell.d_res_high             2.00 
_reflns_shell.d_res_low              2.07 
_reflns_shell.percent_possible_all   97.7 
_reflns_shell.Rmerge_I_obs           0.542 
_reflns_shell.pdbx_Rsym_value        ? 
_reflns_shell.meanI_over_sigI_obs    ? 
_reflns_shell.pdbx_redundancy        2.6 
_reflns_shell.percent_possible_obs   ? 
_reflns_shell.number_unique_all      ? 
_reflns_shell.pdbx_diffrn_id         ? 
_reflns_shell.pdbx_ordinal           1 
# 
_refine.entry_id                                 1IG7 
_refine.ls_number_reflns_obs                     8007 
_refine.ls_number_reflns_all                     10391 
_refine.pdbx_ls_sigma_I                          2.0 
_refine.pdbx_ls_sigma_F                          2.0 
_refine.pdbx_data_cutoff_high_absF               412425.51 
_refine.pdbx_data_cutoff_low_absF                0.00 
_refine.ls_d_res_low                             21.25 
_refine.ls_d_res_high                            2.20 
_refine.ls_percent_reflns_obs                    88.4 
_refine.ls_R_factor_obs                          0.205 
_refine.ls_R_factor_all                          0.2119 
_refine.ls_R_factor_R_work                       0.205 
_refine.ls_R_factor_R_free                       0.274 
_refine.ls_R_factor_R_free_error                 0.009 
_refine.ls_R_factor_R_free_error_details         ? 
_refine.ls_percent_reflns_R_free                 10.4 
_refine.ls_number_reflns_R_free                  836 
_refine.ls_number_parameters                     ? 
_refine.ls_number_restraints                     ? 
_refine.occupancy_min                            ? 
_refine.occupancy_max                            ? 
_refine.B_iso_mean                               38.3 
_refine.aniso_B[1][1]                            18.91 
_refine.aniso_B[2][2]                            -5.33 
_refine.aniso_B[3][3]                            -13.58 
_refine.aniso_B[1][2]                            0.00 
_refine.aniso_B[1][3]                            0.00 
_refine.aniso_B[2][3]                            0.00 
_refine.solvent_model_details                    'FLAT MODEL' 
_refine.solvent_model_param_ksol                 0.351 
_refine.solvent_model_param_bsol                 48.12 
_refine.pdbx_ls_cross_valid_method               THROUGHOUT 
_refine.details                                  ? 
_refine.pdbx_starting_model                      'Even-Skipped Homeodomain/DNA complex' 
_refine.pdbx_method_to_determine_struct          'MOLECULAR REPLACEMENT' 
_refine.pdbx_isotropic_thermal_model             RESTRAINED 
_refine.pdbx_stereochemistry_target_values       CNS 
_refine.pdbx_stereochem_target_val_spec_case     ? 
_refine.pdbx_R_Free_selection_details            RANDOM 
_refine.pdbx_overall_ESU_R_Free                  ? 
_refine.overall_SU_B                             ? 
_refine.ls_redundancy_reflns_obs                 ? 
_refine.correlation_coeff_Fo_to_Fc               ? 
_refine.overall_SU_R_Cruickshank_DPI             ? 
_refine.overall_SU_R_free                        ? 
_refine.overall_SU_ML                            ? 
_refine.pdbx_overall_ESU_R                       ? 
_refine.pdbx_data_cutoff_high_rms_absF           ? 
_refine.correlation_coeff_Fo_to_Fc_free          ? 
_refine.pdbx_solvent_vdw_probe_radii             ? 
_refine.pdbx_solvent_ion_probe_radii             ? 
_refine.pdbx_solvent_shrinkage_radii             ? 
_refine.pdbx_refine_id                           'X-RAY DIFFRACTION' 
_refine.pdbx_diffrn_id                           1 
_refine.pdbx_TLS_residual_ADP_flag               ? 
_refine.pdbx_overall_phase_error                 ? 
_refine.pdbx_overall_SU_R_free_Cruickshank_DPI   ? 
_refine.pdbx_overall_SU_R_Blow_DPI               ? 
_refine.pdbx_overall_SU_R_free_Blow_DPI          ? 
# 
_refine_analyze.entry_id                        1IG7 
_refine_analyze.Luzzati_coordinate_error_obs    0.25 
_refine_analyze.Luzzati_sigma_a_obs             0.25 
_refine_analyze.Luzzati_d_res_low_obs           5.00 
_refine_analyze.Luzzati_coordinate_error_free   0.34 
_refine_analyze.Luzzati_sigma_a_free            0.38 
_refine_analyze.Luzzati_d_res_low_free          ? 
_refine_analyze.number_disordered_residues      ? 
_refine_analyze.occupancy_sum_hydrogen          ? 
_refine_analyze.occupancy_sum_non_hydrogen      ? 
_refine_analyze.pdbx_refine_id                  'X-RAY DIFFRACTION' 
# 
_refine_hist.pdbx_refine_id                   'X-RAY DIFFRACTION' 
_refine_hist.cycle_id                         LAST 
_refine_hist.pdbx_number_atoms_protein        476 
_refine_hist.pdbx_number_atoms_nucleic_acid   590 
_refine_hist.pdbx_number_atoms_ligand         0 
_refine_hist.number_atoms_solvent             153 
_refine_hist.number_atoms_total               1219 
_refine_hist.d_res_high                       2.20 
_refine_hist.d_res_low                        21.25 
# 
loop_
_refine_ls_restr.type 
_refine_ls_restr.dev_ideal 
_refine_ls_restr.dev_ideal_target 
_refine_ls_restr.weight 
_refine_ls_restr.number 
_refine_ls_restr.pdbx_refine_id 
_refine_ls_restr.pdbx_restraint_function 
c_bond_d           0.026 ?    ? ? 'X-RAY DIFFRACTION' ? 
c_angle_deg        2.5   ?    ? ? 'X-RAY DIFFRACTION' ? 
c_dihedral_angle_d 20.0  ?    ? ? 'X-RAY DIFFRACTION' ? 
c_improper_angle_d 2.01  ?    ? ? 'X-RAY DIFFRACTION' ? 
c_mcbond_it        1.09  1.50 ? ? 'X-RAY DIFFRACTION' ? 
c_mcangle_it       1.71  2.00 ? ? 'X-RAY DIFFRACTION' ? 
c_scbond_it        1.49  2.00 ? ? 'X-RAY DIFFRACTION' ? 
c_scangle_it       2.29  2.50 ? ? 'X-RAY DIFFRACTION' ? 
# 
_refine_ls_shell.pdbx_total_number_of_bins_used   6 
_refine_ls_shell.d_res_high                       2.20 
_refine_ls_shell.d_res_low                        2.34 
_refine_ls_shell.number_reflns_R_work             1004 
_refine_ls_shell.R_factor_R_work                  0.261 
_refine_ls_shell.percent_reflns_obs               75.6 
_refine_ls_shell.R_factor_R_free                  0.352 
_refine_ls_shell.R_factor_R_free_error            0.033 
_refine_ls_shell.percent_reflns_R_free            10.1 
_refine_ls_shell.number_reflns_R_free             113 
_refine_ls_shell.redundancy_reflns_obs            ? 
_refine_ls_shell.pdbx_refine_id                   'X-RAY DIFFRACTION' 
_refine_ls_shell.number_reflns_all                ? 
_refine_ls_shell.R_factor_all                     ? 
# 
loop_
_pdbx_xplor_file.serial_no 
_pdbx_xplor_file.param_file 
_pdbx_xplor_file.topol_file 
_pdbx_xplor_file.pdbx_refine_id 
1 PROTEIN_REP.PARAM PROTEIN.TOP 'X-RAY DIFFRACTION' 
2 DNA-RNA_REP.PARAM DNA-RNA.TOP 'X-RAY DIFFRACTION' 
3 WATER_REP.PARAM   WATER.TOP   'X-RAY DIFFRACTION' 
# 
_struct.entry_id                  1IG7 
_struct.title                     'Msx-1 Homeodomain/DNA Complex Structure' 
_struct.pdbx_model_details        ? 
_struct.pdbx_CASP_flag            ? 
_struct.pdbx_model_type_details   ? 
# 
_struct_keywords.entry_id        1IG7 
_struct_keywords.pdbx_keywords   TRANSCRIPTION/DNA 
_struct_keywords.text            'helix-turn-helix, TRANSCRIPTION-DNA COMPLEX' 
# 
loop_
_struct_asym.id 
_struct_asym.pdbx_blank_PDB_chainid_flag 
_struct_asym.pdbx_modified 
_struct_asym.entity_id 
_struct_asym.details 
A N N 1 ? 
B N N 2 ? 
C N N 3 ? 
D N N 4 ? 
E N N 4 ? 
F N N 4 ? 
# 
loop_
_struct_ref.id 
_struct_ref.db_name 
_struct_ref.db_code 
_struct_ref.entity_id 
_struct_ref.pdbx_seq_one_letter_code 
_struct_ref.pdbx_align_begin 
_struct_ref.pdbx_db_accession 
_struct_ref.pdbx_db_isoform 
1 UNP MSX1_MOUSE 3 RKPRTPFTTAQLLALERKFRQKQYLSIAERAEFSSSLSLTETQVKIWFQNRRAKAKRL 167 P13297 ? 
2 PDB 1IG7       1 ?                                                          ?   1IG7   ? 
3 PDB 1IG7       2 ?                                                          ?   1IG7   ? 
# 
loop_
_struct_ref_seq.align_id 
_struct_ref_seq.ref_id 
_struct_ref_seq.pdbx_PDB_id_code 
_struct_ref_seq.pdbx_strand_id 
_struct_ref_seq.seq_align_beg 
_struct_ref_seq.pdbx_seq_align_beg_ins_code 
_struct_ref_seq.seq_align_end 
_struct_ref_seq.pdbx_seq_align_end_ins_code 
_struct_ref_seq.pdbx_db_accession 
_struct_ref_seq.db_align_beg 
_struct_ref_seq.pdbx_db_align_beg_ins_code 
_struct_ref_seq.db_align_end 
_struct_ref_seq.pdbx_db_align_end_ins_code 
_struct_ref_seq.pdbx_auth_seq_align_beg 
_struct_ref_seq.pdbx_auth_seq_align_end 
1 1 1IG7 A 1 ? 58 ? P13297 167 ? 224 ? 102 159 
2 2 1IG7 B 1 ? 13 ? 1IG7   4   ? 16  ? 4   16  
3 3 1IG7 C 1 ? 16 ? 1IG7   17  ? 32  ? 17  32  
# 
_pdbx_struct_assembly.id                   1 
_pdbx_struct_assembly.details              author_defined_assembly 
_pdbx_struct_assembly.method_details       ? 
_pdbx_struct_assembly.oligomeric_details   trimeric 
_pdbx_struct_assembly.oligomeric_count     3 
# 
_pdbx_struct_assembly_gen.assembly_id       1 
_pdbx_struct_assembly_gen.oper_expression   1 
_pdbx_struct_assembly_gen.asym_id_list      A,B,C,D,E,F 
# 
_pdbx_struct_oper_list.id                   1 
_pdbx_struct_oper_list.type                 'identity operation' 
_pdbx_struct_oper_list.name                 1_555 
_pdbx_struct_oper_list.symmetry_operation   x,y,z 
_pdbx_struct_oper_list.matrix[1][1]         1.0000000000 
_pdbx_struct_oper_list.matrix[1][2]         0.0000000000 
_pdbx_struct_oper_list.matrix[1][3]         0.0000000000 
_pdbx_struct_oper_list.vector[1]            0.0000000000 
_pdbx_struct_oper_list.matrix[2][1]         0.0000000000 
_pdbx_struct_oper_list.matrix[2][2]         1.0000000000 
_pdbx_struct_oper_list.matrix[2][3]         0.0000000000 
_pdbx_struct_oper_list.vector[2]            0.0000000000 
_pdbx_struct_oper_list.matrix[3][1]         0.0000000000 
_pdbx_struct_oper_list.matrix[3][2]         0.0000000000 
_pdbx_struct_oper_list.matrix[3][3]         1.0000000000 
_pdbx_struct_oper_list.vector[3]            0.0000000000 
# 
_struct_biol.id                    1 
_struct_biol.pdbx_parent_biol_id   ? 
_struct_biol.details               ? 
# 
loop_
_struct_conf.conf_type_id 
_struct_conf.id 
_struct_conf.pdbx_PDB_helix_id 
_struct_conf.beg_label_comp_id 
_struct_conf.beg_label_asym_id 
_struct_conf.beg_label_seq_id 
_struct_conf.pdbx_beg_PDB_ins_code 
_struct_conf.end_label_comp_id 
_struct_conf.end_label_asym_id 
_struct_conf.end_label_seq_id 
_struct_conf.pdbx_end_PDB_ins_code 
_struct_conf.beg_auth_comp_id 
_struct_conf.beg_auth_asym_id 
_struct_conf.beg_auth_seq_id 
_struct_conf.end_auth_comp_id 
_struct_conf.end_auth_asym_id 
_struct_conf.end_auth_seq_id 
_struct_conf.pdbx_PDB_helix_class 
_struct_conf.details 
_struct_conf.pdbx_PDB_helix_length 
HELX_P HELX_P1 1 THR C 8  ? LYS C 22 ? THR A 109 LYS A 123 1 ? 15 
HELX_P HELX_P2 2 SER C 26 ? LEU C 37 ? SER A 127 LEU A 138 1 ? 12 
HELX_P HELX_P3 3 THR C 40 ? LEU C 58 ? THR A 141 LEU A 159 1 ? 19 
# 
_struct_conf_type.id          HELX_P 
_struct_conf_type.criteria    ? 
_struct_conf_type.reference   ? 
# 
loop_
_struct_conn.id 
_struct_conn.conn_type_id 
_struct_conn.pdbx_leaving_atom_flag 
_struct_conn.pdbx_PDB_id 
_struct_conn.ptnr1_label_asym_id 
_struct_conn.ptnr1_label_comp_id 
_struct_conn.ptnr1_label_seq_id 
_struct_conn.ptnr1_label_atom_id 
_struct_conn.pdbx_ptnr1_label_alt_id 
_struct_conn.pdbx_ptnr1_PDB_ins_code 
_struct_conn.pdbx_ptnr1_standard_comp_id 
_struct_conn.ptnr1_symmetry 
_struct_conn.ptnr2_label_asym_id 
_struct_conn.ptnr2_label_comp_id 
_struct_conn.ptnr2_label_seq_id 
_struct_conn.ptnr2_label_atom_id 
_struct_conn.pdbx_ptnr2_label_alt_id 
_struct_conn.pdbx_ptnr2_PDB_ins_code 
_struct_conn.ptnr1_auth_asym_id 
_struct_conn.ptnr1_auth_comp_id 
_struct_conn.ptnr1_auth_seq_id 
_struct_conn.ptnr2_auth_asym_id 
_struct_conn.ptnr2_auth_comp_id 
_struct_conn.ptnr2_auth_seq_id 
_struct_conn.ptnr2_symmetry 
_struct_conn.pdbx_ptnr3_label_atom_id 
_struct_conn.pdbx_ptnr3_label_seq_id 
_struct_conn.pdbx_ptnr3_label_comp_id 
_struct_conn.pdbx_ptnr3_label_asym_id 
_struct_conn.pdbx_ptnr3_label_alt_id 
_struct_conn.pdbx_ptnr3_PDB_ins_code 
_struct_conn.details 
_struct_conn.pdbx_dist_value 
_struct_conn.pdbx_value_order 
_struct_conn.pdbx_role 
hydrog1  hydrog ? ? A DC 1  N3 ? ? ? 1_555 B DG 14 N1 ? ? B DC 4  C DG 30 1_555 ? ? ? ? ? ? WATSON-CRICK ? ? ? 
hydrog2  hydrog ? ? A DC 1  N4 ? ? ? 1_555 B DG 14 O6 ? ? B DC 4  C DG 30 1_555 ? ? ? ? ? ? WATSON-CRICK ? ? ? 
hydrog3  hydrog ? ? A DC 1  O2 ? ? ? 1_555 B DG 14 N2 ? ? B DC 4  C DG 30 1_555 ? ? ? ? ? ? WATSON-CRICK ? ? ? 
hydrog4  hydrog ? ? A DA 2  N1 ? ? ? 1_555 B DT 13 N3 ? ? B DA 5  C DT 29 1_555 ? ? ? ? ? ? WATSON-CRICK ? ? ? 
hydrog5  hydrog ? ? A DA 2  N6 ? ? ? 1_555 B DT 13 O4 ? ? B DA 5  C DT 29 1_555 ? ? ? ? ? ? WATSON-CRICK ? ? ? 
hydrog6  hydrog ? ? A DC 3  N3 ? ? ? 1_555 B DG 12 N1 ? ? B DC 6  C DG 28 1_555 ? ? ? ? ? ? WATSON-CRICK ? ? ? 
hydrog7  hydrog ? ? A DC 3  N4 ? ? ? 1_555 B DG 12 O6 ? ? B DC 6  C DG 28 1_555 ? ? ? ? ? ? WATSON-CRICK ? ? ? 
hydrog8  hydrog ? ? A DC 3  O2 ? ? ? 1_555 B DG 12 N2 ? ? B DC 6  C DG 28 1_555 ? ? ? ? ? ? WATSON-CRICK ? ? ? 
hydrog9  hydrog ? ? A DT 4  N3 ? ? ? 1_555 B DA 11 N1 ? ? B DT 7  C DA 27 1_555 ? ? ? ? ? ? WATSON-CRICK ? ? ? 
hydrog10 hydrog ? ? A DT 4  O4 ? ? ? 1_555 B DA 11 N6 ? ? B DT 7  C DA 27 1_555 ? ? ? ? ? ? WATSON-CRICK ? ? ? 
hydrog11 hydrog ? ? A DA 5  N1 ? ? ? 1_555 B DT 10 N3 ? ? B DA 8  C DT 26 1_555 ? ? ? ? ? ? WATSON-CRICK ? ? ? 
hydrog12 hydrog ? ? A DA 5  N6 ? ? ? 1_555 B DT 10 O4 ? ? B DA 8  C DT 26 1_555 ? ? ? ? ? ? WATSON-CRICK ? ? ? 
hydrog13 hydrog ? ? A DA 6  N1 ? ? ? 1_555 B DT 9  N3 ? ? B DA 9  C DT 25 1_555 ? ? ? ? ? ? WATSON-CRICK ? ? ? 
hydrog14 hydrog ? ? A DA 6  N6 ? ? ? 1_555 B DT 9  O4 ? ? B DA 9  C DT 25 1_555 ? ? ? ? ? ? WATSON-CRICK ? ? ? 
hydrog15 hydrog ? ? A DT 7  N3 ? ? ? 1_555 B DA 8  N1 ? ? B DT 10 C DA 24 1_555 ? ? ? ? ? ? WATSON-CRICK ? ? ? 
hydrog16 hydrog ? ? A DT 7  O4 ? ? ? 1_555 B DA 8  N6 ? ? B DT 10 C DA 24 1_555 ? ? ? ? ? ? WATSON-CRICK ? ? ? 
hydrog17 hydrog ? ? A DT 8  N3 ? ? ? 1_555 B DA 7  N1 ? ? B DT 11 C DA 23 1_555 ? ? ? ? ? ? WATSON-CRICK ? ? ? 
hydrog18 hydrog ? ? A DT 8  O4 ? ? ? 1_555 B DA 7  N6 ? ? B DT 11 C DA 23 1_555 ? ? ? ? ? ? WATSON-CRICK ? ? ? 
hydrog19 hydrog ? ? A DG 9  N1 ? ? ? 1_555 B DC 6  N3 ? ? B DG 12 C DC 22 1_555 ? ? ? ? ? ? WATSON-CRICK ? ? ? 
hydrog20 hydrog ? ? A DG 9  N2 ? ? ? 1_555 B DC 6  O2 ? ? B DG 12 C DC 22 1_555 ? ? ? ? ? ? WATSON-CRICK ? ? ? 
hydrog21 hydrog ? ? A DG 9  O6 ? ? ? 1_555 B DC 6  N4 ? ? B DG 12 C DC 22 1_555 ? ? ? ? ? ? WATSON-CRICK ? ? ? 
hydrog22 hydrog ? ? A DA 10 N1 ? ? ? 1_555 B DT 5  N3 ? ? B DA 13 C DT 21 1_555 ? ? ? ? ? ? WATSON-CRICK ? ? ? 
hydrog23 hydrog ? ? A DA 10 N6 ? ? ? 1_555 B DT 5  O4 ? ? B DA 13 C DT 21 1_555 ? ? ? ? ? ? WATSON-CRICK ? ? ? 
hydrog24 hydrog ? ? A DA 11 N1 ? ? ? 1_555 B DT 4  N3 ? ? B DA 14 C DT 20 1_555 ? ? ? ? ? ? WATSON-CRICK ? ? ? 
hydrog25 hydrog ? ? A DA 11 N6 ? ? ? 1_555 B DT 4  O4 ? ? B DA 14 C DT 20 1_555 ? ? ? ? ? ? WATSON-CRICK ? ? ? 
hydrog26 hydrog ? ? A DG 12 N1 ? ? ? 1_555 B DC 3  N3 ? ? B DG 15 C DC 19 1_555 ? ? ? ? ? ? WATSON-CRICK ? ? ? 
hydrog27 hydrog ? ? A DG 12 N2 ? ? ? 1_555 B DC 3  O2 ? ? B DG 15 C DC 19 1_555 ? ? ? ? ? ? WATSON-CRICK ? ? ? 
hydrog28 hydrog ? ? A DG 12 O6 ? ? ? 1_555 B DC 3  N4 ? ? B DG 15 C DC 19 1_555 ? ? ? ? ? ? WATSON-CRICK ? ? ? 
hydrog29 hydrog ? ? A DG 13 N1 ? ? ? 1_555 B DC 2  N3 ? ? B DG 16 C DC 18 1_555 ? ? ? ? ? ? WATSON-CRICK ? ? ? 
hydrog30 hydrog ? ? A DG 13 N2 ? ? ? 1_555 B DC 2  O2 ? ? B DG 16 C DC 18 1_555 ? ? ? ? ? ? WATSON-CRICK ? ? ? 
hydrog31 hydrog ? ? A DG 13 O6 ? ? ? 1_555 B DC 2  N4 ? ? B DG 16 C DC 18 1_555 ? ? ? ? ? ? WATSON-CRICK ? ? ? 
# 
_struct_conn_type.id          hydrog 
_struct_conn_type.criteria    ? 
_struct_conn_type.reference   ? 
# 
loop_
_pdbx_validate_close_contact.id 
_pdbx_validate_close_contact.PDB_model_num 
_pdbx_validate_close_contact.auth_atom_id_1 
_pdbx_validate_close_contact.auth_asym_id_1 
_pdbx_validate_close_contact.auth_comp_id_1 
_pdbx_validate_close_contact.auth_seq_id_1 
_pdbx_validate_close_contact.PDB_ins_code_1 
_pdbx_validate_close_contact.label_alt_id_1 
_pdbx_validate_close_contact.auth_atom_id_2 
_pdbx_validate_close_contact.auth_asym_id_2 
_pdbx_validate_close_contact.auth_comp_id_2 
_pdbx_validate_close_contact.auth_seq_id_2 
_pdbx_validate_close_contact.PDB_ins_code_2 
_pdbx_validate_close_contact.label_alt_id_2 
_pdbx_validate_close_contact.dist 
1 1 O     C HOH 169 ? ? O C HOH 330 ? ? 1.99 
2 1 OP2   C DT  25  ? ? O C HOH 240 ? ? 2.14 
3 1 "C4'" C DC  32  ? ? O C HOH 378 ? ? 2.16 
# 
loop_
_pdbx_validate_rmsd_bond.id 
_pdbx_validate_rmsd_bond.PDB_model_num 
_pdbx_validate_rmsd_bond.auth_atom_id_1 
_pdbx_validate_rmsd_bond.auth_asym_id_1 
_pdbx_validate_rmsd_bond.auth_comp_id_1 
_pdbx_validate_rmsd_bond.auth_seq_id_1 
_pdbx_validate_rmsd_bond.PDB_ins_code_1 
_pdbx_validate_rmsd_bond.label_alt_id_1 
_pdbx_validate_rmsd_bond.auth_atom_id_2 
_pdbx_validate_rmsd_bond.auth_asym_id_2 
_pdbx_validate_rmsd_bond.auth_comp_id_2 
_pdbx_validate_rmsd_bond.auth_seq_id_2 
_pdbx_validate_rmsd_bond.PDB_ins_code_2 
_pdbx_validate_rmsd_bond.label_alt_id_2 
_pdbx_validate_rmsd_bond.bond_value 
_pdbx_validate_rmsd_bond.bond_target_value 
_pdbx_validate_rmsd_bond.bond_deviation 
_pdbx_validate_rmsd_bond.bond_standard_deviation 
_pdbx_validate_rmsd_bond.linker_flag 
1 1 C2    B DT  10  ? ? O2    B DT  10  ? ? 1.144 1.220 -0.076 0.008 N 
2 1 "O3'" B DG  12  ? ? "C3'" B DG  12  ? ? 1.383 1.419 -0.036 0.006 N 
3 1 C2    B DG  16  ? ? N3    B DG  16  ? ? 1.374 1.323 0.051  0.008 N 
4 1 "O3'" C DC  19  ? ? "C3'" C DC  19  ? ? 1.381 1.419 -0.038 0.006 N 
5 1 "O3'" C DT  21  ? ? "C3'" C DT  21  ? ? 1.377 1.419 -0.042 0.006 N 
6 1 C5    C DA  24  ? ? C6    C DA  24  ? ? 1.461 1.406 0.055  0.009 N 
7 1 CB    A GLU 133 ? ? CG    A GLU 133 ? ? 1.382 1.517 -0.135 0.019 N 
# 
loop_
_pdbx_validate_rmsd_angle.id 
_pdbx_validate_rmsd_angle.PDB_model_num 
_pdbx_validate_rmsd_angle.auth_atom_id_1 
_pdbx_validate_rmsd_angle.auth_asym_id_1 
_pdbx_validate_rmsd_angle.auth_comp_id_1 
_pdbx_validate_rmsd_angle.auth_seq_id_1 
_pdbx_validate_rmsd_angle.PDB_ins_code_1 
_pdbx_validate_rmsd_angle.label_alt_id_1 
_pdbx_validate_rmsd_angle.auth_atom_id_2 
_pdbx_validate_rmsd_angle.auth_asym_id_2 
_pdbx_validate_rmsd_angle.auth_comp_id_2 
_pdbx_validate_rmsd_angle.auth_seq_id_2 
_pdbx_validate_rmsd_angle.PDB_ins_code_2 
_pdbx_validate_rmsd_angle.label_alt_id_2 
_pdbx_validate_rmsd_angle.auth_atom_id_3 
_pdbx_validate_rmsd_angle.auth_asym_id_3 
_pdbx_validate_rmsd_angle.auth_comp_id_3 
_pdbx_validate_rmsd_angle.auth_seq_id_3 
_pdbx_validate_rmsd_angle.PDB_ins_code_3 
_pdbx_validate_rmsd_angle.label_alt_id_3 
_pdbx_validate_rmsd_angle.angle_value 
_pdbx_validate_rmsd_angle.angle_target_value 
_pdbx_validate_rmsd_angle.angle_deviation 
_pdbx_validate_rmsd_angle.angle_standard_deviation 
_pdbx_validate_rmsd_angle.linker_flag 
1  1 "O5'" B DA  9   ? ? P     B DA  9   ? ? OP2   B DA  9   ? ? 99.90  105.70 -5.80  0.90 N 
2  1 "C3'" B DG  12  ? ? "C2'" B DG  12  ? ? "C1'" B DG  12  ? ? 96.90  102.40 -5.50  0.80 N 
3  1 "O5'" C DT  17  ? ? P     C DT  17  ? ? OP1   C DT  17  ? ? 94.91  105.70 -10.79 0.90 N 
4  1 "O3'" C DT  29  ? ? P     C DG  30  ? ? OP2   C DG  30  ? ? 118.07 110.50 7.57   1.10 Y 
5  1 "O4'" C DG  30  ? ? "C1'" C DG  30  ? ? N9    C DG  30  ? ? 110.36 108.30 2.06   0.30 N 
6  1 "C5'" C DA  31  ? ? "C4'" C DA  31  ? ? "C3'" C DA  31  ? ? 102.96 114.10 -11.14 1.80 N 
7  1 NE    A ARG 118 ? ? CZ    A ARG 118 ? ? NH2   A ARG 118 ? ? 116.85 120.30 -3.45  0.50 N 
8  1 CG    A ARG 153 ? ? CD    A ARG 153 ? ? NE    A ARG 153 ? ? 98.59  111.80 -13.21 2.10 N 
9  1 CD    A ARG 153 ? ? NE    A ARG 153 ? ? CZ    A ARG 153 ? ? 132.17 123.60 8.57   1.40 N 
10 1 NE    A ARG 153 ? ? CZ    A ARG 153 ? ? NH1   A ARG 153 ? ? 126.07 120.30 5.77   0.50 N 
11 1 NE    A ARG 153 ? ? CZ    A ARG 153 ? ? NH2   A ARG 153 ? ? 110.42 120.30 -9.88  0.50 N 
# 
loop_
_pdbx_validate_planes.id 
_pdbx_validate_planes.PDB_model_num 
_pdbx_validate_planes.auth_comp_id 
_pdbx_validate_planes.auth_asym_id 
_pdbx_validate_planes.auth_seq_id 
_pdbx_validate_planes.PDB_ins_code 
_pdbx_validate_planes.label_alt_id 
_pdbx_validate_planes.rmsd 
_pdbx_validate_planes.type 
1 1 DT C 17 ? ? 0.071 'SIDE CHAIN' 
2 1 DC C 18 ? ? 0.079 'SIDE CHAIN' 
3 1 DC C 19 ? ? 0.108 'SIDE CHAIN' 
# 
loop_
_chem_comp_atom.comp_id 
_chem_comp_atom.atom_id 
_chem_comp_atom.type_symbol 
_chem_comp_atom.pdbx_aromatic_flag 
_chem_comp_atom.pdbx_stereo_config 
_chem_comp_atom.pdbx_ordinal 
ALA N      N N N 1   
ALA CA     C N S 2   
ALA C      C N N 3   
ALA O      O N N 4   
ALA CB     C N N 5   
ALA OXT    O N N 6   
ALA H      H N N 7   
ALA H2     H N N 8   
ALA HA     H N N 9   
ALA HB1    H N N 10  
ALA HB2    H N N 11  
ALA HB3    H N N 12  
ALA HXT    H N N 13  
ARG N      N N N 14  
ARG CA     C N S 15  
ARG C      C N N 16  
ARG O      O N N 17  
ARG CB     C N N 18  
ARG CG     C N N 19  
ARG CD     C N N 20  
ARG NE     N N N 21  
ARG CZ     C N N 22  
ARG NH1    N N N 23  
ARG NH2    N N N 24  
ARG OXT    O N N 25  
ARG H      H N N 26  
ARG H2     H N N 27  
ARG HA     H N N 28  
ARG HB2    H N N 29  
ARG HB3    H N N 30  
ARG HG2    H N N 31  
ARG HG3    H N N 32  
ARG HD2    H N N 33  
ARG HD3    H N N 34  
ARG HE     H N N 35  
ARG HH11   H N N 36  
ARG HH12   H N N 37  
ARG HH21   H N N 38  
ARG HH22   H N N 39  
ARG HXT    H N N 40  
ASN N      N N N 41  
ASN CA     C N S 42  
ASN C      C N N 43  
ASN O      O N N 44  
ASN CB     C N N 45  
ASN CG     C N N 46  
ASN OD1    O N N 47  
ASN ND2    N N N 48  
ASN OXT    O N N 49  
ASN H      H N N 50  
ASN H2     H N N 51  
ASN HA     H N N 52  
ASN HB2    H N N 53  
ASN HB3    H N N 54  
ASN HD21   H N N 55  
ASN HD22   H N N 56  
ASN HXT    H N N 57  
DA  OP3    O N N 58  
DA  P      P N N 59  
DA  OP1    O N N 60  
DA  OP2    O N N 61  
DA  "O5'"  O N N 62  
DA  "C5'"  C N N 63  
DA  "C4'"  C N R 64  
DA  "O4'"  O N N 65  
DA  "C3'"  C N S 66  
DA  "O3'"  O N N 67  
DA  "C2'"  C N N 68  
DA  "C1'"  C N R 69  
DA  N9     N Y N 70  
DA  C8     C Y N 71  
DA  N7     N Y N 72  
DA  C5     C Y N 73  
DA  C6     C Y N 74  
DA  N6     N N N 75  
DA  N1     N Y N 76  
DA  C2     C Y N 77  
DA  N3     N Y N 78  
DA  C4     C Y N 79  
DA  HOP3   H N N 80  
DA  HOP2   H N N 81  
DA  "H5'"  H N N 82  
DA  "H5''" H N N 83  
DA  "H4'"  H N N 84  
DA  "H3'"  H N N 85  
DA  "HO3'" H N N 86  
DA  "H2'"  H N N 87  
DA  "H2''" H N N 88  
DA  "H1'"  H N N 89  
DA  H8     H N N 90  
DA  H61    H N N 91  
DA  H62    H N N 92  
DA  H2     H N N 93  
DC  OP3    O N N 94  
DC  P      P N N 95  
DC  OP1    O N N 96  
DC  OP2    O N N 97  
DC  "O5'"  O N N 98  
DC  "C5'"  C N N 99  
DC  "C4'"  C N R 100 
DC  "O4'"  O N N 101 
DC  "C3'"  C N S 102 
DC  "O3'"  O N N 103 
DC  "C2'"  C N N 104 
DC  "C1'"  C N R 105 
DC  N1     N N N 106 
DC  C2     C N N 107 
DC  O2     O N N 108 
DC  N3     N N N 109 
DC  C4     C N N 110 
DC  N4     N N N 111 
DC  C5     C N N 112 
DC  C6     C N N 113 
DC  HOP3   H N N 114 
DC  HOP2   H N N 115 
DC  "H5'"  H N N 116 
DC  "H5''" H N N 117 
DC  "H4'"  H N N 118 
DC  "H3'"  H N N 119 
DC  "HO3'" H N N 120 
DC  "H2'"  H N N 121 
DC  "H2''" H N N 122 
DC  "H1'"  H N N 123 
DC  H41    H N N 124 
DC  H42    H N N 125 
DC  H5     H N N 126 
DC  H6     H N N 127 
DG  OP3    O N N 128 
DG  P      P N N 129 
DG  OP1    O N N 130 
DG  OP2    O N N 131 
DG  "O5'"  O N N 132 
DG  "C5'"  C N N 133 
DG  "C4'"  C N R 134 
DG  "O4'"  O N N 135 
DG  "C3'"  C N S 136 
DG  "O3'"  O N N 137 
DG  "C2'"  C N N 138 
DG  "C1'"  C N R 139 
DG  N9     N Y N 140 
DG  C8     C Y N 141 
DG  N7     N Y N 142 
DG  C5     C Y N 143 
DG  C6     C N N 144 
DG  O6     O N N 145 
DG  N1     N N N 146 
DG  C2     C N N 147 
DG  N2     N N N 148 
DG  N3     N N N 149 
DG  C4     C Y N 150 
DG  HOP3   H N N 151 
DG  HOP2   H N N 152 
DG  "H5'"  H N N 153 
DG  "H5''" H N N 154 
DG  "H4'"  H N N 155 
DG  "H3'"  H N N 156 
DG  "HO3'" H N N 157 
DG  "H2'"  H N N 158 
DG  "H2''" H N N 159 
DG  "H1'"  H N N 160 
DG  H8     H N N 161 
DG  H1     H N N 162 
DG  H21    H N N 163 
DG  H22    H N N 164 
DT  OP3    O N N 165 
DT  P      P N N 166 
DT  OP1    O N N 167 
DT  OP2    O N N 168 
DT  "O5'"  O N N 169 
DT  "C5'"  C N N 170 
DT  "C4'"  C N R 171 
DT  "O4'"  O N N 172 
DT  "C3'"  C N S 173 
DT  "O3'"  O N N 174 
DT  "C2'"  C N N 175 
DT  "C1'"  C N R 176 
DT  N1     N N N 177 
DT  C2     C N N 178 
DT  O2     O N N 179 
DT  N3     N N N 180 
DT  C4     C N N 181 
DT  O4     O N N 182 
DT  C5     C N N 183 
DT  C7     C N N 184 
DT  C6     C N N 185 
DT  HOP3   H N N 186 
DT  HOP2   H N N 187 
DT  "H5'"  H N N 188 
DT  "H5''" H N N 189 
DT  "H4'"  H N N 190 
DT  "H3'"  H N N 191 
DT  "HO3'" H N N 192 
DT  "H2'"  H N N 193 
DT  "H2''" H N N 194 
DT  "H1'"  H N N 195 
DT  H3     H N N 196 
DT  H71    H N N 197 
DT  H72    H N N 198 
DT  H73    H N N 199 
DT  H6     H N N 200 
GLN N      N N N 201 
GLN CA     C N S 202 
GLN C      C N N 203 
GLN O      O N N 204 
GLN CB     C N N 205 
GLN CG     C N N 206 
GLN CD     C N N 207 
GLN OE1    O N N 208 
GLN NE2    N N N 209 
GLN OXT    O N N 210 
GLN H      H N N 211 
GLN H2     H N N 212 
GLN HA     H N N 213 
GLN HB2    H N N 214 
GLN HB3    H N N 215 
GLN HG2    H N N 216 
GLN HG3    H N N 217 
GLN HE21   H N N 218 
GLN HE22   H N N 219 
GLN HXT    H N N 220 
GLU N      N N N 221 
GLU CA     C N S 222 
GLU C      C N N 223 
GLU O      O N N 224 
GLU CB     C N N 225 
GLU CG     C N N 226 
GLU CD     C N N 227 
GLU OE1    O N N 228 
GLU OE2    O N N 229 
GLU OXT    O N N 230 
GLU H      H N N 231 
GLU H2     H N N 232 
GLU HA     H N N 233 
GLU HB2    H N N 234 
GLU HB3    H N N 235 
GLU HG2    H N N 236 
GLU HG3    H N N 237 
GLU HE2    H N N 238 
GLU HXT    H N N 239 
HOH O      O N N 240 
HOH H1     H N N 241 
HOH H2     H N N 242 
ILE N      N N N 243 
ILE CA     C N S 244 
ILE C      C N N 245 
ILE O      O N N 246 
ILE CB     C N S 247 
ILE CG1    C N N 248 
ILE CG2    C N N 249 
ILE CD1    C N N 250 
ILE OXT    O N N 251 
ILE H      H N N 252 
ILE H2     H N N 253 
ILE HA     H N N 254 
ILE HB     H N N 255 
ILE HG12   H N N 256 
ILE HG13   H N N 257 
ILE HG21   H N N 258 
ILE HG22   H N N 259 
ILE HG23   H N N 260 
ILE HD11   H N N 261 
ILE HD12   H N N 262 
ILE HD13   H N N 263 
ILE HXT    H N N 264 
LEU N      N N N 265 
LEU CA     C N S 266 
LEU C      C N N 267 
LEU O      O N N 268 
LEU CB     C N N 269 
LEU CG     C N N 270 
LEU CD1    C N N 271 
LEU CD2    C N N 272 
LEU OXT    O N N 273 
LEU H      H N N 274 
LEU H2     H N N 275 
LEU HA     H N N 276 
LEU HB2    H N N 277 
LEU HB3    H N N 278 
LEU HG     H N N 279 
LEU HD11   H N N 280 
LEU HD12   H N N 281 
LEU HD13   H N N 282 
LEU HD21   H N N 283 
LEU HD22   H N N 284 
LEU HD23   H N N 285 
LEU HXT    H N N 286 
LYS N      N N N 287 
LYS CA     C N S 288 
LYS C      C N N 289 
LYS O      O N N 290 
LYS CB     C N N 291 
LYS CG     C N N 292 
LYS CD     C N N 293 
LYS CE     C N N 294 
LYS NZ     N N N 295 
LYS OXT    O N N 296 
LYS H      H N N 297 
LYS H2     H N N 298 
LYS HA     H N N 299 
LYS HB2    H N N 300 
LYS HB3    H N N 301 
LYS HG2    H N N 302 
LYS HG3    H N N 303 
LYS HD2    H N N 304 
LYS HD3    H N N 305 
LYS HE2    H N N 306 
LYS HE3    H N N 307 
LYS HZ1    H N N 308 
LYS HZ2    H N N 309 
LYS HZ3    H N N 310 
LYS HXT    H N N 311 
PHE N      N N N 312 
PHE CA     C N S 313 
PHE C      C N N 314 
PHE O      O N N 315 
PHE CB     C N N 316 
PHE CG     C Y N 317 
PHE CD1    C Y N 318 
PHE CD2    C Y N 319 
PHE CE1    C Y N 320 
PHE CE2    C Y N 321 
PHE CZ     C Y N 322 
PHE OXT    O N N 323 
PHE H      H N N 324 
PHE H2     H N N 325 
PHE HA     H N N 326 
PHE HB2    H N N 327 
PHE HB3    H N N 328 
PHE HD1    H N N 329 
PHE HD2    H N N 330 
PHE HE1    H N N 331 
PHE HE2    H N N 332 
PHE HZ     H N N 333 
PHE HXT    H N N 334 
PRO N      N N N 335 
PRO CA     C N S 336 
PRO C      C N N 337 
PRO O      O N N 338 
PRO CB     C N N 339 
PRO CG     C N N 340 
PRO CD     C N N 341 
PRO OXT    O N N 342 
PRO H      H N N 343 
PRO HA     H N N 344 
PRO HB2    H N N 345 
PRO HB3    H N N 346 
PRO HG2    H N N 347 
PRO HG3    H N N 348 
PRO HD2    H N N 349 
PRO HD3    H N N 350 
PRO HXT    H N N 351 
SER N      N N N 352 
SER CA     C N S 353 
SER C      C N N 354 
SER O      O N N 355 
SER CB     C N N 356 
SER OG     O N N 357 
SER OXT    O N N 358 
SER H      H N N 359 
SER H2     H N N 360 
SER HA     H N N 361 
SER HB2    H N N 362 
SER HB3    H N N 363 
SER HG     H N N 364 
SER HXT    H N N 365 
THR N      N N N 366 
THR CA     C N S 367 
THR C      C N N 368 
THR O      O N N 369 
THR CB     C N R 370 
THR OG1    O N N 371 
THR CG2    C N N 372 
THR OXT    O N N 373 
THR H      H N N 374 
THR H2     H N N 375 
THR HA     H N N 376 
THR HB     H N N 377 
THR HG1    H N N 378 
THR HG21   H N N 379 
THR HG22   H N N 380 
THR HG23   H N N 381 
THR HXT    H N N 382 
TRP N      N N N 383 
TRP CA     C N S 384 
TRP C      C N N 385 
TRP O      O N N 386 
TRP CB     C N N 387 
TRP CG     C Y N 388 
TRP CD1    C Y N 389 
TRP CD2    C Y N 390 
TRP NE1    N Y N 391 
TRP CE2    C Y N 392 
TRP CE3    C Y N 393 
TRP CZ2    C Y N 394 
TRP CZ3    C Y N 395 
TRP CH2    C Y N 396 
TRP OXT    O N N 397 
TRP H      H N N 398 
TRP H2     H N N 399 
TRP HA     H N N 400 
TRP HB2    H N N 401 
TRP HB3    H N N 402 
TRP HD1    H N N 403 
TRP HE1    H N N 404 
TRP HE3    H N N 405 
TRP HZ2    H N N 406 
TRP HZ3    H N N 407 
TRP HH2    H N N 408 
TRP HXT    H N N 409 
TYR N      N N N 410 
TYR CA     C N S 411 
TYR C      C N N 412 
TYR O      O N N 413 
TYR CB     C N N 414 
TYR CG     C Y N 415 
TYR CD1    C Y N 416 
TYR CD2    C Y N 417 
TYR CE1    C Y N 418 
TYR CE2    C Y N 419 
TYR CZ     C Y N 420 
TYR OH     O N N 421 
TYR OXT    O N N 422 
TYR H      H N N 423 
TYR H2     H N N 424 
TYR HA     H N N 425 
TYR HB2    H N N 426 
TYR HB3    H N N 427 
TYR HD1    H N N 428 
TYR HD2    H N N 429 
TYR HE1    H N N 430 
TYR HE2    H N N 431 
TYR HH     H N N 432 
TYR HXT    H N N 433 
VAL N      N N N 434 
VAL CA     C N S 435 
VAL C      C N N 436 
VAL O      O N N 437 
VAL CB     C N N 438 
VAL CG1    C N N 439 
VAL CG2    C N N 440 
VAL OXT    O N N 441 
VAL H      H N N 442 
VAL H2     H N N 443 
VAL HA     H N N 444 
VAL HB     H N N 445 
VAL HG11   H N N 446 
VAL HG12   H N N 447 
VAL HG13   H N N 448 
VAL HG21   H N N 449 
VAL HG22   H N N 450 
VAL HG23   H N N 451 
VAL HXT    H N N 452 
# 
loop_
_chem_comp_bond.comp_id 
_chem_comp_bond.atom_id_1 
_chem_comp_bond.atom_id_2 
_chem_comp_bond.value_order 
_chem_comp_bond.pdbx_aromatic_flag 
_chem_comp_bond.pdbx_stereo_config 
_chem_comp_bond.pdbx_ordinal 
ALA N     CA     sing N N 1   
ALA N     H      sing N N 2   
ALA N     H2     sing N N 3   
ALA CA    C      sing N N 4   
ALA CA    CB     sing N N 5   
ALA CA    HA     sing N N 6   
ALA C     O      doub N N 7   
ALA C     OXT    sing N N 8   
ALA CB    HB1    sing N N 9   
ALA CB    HB2    sing N N 10  
ALA CB    HB3    sing N N 11  
ALA OXT   HXT    sing N N 12  
ARG N     CA     sing N N 13  
ARG N     H      sing N N 14  
ARG N     H2     sing N N 15  
ARG CA    C      sing N N 16  
ARG CA    CB     sing N N 17  
ARG CA    HA     sing N N 18  
ARG C     O      doub N N 19  
ARG C     OXT    sing N N 20  
ARG CB    CG     sing N N 21  
ARG CB    HB2    sing N N 22  
ARG CB    HB3    sing N N 23  
ARG CG    CD     sing N N 24  
ARG CG    HG2    sing N N 25  
ARG CG    HG3    sing N N 26  
ARG CD    NE     sing N N 27  
ARG CD    HD2    sing N N 28  
ARG CD    HD3    sing N N 29  
ARG NE    CZ     sing N N 30  
ARG NE    HE     sing N N 31  
ARG CZ    NH1    sing N N 32  
ARG CZ    NH2    doub N N 33  
ARG NH1   HH11   sing N N 34  
ARG NH1   HH12   sing N N 35  
ARG NH2   HH21   sing N N 36  
ARG NH2   HH22   sing N N 37  
ARG OXT   HXT    sing N N 38  
ASN N     CA     sing N N 39  
ASN N     H      sing N N 40  
ASN N     H2     sing N N 41  
ASN CA    C      sing N N 42  
ASN CA    CB     sing N N 43  
ASN CA    HA     sing N N 44  
ASN C     O      doub N N 45  
ASN C     OXT    sing N N 46  
ASN CB    CG     sing N N 47  
ASN CB    HB2    sing N N 48  
ASN CB    HB3    sing N N 49  
ASN CG    OD1    doub N N 50  
ASN CG    ND2    sing N N 51  
ASN ND2   HD21   sing N N 52  
ASN ND2   HD22   sing N N 53  
ASN OXT   HXT    sing N N 54  
DA  OP3   P      sing N N 55  
DA  OP3   HOP3   sing N N 56  
DA  P     OP1    doub N N 57  
DA  P     OP2    sing N N 58  
DA  P     "O5'"  sing N N 59  
DA  OP2   HOP2   sing N N 60  
DA  "O5'" "C5'"  sing N N 61  
DA  "C5'" "C4'"  sing N N 62  
DA  "C5'" "H5'"  sing N N 63  
DA  "C5'" "H5''" sing N N 64  
DA  "C4'" "O4'"  sing N N 65  
DA  "C4'" "C3'"  sing N N 66  
DA  "C4'" "H4'"  sing N N 67  
DA  "O4'" "C1'"  sing N N 68  
DA  "C3'" "O3'"  sing N N 69  
DA  "C3'" "C2'"  sing N N 70  
DA  "C3'" "H3'"  sing N N 71  
DA  "O3'" "HO3'" sing N N 72  
DA  "C2'" "C1'"  sing N N 73  
DA  "C2'" "H2'"  sing N N 74  
DA  "C2'" "H2''" sing N N 75  
DA  "C1'" N9     sing N N 76  
DA  "C1'" "H1'"  sing N N 77  
DA  N9    C8     sing Y N 78  
DA  N9    C4     sing Y N 79  
DA  C8    N7     doub Y N 80  
DA  C8    H8     sing N N 81  
DA  N7    C5     sing Y N 82  
DA  C5    C6     sing Y N 83  
DA  C5    C4     doub Y N 84  
DA  C6    N6     sing N N 85  
DA  C6    N1     doub Y N 86  
DA  N6    H61    sing N N 87  
DA  N6    H62    sing N N 88  
DA  N1    C2     sing Y N 89  
DA  C2    N3     doub Y N 90  
DA  C2    H2     sing N N 91  
DA  N3    C4     sing Y N 92  
DC  OP3   P      sing N N 93  
DC  OP3   HOP3   sing N N 94  
DC  P     OP1    doub N N 95  
DC  P     OP2    sing N N 96  
DC  P     "O5'"  sing N N 97  
DC  OP2   HOP2   sing N N 98  
DC  "O5'" "C5'"  sing N N 99  
DC  "C5'" "C4'"  sing N N 100 
DC  "C5'" "H5'"  sing N N 101 
DC  "C5'" "H5''" sing N N 102 
DC  "C4'" "O4'"  sing N N 103 
DC  "C4'" "C3'"  sing N N 104 
DC  "C4'" "H4'"  sing N N 105 
DC  "O4'" "C1'"  sing N N 106 
DC  "C3'" "O3'"  sing N N 107 
DC  "C3'" "C2'"  sing N N 108 
DC  "C3'" "H3'"  sing N N 109 
DC  "O3'" "HO3'" sing N N 110 
DC  "C2'" "C1'"  sing N N 111 
DC  "C2'" "H2'"  sing N N 112 
DC  "C2'" "H2''" sing N N 113 
DC  "C1'" N1     sing N N 114 
DC  "C1'" "H1'"  sing N N 115 
DC  N1    C2     sing N N 116 
DC  N1    C6     sing N N 117 
DC  C2    O2     doub N N 118 
DC  C2    N3     sing N N 119 
DC  N3    C4     doub N N 120 
DC  C4    N4     sing N N 121 
DC  C4    C5     sing N N 122 
DC  N4    H41    sing N N 123 
DC  N4    H42    sing N N 124 
DC  C5    C6     doub N N 125 
DC  C5    H5     sing N N 126 
DC  C6    H6     sing N N 127 
DG  OP3   P      sing N N 128 
DG  OP3   HOP3   sing N N 129 
DG  P     OP1    doub N N 130 
DG  P     OP2    sing N N 131 
DG  P     "O5'"  sing N N 132 
DG  OP2   HOP2   sing N N 133 
DG  "O5'" "C5'"  sing N N 134 
DG  "C5'" "C4'"  sing N N 135 
DG  "C5'" "H5'"  sing N N 136 
DG  "C5'" "H5''" sing N N 137 
DG  "C4'" "O4'"  sing N N 138 
DG  "C4'" "C3'"  sing N N 139 
DG  "C4'" "H4'"  sing N N 140 
DG  "O4'" "C1'"  sing N N 141 
DG  "C3'" "O3'"  sing N N 142 
DG  "C3'" "C2'"  sing N N 143 
DG  "C3'" "H3'"  sing N N 144 
DG  "O3'" "HO3'" sing N N 145 
DG  "C2'" "C1'"  sing N N 146 
DG  "C2'" "H2'"  sing N N 147 
DG  "C2'" "H2''" sing N N 148 
DG  "C1'" N9     sing N N 149 
DG  "C1'" "H1'"  sing N N 150 
DG  N9    C8     sing Y N 151 
DG  N9    C4     sing Y N 152 
DG  C8    N7     doub Y N 153 
DG  C8    H8     sing N N 154 
DG  N7    C5     sing Y N 155 
DG  C5    C6     sing N N 156 
DG  C5    C4     doub Y N 157 
DG  C6    O6     doub N N 158 
DG  C6    N1     sing N N 159 
DG  N1    C2     sing N N 160 
DG  N1    H1     sing N N 161 
DG  C2    N2     sing N N 162 
DG  C2    N3     doub N N 163 
DG  N2    H21    sing N N 164 
DG  N2    H22    sing N N 165 
DG  N3    C4     sing N N 166 
DT  OP3   P      sing N N 167 
DT  OP3   HOP3   sing N N 168 
DT  P     OP1    doub N N 169 
DT  P     OP2    sing N N 170 
DT  P     "O5'"  sing N N 171 
DT  OP2   HOP2   sing N N 172 
DT  "O5'" "C5'"  sing N N 173 
DT  "C5'" "C4'"  sing N N 174 
DT  "C5'" "H5'"  sing N N 175 
DT  "C5'" "H5''" sing N N 176 
DT  "C4'" "O4'"  sing N N 177 
DT  "C4'" "C3'"  sing N N 178 
DT  "C4'" "H4'"  sing N N 179 
DT  "O4'" "C1'"  sing N N 180 
DT  "C3'" "O3'"  sing N N 181 
DT  "C3'" "C2'"  sing N N 182 
DT  "C3'" "H3'"  sing N N 183 
DT  "O3'" "HO3'" sing N N 184 
DT  "C2'" "C1'"  sing N N 185 
DT  "C2'" "H2'"  sing N N 186 
DT  "C2'" "H2''" sing N N 187 
DT  "C1'" N1     sing N N 188 
DT  "C1'" "H1'"  sing N N 189 
DT  N1    C2     sing N N 190 
DT  N1    C6     sing N N 191 
DT  C2    O2     doub N N 192 
DT  C2    N3     sing N N 193 
DT  N3    C4     sing N N 194 
DT  N3    H3     sing N N 195 
DT  C4    O4     doub N N 196 
DT  C4    C5     sing N N 197 
DT  C5    C7     sing N N 198 
DT  C5    C6     doub N N 199 
DT  C7    H71    sing N N 200 
DT  C7    H72    sing N N 201 
DT  C7    H73    sing N N 202 
DT  C6    H6     sing N N 203 
GLN N     CA     sing N N 204 
GLN N     H      sing N N 205 
GLN N     H2     sing N N 206 
GLN CA    C      sing N N 207 
GLN CA    CB     sing N N 208 
GLN CA    HA     sing N N 209 
GLN C     O      doub N N 210 
GLN C     OXT    sing N N 211 
GLN CB    CG     sing N N 212 
GLN CB    HB2    sing N N 213 
GLN CB    HB3    sing N N 214 
GLN CG    CD     sing N N 215 
GLN CG    HG2    sing N N 216 
GLN CG    HG3    sing N N 217 
GLN CD    OE1    doub N N 218 
GLN CD    NE2    sing N N 219 
GLN NE2   HE21   sing N N 220 
GLN NE2   HE22   sing N N 221 
GLN OXT   HXT    sing N N 222 
GLU N     CA     sing N N 223 
GLU N     H      sing N N 224 
GLU N     H2     sing N N 225 
GLU CA    C      sing N N 226 
GLU CA    CB     sing N N 227 
GLU CA    HA     sing N N 228 
GLU C     O      doub N N 229 
GLU C     OXT    sing N N 230 
GLU CB    CG     sing N N 231 
GLU CB    HB2    sing N N 232 
GLU CB    HB3    sing N N 233 
GLU CG    CD     sing N N 234 
GLU CG    HG2    sing N N 235 
GLU CG    HG3    sing N N 236 
GLU CD    OE1    doub N N 237 
GLU CD    OE2    sing N N 238 
GLU OE2   HE2    sing N N 239 
GLU OXT   HXT    sing N N 240 
HOH O     H1     sing N N 241 
HOH O     H2     sing N N 242 
ILE N     CA     sing N N 243 
ILE N     H      sing N N 244 
ILE N     H2     sing N N 245 
ILE CA    C      sing N N 246 
ILE CA    CB     sing N N 247 
ILE CA    HA     sing N N 248 
ILE C     O      doub N N 249 
ILE C     OXT    sing N N 250 
ILE CB    CG1    sing N N 251 
ILE CB    CG2    sing N N 252 
ILE CB    HB     sing N N 253 
ILE CG1   CD1    sing N N 254 
ILE CG1   HG12   sing N N 255 
ILE CG1   HG13   sing N N 256 
ILE CG2   HG21   sing N N 257 
ILE CG2   HG22   sing N N 258 
ILE CG2   HG23   sing N N 259 
ILE CD1   HD11   sing N N 260 
ILE CD1   HD12   sing N N 261 
ILE CD1   HD13   sing N N 262 
ILE OXT   HXT    sing N N 263 
LEU N     CA     sing N N 264 
LEU N     H      sing N N 265 
LEU N     H2     sing N N 266 
LEU CA    C      sing N N 267 
LEU CA    CB     sing N N 268 
LEU CA    HA     sing N N 269 
LEU C     O      doub N N 270 
LEU C     OXT    sing N N 271 
LEU CB    CG     sing N N 272 
LEU CB    HB2    sing N N 273 
LEU CB    HB3    sing N N 274 
LEU CG    CD1    sing N N 275 
LEU CG    CD2    sing N N 276 
LEU CG    HG     sing N N 277 
LEU CD1   HD11   sing N N 278 
LEU CD1   HD12   sing N N 279 
LEU CD1   HD13   sing N N 280 
LEU CD2   HD21   sing N N 281 
LEU CD2   HD22   sing N N 282 
LEU CD2   HD23   sing N N 283 
LEU OXT   HXT    sing N N 284 
LYS N     CA     sing N N 285 
LYS N     H      sing N N 286 
LYS N     H2     sing N N 287 
LYS CA    C      sing N N 288 
LYS CA    CB     sing N N 289 
LYS CA    HA     sing N N 290 
LYS C     O      doub N N 291 
LYS C     OXT    sing N N 292 
LYS CB    CG     sing N N 293 
LYS CB    HB2    sing N N 294 
LYS CB    HB3    sing N N 295 
LYS CG    CD     sing N N 296 
LYS CG    HG2    sing N N 297 
LYS CG    HG3    sing N N 298 
LYS CD    CE     sing N N 299 
LYS CD    HD2    sing N N 300 
LYS CD    HD3    sing N N 301 
LYS CE    NZ     sing N N 302 
LYS CE    HE2    sing N N 303 
LYS CE    HE3    sing N N 304 
LYS NZ    HZ1    sing N N 305 
LYS NZ    HZ2    sing N N 306 
LYS NZ    HZ3    sing N N 307 
LYS OXT   HXT    sing N N 308 
PHE N     CA     sing N N 309 
PHE N     H      sing N N 310 
PHE N     H2     sing N N 311 
PHE CA    C      sing N N 312 
PHE CA    CB     sing N N 313 
PHE CA    HA     sing N N 314 
PHE C     O      doub N N 315 
PHE C     OXT    sing N N 316 
PHE CB    CG     sing N N 317 
PHE CB    HB2    sing N N 318 
PHE CB    HB3    sing N N 319 
PHE CG    CD1    doub Y N 320 
PHE CG    CD2    sing Y N 321 
PHE CD1   CE1    sing Y N 322 
PHE CD1   HD1    sing N N 323 
PHE CD2   CE2    doub Y N 324 
PHE CD2   HD2    sing N N 325 
PHE CE1   CZ     doub Y N 326 
PHE CE1   HE1    sing N N 327 
PHE CE2   CZ     sing Y N 328 
PHE CE2   HE2    sing N N 329 
PHE CZ    HZ     sing N N 330 
PHE OXT   HXT    sing N N 331 
PRO N     CA     sing N N 332 
PRO N     CD     sing N N 333 
PRO N     H      sing N N 334 
PRO CA    C      sing N N 335 
PRO CA    CB     sing N N 336 
PRO CA    HA     sing N N 337 
PRO C     O      doub N N 338 
PRO C     OXT    sing N N 339 
PRO CB    CG     sing N N 340 
PRO CB    HB2    sing N N 341 
PRO CB    HB3    sing N N 342 
PRO CG    CD     sing N N 343 
PRO CG    HG2    sing N N 344 
PRO CG    HG3    sing N N 345 
PRO CD    HD2    sing N N 346 
PRO CD    HD3    sing N N 347 
PRO OXT   HXT    sing N N 348 
SER N     CA     sing N N 349 
SER N     H      sing N N 350 
SER N     H2     sing N N 351 
SER CA    C      sing N N 352 
SER CA    CB     sing N N 353 
SER CA    HA     sing N N 354 
SER C     O      doub N N 355 
SER C     OXT    sing N N 356 
SER CB    OG     sing N N 357 
SER CB    HB2    sing N N 358 
SER CB    HB3    sing N N 359 
SER OG    HG     sing N N 360 
SER OXT   HXT    sing N N 361 
THR N     CA     sing N N 362 
THR N     H      sing N N 363 
THR N     H2     sing N N 364 
THR CA    C      sing N N 365 
THR CA    CB     sing N N 366 
THR CA    HA     sing N N 367 
THR C     O      doub N N 368 
THR C     OXT    sing N N 369 
THR CB    OG1    sing N N 370 
THR CB    CG2    sing N N 371 
THR CB    HB     sing N N 372 
THR OG1   HG1    sing N N 373 
THR CG2   HG21   sing N N 374 
THR CG2   HG22   sing N N 375 
THR CG2   HG23   sing N N 376 
THR OXT   HXT    sing N N 377 
TRP N     CA     sing N N 378 
TRP N     H      sing N N 379 
TRP N     H2     sing N N 380 
TRP CA    C      sing N N 381 
TRP CA    CB     sing N N 382 
TRP CA    HA     sing N N 383 
TRP C     O      doub N N 384 
TRP C     OXT    sing N N 385 
TRP CB    CG     sing N N 386 
TRP CB    HB2    sing N N 387 
TRP CB    HB3    sing N N 388 
TRP CG    CD1    doub Y N 389 
TRP CG    CD2    sing Y N 390 
TRP CD1   NE1    sing Y N 391 
TRP CD1   HD1    sing N N 392 
TRP CD2   CE2    doub Y N 393 
TRP CD2   CE3    sing Y N 394 
TRP NE1   CE2    sing Y N 395 
TRP NE1   HE1    sing N N 396 
TRP CE2   CZ2    sing Y N 397 
TRP CE3   CZ3    doub Y N 398 
TRP CE3   HE3    sing N N 399 
TRP CZ2   CH2    doub Y N 400 
TRP CZ2   HZ2    sing N N 401 
TRP CZ3   CH2    sing Y N 402 
TRP CZ3   HZ3    sing N N 403 
TRP CH2   HH2    sing N N 404 
TRP OXT   HXT    sing N N 405 
TYR N     CA     sing N N 406 
TYR N     H      sing N N 407 
TYR N     H2     sing N N 408 
TYR CA    C      sing N N 409 
TYR CA    CB     sing N N 410 
TYR CA    HA     sing N N 411 
TYR C     O      doub N N 412 
TYR C     OXT    sing N N 413 
TYR CB    CG     sing N N 414 
TYR CB    HB2    sing N N 415 
TYR CB    HB3    sing N N 416 
TYR CG    CD1    doub Y N 417 
TYR CG    CD2    sing Y N 418 
TYR CD1   CE1    sing Y N 419 
TYR CD1   HD1    sing N N 420 
TYR CD2   CE2    doub Y N 421 
TYR CD2   HD2    sing N N 422 
TYR CE1   CZ     doub Y N 423 
TYR CE1   HE1    sing N N 424 
TYR CE2   CZ     sing Y N 425 
TYR CE2   HE2    sing N N 426 
TYR CZ    OH     sing N N 427 
TYR OH    HH     sing N N 428 
TYR OXT   HXT    sing N N 429 
VAL N     CA     sing N N 430 
VAL N     H      sing N N 431 
VAL N     H2     sing N N 432 
VAL CA    C      sing N N 433 
VAL CA    CB     sing N N 434 
VAL CA    HA     sing N N 435 
VAL C     O      doub N N 436 
VAL C     OXT    sing N N 437 
VAL CB    CG1    sing N N 438 
VAL CB    CG2    sing N N 439 
VAL CB    HB     sing N N 440 
VAL CG1   HG11   sing N N 441 
VAL CG1   HG12   sing N N 442 
VAL CG1   HG13   sing N N 443 
VAL CG2   HG21   sing N N 444 
VAL CG2   HG22   sing N N 445 
VAL CG2   HG23   sing N N 446 
VAL OXT   HXT    sing N N 447 
# 
loop_
_ndb_struct_conf_na.entry_id 
_ndb_struct_conf_na.feature 
1IG7 'double helix'        
1IG7 'b-form double helix' 
# 
loop_
_ndb_struct_na_base_pair.model_number 
_ndb_struct_na_base_pair.i_label_asym_id 
_ndb_struct_na_base_pair.i_label_comp_id 
_ndb_struct_na_base_pair.i_label_seq_id 
_ndb_struct_na_base_pair.i_symmetry 
_ndb_struct_na_base_pair.j_label_asym_id 
_ndb_struct_na_base_pair.j_label_comp_id 
_ndb_struct_na_base_pair.j_label_seq_id 
_ndb_struct_na_base_pair.j_symmetry 
_ndb_struct_na_base_pair.shear 
_ndb_struct_na_base_pair.stretch 
_ndb_struct_na_base_pair.stagger 
_ndb_struct_na_base_pair.buckle 
_ndb_struct_na_base_pair.propeller 
_ndb_struct_na_base_pair.opening 
_ndb_struct_na_base_pair.pair_number 
_ndb_struct_na_base_pair.pair_name 
_ndb_struct_na_base_pair.i_auth_asym_id 
_ndb_struct_na_base_pair.i_auth_seq_id 
_ndb_struct_na_base_pair.i_PDB_ins_code 
_ndb_struct_na_base_pair.j_auth_asym_id 
_ndb_struct_na_base_pair.j_auth_seq_id 
_ndb_struct_na_base_pair.j_PDB_ins_code 
_ndb_struct_na_base_pair.hbond_type_28 
_ndb_struct_na_base_pair.hbond_type_12 
1 A DC 1  1_555 B DG 14 1_555 0.749  -0.830 -0.109 -2.633 -15.700 -4.450 1  B_DC4:DG30_C  B 4  ? C 30 ? 19 1 
1 A DA 2  1_555 B DT 13 1_555 -0.071 -0.332 -0.023 4.615  -3.912  -0.566 2  B_DA5:DT29_C  B 5  ? C 29 ? 20 1 
1 A DC 3  1_555 B DG 12 1_555 0.302  -0.491 -0.076 8.901  -9.032  2.199  3  B_DC6:DG28_C  B 6  ? C 28 ? 19 1 
1 A DT 4  1_555 B DA 11 1_555 -0.314 -0.239 -0.103 1.219  -4.151  11.309 4  B_DT7:DA27_C  B 7  ? C 27 ? 20 1 
1 A DA 5  1_555 B DT 10 1_555 0.340  -0.156 -0.522 -1.811 -13.524 5.199  5  B_DA8:DT26_C  B 8  ? C 26 ? 20 1 
1 A DA 6  1_555 B DT 9  1_555 0.200  -0.263 0.020  -1.087 -12.364 9.270  6  B_DA9:DT25_C  B 9  ? C 25 ? 20 1 
1 A DT 7  1_555 B DA 8  1_555 -0.209 -0.356 -0.024 -5.290 -12.827 4.354  7  B_DT10:DA24_C B 10 ? C 24 ? 20 1 
1 A DT 8  1_555 B DA 7  1_555 -0.024 -0.105 0.276  -5.349 -6.502  3.594  8  B_DT11:DA23_C B 11 ? C 23 ? 20 1 
1 A DG 9  1_555 B DC 6  1_555 -0.135 -0.274 -0.427 -0.240 -6.308  -2.989 9  B_DG12:DC22_C B 12 ? C 22 ? 19 1 
1 A DA 10 1_555 B DT 5  1_555 0.238  -0.243 -0.181 1.980  -10.903 2.708  10 B_DA13:DT21_C B 13 ? C 21 ? 20 1 
1 A DA 11 1_555 B DT 4  1_555 0.636  -0.321 0.207  8.931  -13.101 -3.680 11 B_DA14:DT20_C B 14 ? C 20 ? 20 1 
1 A DG 12 1_555 B DC 3  1_555 -0.113 -0.336 0.328  3.925  -13.885 0.309  12 B_DG15:DC19_C B 15 ? C 19 ? 19 1 
1 A DG 13 1_555 B DC 2  1_555 -0.671 -0.739 0.143  2.653  -7.298  -4.019 13 B_DG16:DC18_C B 16 ? C 18 ? 19 1 
# 
loop_
_ndb_struct_na_base_pair_step.model_number 
_ndb_struct_na_base_pair_step.i_label_asym_id_1 
_ndb_struct_na_base_pair_step.i_label_comp_id_1 
_ndb_struct_na_base_pair_step.i_label_seq_id_1 
_ndb_struct_na_base_pair_step.i_symmetry_1 
_ndb_struct_na_base_pair_step.j_label_asym_id_1 
_ndb_struct_na_base_pair_step.j_label_comp_id_1 
_ndb_struct_na_base_pair_step.j_label_seq_id_1 
_ndb_struct_na_base_pair_step.j_symmetry_1 
_ndb_struct_na_base_pair_step.i_label_asym_id_2 
_ndb_struct_na_base_pair_step.i_label_comp_id_2 
_ndb_struct_na_base_pair_step.i_label_seq_id_2 
_ndb_struct_na_base_pair_step.i_symmetry_2 
_ndb_struct_na_base_pair_step.j_label_asym_id_2 
_ndb_struct_na_base_pair_step.j_label_comp_id_2 
_ndb_struct_na_base_pair_step.j_label_seq_id_2 
_ndb_struct_na_base_pair_step.j_symmetry_2 
_ndb_struct_na_base_pair_step.shift 
_ndb_struct_na_base_pair_step.slide 
_ndb_struct_na_base_pair_step.rise 
_ndb_struct_na_base_pair_step.tilt 
_ndb_struct_na_base_pair_step.roll 
_ndb_struct_na_base_pair_step.twist 
_ndb_struct_na_base_pair_step.x_displacement 
_ndb_struct_na_base_pair_step.y_displacement 
_ndb_struct_na_base_pair_step.helical_rise 
_ndb_struct_na_base_pair_step.inclination 
_ndb_struct_na_base_pair_step.tip 
_ndb_struct_na_base_pair_step.helical_twist 
_ndb_struct_na_base_pair_step.step_number 
_ndb_struct_na_base_pair_step.step_name 
_ndb_struct_na_base_pair_step.i_auth_asym_id_1 
_ndb_struct_na_base_pair_step.i_auth_seq_id_1 
_ndb_struct_na_base_pair_step.i_PDB_ins_code_1 
_ndb_struct_na_base_pair_step.j_auth_asym_id_1 
_ndb_struct_na_base_pair_step.j_auth_seq_id_1 
_ndb_struct_na_base_pair_step.j_PDB_ins_code_1 
_ndb_struct_na_base_pair_step.i_auth_asym_id_2 
_ndb_struct_na_base_pair_step.i_auth_seq_id_2 
_ndb_struct_na_base_pair_step.i_PDB_ins_code_2 
_ndb_struct_na_base_pair_step.j_auth_asym_id_2 
_ndb_struct_na_base_pair_step.j_auth_seq_id_2 
_ndb_struct_na_base_pair_step.j_PDB_ins_code_2 
1 A DC 1  1_555 B DG 14 1_555 A DA 2  1_555 B DT 13 1_555 -0.705 -0.335 3.098 1.661  5.251  29.727 -1.636 1.666  2.953 10.125 
-3.203 30.222 1  BB_DC4DA5:DT29DG30_CC   B 4  ? C 30 ? B 5  ? C 29 ? 
1 A DA 2  1_555 B DT 13 1_555 A DC 3  1_555 B DG 12 1_555 0.451  -0.360 3.208 0.782  3.658  30.943 -1.351 -0.694 3.156 6.825  
-1.458 31.163 2  BB_DA5DC6:DG28DT29_CC   B 5  ? C 29 ? B 6  ? C 28 ? 
1 A DC 3  1_555 B DG 12 1_555 A DT 4  1_555 B DA 11 1_555 1.405  0.083  3.459 4.380  11.647 33.691 -1.688 -1.596 3.450 19.296 
-7.257 35.853 3  BB_DC6DT7:DA27DG28_CC   B 6  ? C 28 ? B 7  ? C 27 ? 
1 A DT 4  1_555 B DA 11 1_555 A DA 5  1_555 B DT 10 1_555 -1.365 0.736  3.351 -0.908 7.010  38.779 0.222  1.913  3.457 10.452 
1.354  39.394 4  BB_DT7DA8:DT26DA27_CC   B 7  ? C 27 ? B 8  ? C 26 ? 
1 A DA 5  1_555 B DT 10 1_555 A DA 6  1_555 B DT 9  1_555 0.144  -0.368 3.109 -5.011 5.210  34.457 -1.339 -0.941 2.974 8.677  
8.346  35.185 5  BB_DA8DA9:DT25DT26_CC   B 8  ? C 26 ? B 9  ? C 25 ? 
1 A DA 6  1_555 B DT 9  1_555 A DT 7  1_555 B DA 8  1_555 -0.800 -0.936 3.314 -2.016 1.220  31.826 -1.927 1.084  3.319 2.221  
3.671  31.911 6  BB_DA9DT10:DA24DT25_CC  B 9  ? C 25 ? B 10 ? C 24 ? 
1 A DT 7  1_555 B DA 8  1_555 A DT 8  1_555 B DA 7  1_555 -0.224 -0.300 3.335 -3.306 1.963  28.814 -1.037 -0.293 3.312 3.922  
6.606  29.064 7  BB_DT10DT11:DA23DA24_CC B 10 ? C 24 ? B 11 ? C 23 ? 
1 A DT 8  1_555 B DA 7  1_555 A DG 9  1_555 B DC 6  1_555 0.104  -0.111 3.172 5.212  10.320 30.503 -1.943 0.696  2.957 18.789 
-9.488 32.572 8  BB_DT11DG12:DC22DA23_CC B 11 ? C 23 ? B 12 ? C 22 ? 
1 A DG 9  1_555 B DC 6  1_555 A DA 10 1_555 B DT 5  1_555 -0.349 0.217  3.268 -6.380 10.052 38.379 -0.852 -0.232 3.238 14.861 
9.432  40.117 9  BB_DG12DA13:DT21DC22_CC B 12 ? C 22 ? B 13 ? C 21 ? 
1 A DA 10 1_555 B DT 5  1_555 A DA 11 1_555 B DT 4  1_555 -0.478 -0.093 3.082 -3.541 5.783  38.397 -0.802 0.311  3.067 8.709  
5.333  38.968 10 BB_DA13DA14:DT20DT21_CC B 13 ? C 21 ? B 14 ? C 20 ? 
1 A DA 11 1_555 B DT 4  1_555 A DG 12 1_555 B DC 3  1_555 0.438  -0.753 3.358 -0.501 4.010  32.210 -2.060 -0.872 3.236 7.192  
0.899  32.456 11 BB_DA14DG15:DC19DT20_CC B 14 ? C 20 ? B 15 ? C 19 ? 
1 A DG 12 1_555 B DC 3  1_555 A DG 13 1_555 B DC 2  1_555 -0.384 -1.346 3.170 0.927  8.295  25.842 -4.763 1.030  2.604 17.960 
-2.007 27.135 12 BB_DG15DG16:DC18DC19_CC B 15 ? C 19 ? B 16 ? C 18 ? 
# 
_pdbx_initial_refinement_model.accession_code   ? 
_pdbx_initial_refinement_model.id               1 
_pdbx_initial_refinement_model.entity_id_list   ? 
_pdbx_initial_refinement_model.type             'experimental model' 
_pdbx_initial_refinement_model.source_name      Other 
_pdbx_initial_refinement_model.details          'Even-Skipped Homeodomain/DNA complex' 
# 
_atom_sites.entry_id                    1IG7 
_atom_sites.fract_transf_matrix[1][1]   0.00754426 
_atom_sites.fract_transf_matrix[1][2]   -0.02525976 
_atom_sites.fract_transf_matrix[1][3]   -0.01381323 
_atom_sites.fract_transf_matrix[2][1]   0.00695751 
_atom_sites.fract_transf_matrix[2][2]   -0.00547404 
_atom_sites.fract_transf_matrix[2][3]   0.01381011 
_atom_sites.fract_transf_matrix[3][1]   -0.01056406 
_atom_sites.fract_transf_matrix[3][2]   -0.00498500 
_atom_sites.fract_transf_matrix[3][3]   0.00334621 
_atom_sites.fract_transf_vector[1]      0.414083 
_atom_sites.fract_transf_vector[2]      0.218151 
_atom_sites.fract_transf_vector[3]      0.113522 
# 
loop_
_atom_type.symbol 
C 
N 
O 
P 
# 
loop_
_atom_site.group_PDB 
_atom_site.id 
_atom_site.type_symbol 
_atom_site.label_atom_id 
_atom_site.label_alt_id 
_atom_site.label_comp_id 
_atom_site.label_asym_id 
_atom_site.label_entity_id 
_atom_site.label_seq_id 
_atom_site.pdbx_PDB_ins_code 
_atom_site.Cartn_x 
_atom_site.Cartn_y 
_atom_site.Cartn_z 
_atom_site.occupancy 
_atom_site.B_iso_or_equiv 
_atom_site.pdbx_formal_charge 
_atom_site.auth_seq_id 
_atom_site.auth_comp_id 
_atom_site.auth_asym_id 
_atom_site.auth_atom_id 
_atom_site.pdbx_PDB_model_num 
ATOM   1    O "O5'" . DC  A 1 1  ? -26.265 3.503   -0.590  1.00 50.75 ? 4   DC  B "O5'" 1 
ATOM   2    C "C5'" . DC  A 1 1  ? -27.125 2.948   0.395   1.00 51.33 ? 4   DC  B "C5'" 1 
ATOM   3    C "C4'" . DC  A 1 1  ? -26.527 2.145   1.536   1.00 51.80 ? 4   DC  B "C4'" 1 
ATOM   4    O "O4'" . DC  A 1 1  ? -26.706 0.744   1.226   1.00 51.14 ? 4   DC  B "O4'" 1 
ATOM   5    C "C3'" . DC  A 1 1  ? -25.030 2.330   1.763   1.00 51.91 ? 4   DC  B "C3'" 1 
ATOM   6    O "O3'" . DC  A 1 1  ? -24.645 2.571   3.097   1.00 53.39 ? 4   DC  B "O3'" 1 
ATOM   7    C "C2'" . DC  A 1 1  ? -24.370 1.025   1.356   1.00 50.51 ? 4   DC  B "C2'" 1 
ATOM   8    C "C1'" . DC  A 1 1  ? -25.478 0.017   1.318   1.00 49.49 ? 4   DC  B "C1'" 1 
ATOM   9    N N1    . DC  A 1 1  ? -25.318 -0.693  0.071   1.00 46.93 ? 4   DC  B N1    1 
ATOM   10   C C2    . DC  A 1 1  ? -24.673 -1.936  0.043   1.00 46.48 ? 4   DC  B C2    1 
ATOM   11   O O2    . DC  A 1 1  ? -24.323 -2.442  1.079   1.00 46.24 ? 4   DC  B O2    1 
ATOM   12   N N3    . DC  A 1 1  ? -24.440 -2.530  -1.142  1.00 46.14 ? 4   DC  B N3    1 
ATOM   13   C C4    . DC  A 1 1  ? -24.830 -1.915  -2.278  1.00 45.56 ? 4   DC  B C4    1 
ATOM   14   N N4    . DC  A 1 1  ? -24.513 -2.478  -3.439  1.00 46.95 ? 4   DC  B N4    1 
ATOM   15   C C5    . DC  A 1 1  ? -25.536 -0.685  -2.270  1.00 44.72 ? 4   DC  B C5    1 
ATOM   16   C C6    . DC  A 1 1  ? -25.772 -0.122  -1.082  1.00 45.46 ? 4   DC  B C6    1 
ATOM   17   P P     . DA  A 1 2  ? -23.161 3.158   3.347   1.00 54.31 ? 5   DA  B P     1 
ATOM   18   O OP1   . DA  A 1 2  ? -23.147 3.914   4.641   1.00 54.84 ? 5   DA  B OP1   1 
ATOM   19   O OP2   . DA  A 1 2  ? -22.740 3.809   2.042   1.00 53.06 ? 5   DA  B OP2   1 
ATOM   20   O "O5'" . DA  A 1 2  ? -22.248 1.892   3.663   1.00 52.73 ? 5   DA  B "O5'" 1 
ATOM   21   C "C5'" . DA  A 1 2  ? -22.393 1.247   4.910   1.00 49.08 ? 5   DA  B "C5'" 1 
ATOM   22   C "C4'" . DA  A 1 2  ? -21.291 0.254   5.093   1.00 47.49 ? 5   DA  B "C4'" 1 
ATOM   23   O "O4'" . DA  A 1 2  ? -21.331 -0.612  3.941   1.00 45.38 ? 5   DA  B "O4'" 1 
ATOM   24   C "C3'" . DA  A 1 2  ? -19.922 0.948   5.064   1.00 47.54 ? 5   DA  B "C3'" 1 
ATOM   25   O "O3'" . DA  A 1 2  ? -19.015 0.164   5.820   1.00 46.98 ? 5   DA  B "O3'" 1 
ATOM   26   C "C2'" . DA  A 1 2  ? -19.555 0.912   3.602   1.00 45.31 ? 5   DA  B "C2'" 1 
ATOM   27   C "C1'" . DA  A 1 2  ? -20.145 -0.433  3.208   1.00 43.80 ? 5   DA  B "C1'" 1 
ATOM   28   N N9    . DA  A 1 2  ? -20.534 -0.460  1.831   1.00 41.91 ? 5   DA  B N9    1 
ATOM   29   C C8    . DA  A 1 2  ? -21.221 0.480   1.133   1.00 40.98 ? 5   DA  B C8    1 
ATOM   30   N N7    . DA  A 1 2  ? -21.461 0.117   -0.105  1.00 40.31 ? 5   DA  B N7    1 
ATOM   31   C C5    . DA  A 1 2  ? -20.883 -1.131  -0.214  1.00 38.83 ? 5   DA  B C5    1 
ATOM   32   C C6    . DA  A 1 2  ? -20.811 -2.026  -1.251  1.00 38.54 ? 5   DA  B C6    1 
ATOM   33   N N6    . DA  A 1 2  ? -21.357 -1.795  -2.446  1.00 36.76 ? 5   DA  B N6    1 
ATOM   34   N N1    . DA  A 1 2  ? -20.126 -3.200  -1.037  1.00 39.05 ? 5   DA  B N1    1 
ATOM   35   C C2    . DA  A 1 2  ? -19.582 -3.399  0.160   1.00 39.11 ? 5   DA  B C2    1 
ATOM   36   N N3    . DA  A 1 2  ? -19.623 -2.618  1.231   1.00 39.70 ? 5   DA  B N3    1 
ATOM   37   C C4    . DA  A 1 2  ? -20.288 -1.492  0.963   1.00 40.10 ? 5   DA  B C4    1 
ATOM   38   P P     . DC  A 1 3  ? -17.587 0.778   6.234   1.00 49.07 ? 6   DC  B P     1 
ATOM   39   O OP1   . DC  A 1 3  ? -17.182 0.122   7.505   1.00 47.40 ? 6   DC  B OP1   1 
ATOM   40   O OP2   . DC  A 1 3  ? -17.634 2.263   6.122   1.00 47.75 ? 6   DC  B OP2   1 
ATOM   41   O "O5'" . DC  A 1 3  ? -16.682 0.082   5.133   1.00 46.39 ? 6   DC  B "O5'" 1 
ATOM   42   C "C5'" . DC  A 1 3  ? -16.631 -1.324  5.145   1.00 41.46 ? 6   DC  B "C5'" 1 
ATOM   43   C "C4'" . DC  A 1 3  ? -15.820 -1.796  3.980   1.00 39.86 ? 6   DC  B "C4'" 1 
ATOM   44   O "O4'" . DC  A 1 3  ? -16.591 -1.646  2.771   1.00 38.23 ? 6   DC  B "O4'" 1 
ATOM   45   C "C3'" . DC  A 1 3  ? -14.525 -1.013  3.784   1.00 38.52 ? 6   DC  B "C3'" 1 
ATOM   46   O "O3'" . DC  A 1 3  ? -13.443 -1.972  3.694   1.00 38.25 ? 6   DC  B "O3'" 1 
ATOM   47   C "C2'" . DC  A 1 3  ? -14.800 -0.200  2.536   1.00 36.84 ? 6   DC  B "C2'" 1 
ATOM   48   C "C1'" . DC  A 1 3  ? -15.778 -1.082  1.807   1.00 36.32 ? 6   DC  B "C1'" 1 
ATOM   49   N N1    . DC  A 1 3  ? -16.652 -0.513  0.761   1.00 34.33 ? 6   DC  B N1    1 
ATOM   50   C C2    . DC  A 1 3  ? -16.836 -1.287  -0.391  1.00 33.04 ? 6   DC  B C2    1 
ATOM   51   O O2    . DC  A 1 3  ? -16.335 -2.405  -0.421  1.00 31.48 ? 6   DC  B O2    1 
ATOM   52   N N3    . DC  A 1 3  ? -17.546 -0.795  -1.422  1.00 33.98 ? 6   DC  B N3    1 
ATOM   53   C C4    . DC  A 1 3  ? -18.104 0.429   -1.304  1.00 33.81 ? 6   DC  B C4    1 
ATOM   54   N N4    . DC  A 1 3  ? -18.791 0.878   -2.309  1.00 33.99 ? 6   DC  B N4    1 
ATOM   55   C C5    . DC  A 1 3  ? -17.967 1.226   -0.114  1.00 33.10 ? 6   DC  B C5    1 
ATOM   56   C C6    . DC  A 1 3  ? -17.235 0.718   0.883   1.00 32.76 ? 6   DC  B C6    1 
ATOM   57   P P     . DT  A 1 4  ? -11.917 -1.497  3.826   1.00 39.66 ? 7   DT  B P     1 
ATOM   58   O OP1   . DT  A 1 4  ? -11.078 -2.523  4.402   1.00 39.26 ? 7   DT  B OP1   1 
ATOM   59   O OP2   . DT  A 1 4  ? -11.733 -0.083  4.308   1.00 39.88 ? 7   DT  B OP2   1 
ATOM   60   O "O5'" . DT  A 1 4  ? -11.566 -1.555  2.283   1.00 39.58 ? 7   DT  B "O5'" 1 
ATOM   61   C "C5'" . DT  A 1 4  ? -11.895 -2.716  1.518   1.00 36.32 ? 7   DT  B "C5'" 1 
ATOM   62   C "C4'" . DT  A 1 4  ? -11.538 -2.465  0.072   1.00 35.03 ? 7   DT  B "C4'" 1 
ATOM   63   O "O4'" . DT  A 1 4  ? -12.630 -1.785  -0.636  1.00 34.49 ? 7   DT  B "O4'" 1 
ATOM   64   C "C3'" . DT  A 1 4  ? -10.306 -1.579  -0.112  1.00 33.94 ? 7   DT  B "C3'" 1 
ATOM   65   O "O3'" . DT  A 1 4  ? -9.608  -1.984  -1.309  1.00 32.31 ? 7   DT  B "O3'" 1 
ATOM   66   C "C2'" . DT  A 1 4  ? -10.941 -0.227  -0.351  1.00 33.83 ? 7   DT  B "C2'" 1 
ATOM   67   C "C1'" . DT  A 1 4  ? -12.100 -0.678  -1.282  1.00 33.73 ? 7   DT  B "C1'" 1 
ATOM   68   N N1    . DT  A 1 4  ? -13.185 0.255   -1.502  1.00 32.48 ? 7   DT  B N1    1 
ATOM   69   C C2    . DT  A 1 4  ? -13.917 0.179   -2.679  1.00 32.37 ? 7   DT  B C2    1 
ATOM   70   O O2    . DT  A 1 4  ? -13.742 -0.642  -3.533  1.00 30.89 ? 7   DT  B O2    1 
ATOM   71   N N3    . DT  A 1 4  ? -14.870 1.111   -2.797  1.00 31.96 ? 7   DT  B N3    1 
ATOM   72   C C4    . DT  A 1 4  ? -15.182 2.091   -1.896  1.00 33.36 ? 7   DT  B C4    1 
ATOM   73   O O4    . DT  A 1 4  ? -16.035 2.928   -2.194  1.00 35.23 ? 7   DT  B O4    1 
ATOM   74   C C5    . DT  A 1 4  ? -14.428 2.070   -0.654  1.00 33.16 ? 7   DT  B C5    1 
ATOM   75   C C7    . DT  A 1 4  ? -14.786 3.015   0.456   1.00 32.65 ? 7   DT  B C7    1 
ATOM   76   C C6    . DT  A 1 4  ? -13.461 1.185   -0.543  1.00 32.79 ? 7   DT  B C6    1 
ATOM   77   P P     . DA  A 1 5  ? -8.018  -2.004  -1.318  1.00 31.55 ? 8   DA  B P     1 
ATOM   78   O OP1   . DA  A 1 5  ? -7.678  -2.997  -0.263  1.00 30.29 ? 8   DA  B OP1   1 
ATOM   79   O OP2   . DA  A 1 5  ? -7.374  -0.659  -1.286  1.00 31.00 ? 8   DA  B OP2   1 
ATOM   80   O "O5'" . DA  A 1 5  ? -7.616  -2.588  -2.761  1.00 30.87 ? 8   DA  B "O5'" 1 
ATOM   81   C "C5'" . DA  A 1 5  ? -8.377  -3.544  -3.397  1.00 28.64 ? 8   DA  B "C5'" 1 
ATOM   82   C "C4'" . DA  A 1 5  ? -8.485  -3.182  -4.861  1.00 28.55 ? 8   DA  B "C4'" 1 
ATOM   83   O "O4'" . DA  A 1 5  ? -9.637  -2.351  -5.143  1.00 27.64 ? 8   DA  B "O4'" 1 
ATOM   84   C "C3'" . DA  A 1 5  ? -7.309  -2.483  -5.504  1.00 27.17 ? 8   DA  B "C3'" 1 
ATOM   85   O "O3'" . DA  A 1 5  ? -7.092  -3.119  -6.743  1.00 27.12 ? 8   DA  B "O3'" 1 
ATOM   86   C "C2'" . DA  A 1 5  ? -7.793  -1.058  -5.635  1.00 23.84 ? 8   DA  B "C2'" 1 
ATOM   87   C "C1'" . DA  A 1 5  ? -9.263  -1.171  -5.764  1.00 25.46 ? 8   DA  B "C1'" 1 
ATOM   88   N N9    . DA  A 1 5  ? -9.980  -0.119  -5.073  1.00 26.98 ? 8   DA  B N9    1 
ATOM   89   C C8    . DA  A 1 5  ? -9.748  0.428   -3.827  1.00 27.91 ? 8   DA  B C8    1 
ATOM   90   N N7    . DA  A 1 5  ? -10.578 1.415   -3.510  1.00 28.81 ? 8   DA  B N7    1 
ATOM   91   C C5    . DA  A 1 5  ? -11.411 1.507   -4.641  1.00 28.29 ? 8   DA  B C5    1 
ATOM   92   C C6    . DA  A 1 5  ? -12.527 2.348   -4.979  1.00 28.61 ? 8   DA  B C6    1 
ATOM   93   N N6    . DA  A 1 5  ? -13.075 3.274   -4.151  1.00 28.97 ? 8   DA  B N6    1 
ATOM   94   N N1    . DA  A 1 5  ? -13.088 2.172   -6.205  1.00 28.27 ? 8   DA  B N1    1 
ATOM   95   C C2    . DA  A 1 5  ? -12.598 1.217   -7.004  1.00 28.59 ? 8   DA  B C2    1 
ATOM   96   N N3    . DA  A 1 5  ? -11.604 0.354   -6.798  1.00 28.02 ? 8   DA  B N3    1 
ATOM   97   C C4    . DA  A 1 5  ? -11.048 0.552   -5.593  1.00 28.36 ? 8   DA  B C4    1 
ATOM   98   P P     . DA  A 1 6  ? -6.009  -2.571  -7.753  1.00 29.41 ? 9   DA  B P     1 
ATOM   99   O OP1   . DA  A 1 6  ? -5.426  -3.694  -8.589  1.00 28.53 ? 9   DA  B OP1   1 
ATOM   100  O OP2   . DA  A 1 6  ? -5.073  -1.600  -7.136  1.00 29.84 ? 9   DA  B OP2   1 
ATOM   101  O "O5'" . DA  A 1 6  ? -6.840  -1.594  -8.685  1.00 29.44 ? 9   DA  B "O5'" 1 
ATOM   102  C "C5'" . DA  A 1 6  ? -8.025  -2.008  -9.293  1.00 31.24 ? 9   DA  B "C5'" 1 
ATOM   103  C "C4'" . DA  A 1 6  ? -8.492  -0.934  -10.235 1.00 30.57 ? 9   DA  B "C4'" 1 
ATOM   104  O "O4'" . DA  A 1 6  ? -9.280  0.004   -9.452  1.00 29.95 ? 9   DA  B "O4'" 1 
ATOM   105  C "C3'" . DA  A 1 6  ? -7.421  -0.141  -11.003 1.00 30.72 ? 9   DA  B "C3'" 1 
ATOM   106  O "O3'" . DA  A 1 6  ? -7.855  -0.142  -12.361 1.00 33.05 ? 9   DA  B "O3'" 1 
ATOM   107  C "C2'" . DA  A 1 6  ? -7.564  1.274   -10.436 1.00 30.78 ? 9   DA  B "C2'" 1 
ATOM   108  C "C1'" . DA  A 1 6  ? -8.959  1.316   -9.847  1.00 28.68 ? 9   DA  B "C1'" 1 
ATOM   109  N N9    . DA  A 1 6  ? -9.066  2.109   -8.650  1.00 30.36 ? 9   DA  B N9    1 
ATOM   110  C C8    . DA  A 1 6  ? -8.318  1.964   -7.496  1.00 30.21 ? 9   DA  B C8    1 
ATOM   111  N N7    . DA  A 1 6  ? -8.696  2.783   -6.534  1.00 30.05 ? 9   DA  B N7    1 
ATOM   112  C C5    . DA  A 1 6  ? -9.741  3.522   -7.110  1.00 30.07 ? 9   DA  B C5    1 
ATOM   113  C C6    . DA  A 1 6  ? -10.588 4.550   -6.596  1.00 29.99 ? 9   DA  B C6    1 
ATOM   114  N N6    . DA  A 1 6  ? -10.465 5.039   -5.340  1.00 27.81 ? 9   DA  B N6    1 
ATOM   115  N N1    . DA  A 1 6  ? -11.555 5.042   -7.412  1.00 29.13 ? 9   DA  B N1    1 
ATOM   116  C C2    . DA  A 1 6  ? -11.634 4.575   -8.640  1.00 29.39 ? 9   DA  B C2    1 
ATOM   117  N N3    . DA  A 1 6  ? -10.886 3.632   -9.243  1.00 30.24 ? 9   DA  B N3    1 
ATOM   118  C C4    . DA  A 1 6  ? -9.964  3.133   -8.402  1.00 29.30 ? 9   DA  B C4    1 
ATOM   119  P P     . DT  A 1 7  ? -7.047  0.646   -13.510 1.00 34.53 ? 10  DT  B P     1 
ATOM   120  O OP1   . DT  A 1 7  ? -7.268  -0.058  -14.801 1.00 34.94 ? 10  DT  B OP1   1 
ATOM   121  O OP2   . DT  A 1 7  ? -5.642  0.922   -13.075 1.00 35.41 ? 10  DT  B OP2   1 
ATOM   122  O "O5'" . DT  A 1 7  ? -7.820  2.033   -13.662 1.00 33.90 ? 10  DT  B "O5'" 1 
ATOM   123  C "C5'" . DT  A 1 7  ? -9.185  2.054   -13.957 1.00 31.39 ? 10  DT  B "C5'" 1 
ATOM   124  C "C4'" . DT  A 1 7  ? -9.634  3.467   -14.156 1.00 30.44 ? 10  DT  B "C4'" 1 
ATOM   125  O "O4'" . DT  A 1 7  ? -9.887  4.087   -12.900 1.00 30.81 ? 10  DT  B "O4'" 1 
ATOM   126  C "C3'" . DT  A 1 7  ? -8.756  4.442   -14.944 1.00 31.94 ? 10  DT  B "C3'" 1 
ATOM   127  O "O3'" . DT  A 1 7  ? -9.577  4.898   -16.061 1.00 33.98 ? 10  DT  B "O3'" 1 
ATOM   128  C "C2'" . DT  A 1 7  ? -8.515  5.592   -13.944 1.00 30.27 ? 10  DT  B "C2'" 1 
ATOM   129  C "C1'" . DT  A 1 7  ? -9.649  5.472   -12.934 1.00 27.82 ? 10  DT  B "C1'" 1 
ATOM   130  N N1    . DT  A 1 7  ? -9.286  5.839   -11.538 1.00 27.85 ? 10  DT  B N1    1 
ATOM   131  C C2    . DT  A 1 7  ? -9.964  6.854   -10.807 1.00 26.91 ? 10  DT  B C2    1 
ATOM   132  O O2    . DT  A 1 7  ? -10.829 7.480   -11.216 1.00 27.23 ? 10  DT  B O2    1 
ATOM   133  N N3    . DT  A 1 7  ? -9.539  7.044   -9.541  1.00 25.75 ? 10  DT  B N3    1 
ATOM   134  C C4    . DT  A 1 7  ? -8.542  6.357   -8.885  1.00 25.61 ? 10  DT  B C4    1 
ATOM   135  O O4    . DT  A 1 7  ? -8.315  6.616   -7.721  1.00 24.90 ? 10  DT  B O4    1 
ATOM   136  C C5    . DT  A 1 7  ? -7.848  5.335   -9.699  1.00 25.19 ? 10  DT  B C5    1 
ATOM   137  C C7    . DT  A 1 7  ? -6.714  4.572   -9.117  1.00 22.46 ? 10  DT  B C7    1 
ATOM   138  C C6    . DT  A 1 7  ? -8.266  5.141   -10.951 1.00 26.25 ? 10  DT  B C6    1 
ATOM   139  P P     . DT  A 1 8  ? -8.951  5.780   -17.216 1.00 35.16 ? 11  DT  B P     1 
ATOM   140  O OP1   . DT  A 1 8  ? -9.863  5.585   -18.340 1.00 37.83 ? 11  DT  B OP1   1 
ATOM   141  O OP2   . DT  A 1 8  ? -7.558  5.520   -17.398 1.00 37.09 ? 11  DT  B OP2   1 
ATOM   142  O "O5'" . DT  A 1 8  ? -9.179  7.256   -16.688 1.00 36.15 ? 11  DT  B "O5'" 1 
ATOM   143  C "C5'" . DT  A 1 8  ? -10.497 7.645   -16.375 1.00 36.11 ? 11  DT  B "C5'" 1 
ATOM   144  C "C4'" . DT  A 1 8  ? -10.494 9.036   -15.817 1.00 37.69 ? 11  DT  B "C4'" 1 
ATOM   145  O "O4'" . DT  A 1 8  ? -10.168 9.013   -14.418 1.00 37.06 ? 11  DT  B "O4'" 1 
ATOM   146  C "C3'" . DT  A 1 8  ? -9.530  10.024  -16.482 1.00 38.43 ? 11  DT  B "C3'" 1 
ATOM   147  O "O3'" . DT  A 1 8  ? -10.286 11.212  -16.658 1.00 42.51 ? 11  DT  B "O3'" 1 
ATOM   148  C "C2'" . DT  A 1 8  ? -8.511  10.313  -15.396 1.00 36.87 ? 11  DT  B "C2'" 1 
ATOM   149  C "C1'" . DT  A 1 8  ? -9.320  10.082  -14.128 1.00 35.27 ? 11  DT  B "C1'" 1 
ATOM   150  N N1    . DT  A 1 8  ? -8.546  9.710   -12.958 1.00 32.92 ? 11  DT  B N1    1 
ATOM   151  C C2    . DT  A 1 8  ? -8.762  10.447  -11.836 1.00 32.58 ? 11  DT  B C2    1 
ATOM   152  O O2    . DT  A 1 8  ? -9.581  11.304  -11.803 1.00 32.16 ? 11  DT  B O2    1 
ATOM   153  N N3    . DT  A 1 8  ? -7.984  10.103  -10.753 1.00 31.76 ? 11  DT  B N3    1 
ATOM   154  C C4    . DT  A 1 8  ? -7.070  9.067   -10.728 1.00 31.11 ? 11  DT  B C4    1 
ATOM   155  O O4    . DT  A 1 8  ? -6.543  8.788   -9.715  1.00 33.51 ? 11  DT  B O4    1 
ATOM   156  C C5    . DT  A 1 8  ? -6.876  8.361   -11.949 1.00 29.60 ? 11  DT  B C5    1 
ATOM   157  C C7    . DT  A 1 8  ? -5.812  7.329   -12.019 1.00 28.88 ? 11  DT  B C7    1 
ATOM   158  C C6    . DT  A 1 8  ? -7.643  8.672   -12.981 1.00 30.74 ? 11  DT  B C6    1 
ATOM   159  P P     . DG  A 1 9  ? -9.884  12.285  -17.769 1.00 42.78 ? 12  DG  B P     1 
ATOM   160  O OP1   . DG  A 1 9  ? -11.159 12.530  -18.513 1.00 42.87 ? 12  DG  B OP1   1 
ATOM   161  O OP2   . DG  A 1 9  ? -8.595  11.931  -18.473 1.00 41.34 ? 12  DG  B OP2   1 
ATOM   162  O "O5'" . DG  A 1 9  ? -9.648  13.628  -16.976 1.00 43.35 ? 12  DG  B "O5'" 1 
ATOM   163  C "C5'" . DG  A 1 9  ? -10.429 13.991  -15.828 1.00 42.48 ? 12  DG  B "C5'" 1 
ATOM   164  C "C4'" . DG  A 1 9  ? -9.608  14.949  -15.002 1.00 42.75 ? 12  DG  B "C4'" 1 
ATOM   165  O "O4'" . DG  A 1 9  ? -8.958  14.285  -13.888 1.00 41.22 ? 12  DG  B "O4'" 1 
ATOM   166  C "C3'" . DG  A 1 9  ? -8.464  15.544  -15.843 1.00 43.03 ? 12  DG  B "C3'" 1 
ATOM   167  O "O3'" . DG  A 1 9  ? -8.160  16.760  -15.258 1.00 46.25 ? 12  DG  B "O3'" 1 
ATOM   168  C "C2'" . DG  A 1 9  ? -7.284  14.685  -15.474 1.00 41.45 ? 12  DG  B "C2'" 1 
ATOM   169  C "C1'" . DG  A 1 9  ? -7.587  14.586  -13.991 1.00 39.48 ? 12  DG  B "C1'" 1 
ATOM   170  N N9    . DG  A 1 9  ? -6.847  13.612  -13.235 1.00 37.73 ? 12  DG  B N9    1 
ATOM   171  C C8    . DG  A 1 9  ? -6.151  12.524  -13.709 1.00 36.92 ? 12  DG  B C8    1 
ATOM   172  N N7    . DG  A 1 9  ? -5.581  11.837  -12.764 1.00 36.55 ? 12  DG  B N7    1 
ATOM   173  C C5    . DG  A 1 9  ? -5.908  12.518  -11.595 1.00 35.32 ? 12  DG  B C5    1 
ATOM   174  C C6    . DG  A 1 9  ? -5.536  12.258  -10.271 1.00 35.40 ? 12  DG  B C6    1 
ATOM   175  O O6    . DG  A 1 9  ? -4.795  11.336  -9.845  1.00 35.11 ? 12  DG  B O6    1 
ATOM   176  N N1    . DG  A 1 9  ? -6.073  13.204  -9.391  1.00 34.85 ? 12  DG  B N1    1 
ATOM   177  C C2    . DG  A 1 9  ? -6.841  14.282  -9.783  1.00 36.09 ? 12  DG  B C2    1 
ATOM   178  N N2    . DG  A 1 9  ? -7.228  15.115  -8.837  1.00 36.02 ? 12  DG  B N2    1 
ATOM   179  N N3    . DG  A 1 9  ? -7.190  14.529  -11.030 1.00 35.78 ? 12  DG  B N3    1 
ATOM   180  C C4    . DG  A 1 9  ? -6.692  13.608  -11.867 1.00 36.23 ? 12  DG  B C4    1 
ATOM   181  P P     . DA  A 1 10 ? -7.692  17.980  -16.146 1.00 49.35 ? 13  DA  B P     1 
ATOM   182  O OP1   . DA  A 1 10 ? -8.949  18.359  -16.830 1.00 48.22 ? 13  DA  B OP1   1 
ATOM   183  O OP2   . DA  A 1 10 ? -6.423  17.754  -16.949 1.00 48.24 ? 13  DA  B OP2   1 
ATOM   184  O "O5'" . DA  A 1 10 ? -7.336  19.025  -15.003 1.00 47.71 ? 13  DA  B "O5'" 1 
ATOM   185  C "C5'" . DA  A 1 10 ? -8.279  19.282  -13.983 1.00 46.70 ? 13  DA  B "C5'" 1 
ATOM   186  C "C4'" . DA  A 1 10 ? -7.600  19.842  -12.753 1.00 45.80 ? 13  DA  B "C4'" 1 
ATOM   187  O "O4'" . DA  A 1 10 ? -7.034  18.803  -11.935 1.00 45.51 ? 13  DA  B "O4'" 1 
ATOM   188  C "C3'" . DA  A 1 10 ? -6.496  20.854  -12.966 1.00 45.68 ? 13  DA  B "C3'" 1 
ATOM   189  O "O3'" . DA  A 1 10 ? -6.567  21.783  -11.873 1.00 48.04 ? 13  DA  B "O3'" 1 
ATOM   190  C "C2'" . DA  A 1 10 ? -5.261  19.987  -12.883 1.00 44.64 ? 13  DA  B "C2'" 1 
ATOM   191  C "C1'" . DA  A 1 10 ? -5.651  19.001  -11.796 1.00 44.52 ? 13  DA  B "C1'" 1 
ATOM   192  N N9    . DA  A 1 10 ? -5.045  17.682  -11.962 1.00 43.08 ? 13  DA  B N9    1 
ATOM   193  C C8    . DA  A 1 10 ? -4.946  16.958  -13.126 1.00 40.92 ? 13  DA  B C8    1 
ATOM   194  N N7    . DA  A 1 10 ? -4.340  15.814  -12.980 1.00 39.99 ? 13  DA  B N7    1 
ATOM   195  C C5    . DA  A 1 10 ? -4.017  15.770  -11.633 1.00 40.11 ? 13  DA  B C5    1 
ATOM   196  C C6    . DA  A 1 10 ? -3.318  14.828  -10.864 1.00 39.04 ? 13  DA  B C6    1 
ATOM   197  N N6    . DA  A 1 10 ? -2.788  13.692  -11.373 1.00 37.70 ? 13  DA  B N6    1 
ATOM   198  N N1    . DA  A 1 10 ? -3.144  15.106  -9.550  1.00 39.47 ? 13  DA  B N1    1 
ATOM   199  C C2    . DA  A 1 10 ? -3.643  16.274  -9.057  1.00 40.34 ? 13  DA  B C2    1 
ATOM   200  N N3    . DA  A 1 10 ? -4.326  17.224  -9.679  1.00 40.48 ? 13  DA  B N3    1 
ATOM   201  C C4    . DA  A 1 10 ? -4.466  16.912  -10.986 1.00 41.08 ? 13  DA  B C4    1 
ATOM   202  P P     . DA  A 1 11 ? -5.744  23.176  -11.918 1.00 49.86 ? 14  DA  B P     1 
ATOM   203  O OP1   . DA  A 1 11 ? -6.712  24.193  -11.387 1.00 49.78 ? 14  DA  B OP1   1 
ATOM   204  O OP2   . DA  A 1 11 ? -5.064  23.361  -13.194 1.00 48.31 ? 14  DA  B OP2   1 
ATOM   205  O "O5'" . DA  A 1 11 ? -4.578  23.041  -10.851 1.00 48.71 ? 14  DA  B "O5'" 1 
ATOM   206  C "C5'" . DA  A 1 11 ? -4.881  22.814  -9.513  1.00 48.01 ? 14  DA  B "C5'" 1 
ATOM   207  C "C4'" . DA  A 1 11 ? -3.613  22.512  -8.760  1.00 47.44 ? 14  DA  B "C4'" 1 
ATOM   208  O "O4'" . DA  A 1 11 ? -3.159  21.156  -9.018  1.00 45.25 ? 14  DA  B "O4'" 1 
ATOM   209  C "C3'" . DA  A 1 11 ? -2.443  23.444  -9.095  1.00 47.75 ? 14  DA  B "C3'" 1 
ATOM   210  O "O3'" . DA  A 1 11 ? -1.883  23.749  -7.827  1.00 50.42 ? 14  DA  B "O3'" 1 
ATOM   211  C "C2'" . DA  A 1 11 ? -1.504  22.573  -9.934  1.00 45.56 ? 14  DA  B "C2'" 1 
ATOM   212  C "C1'" . DA  A 1 11 ? -1.784  21.184  -9.390  1.00 43.65 ? 14  DA  B "C1'" 1 
ATOM   213  N N9    . DA  A 1 11 ? -1.599  20.094  -10.333 1.00 41.29 ? 14  DA  B N9    1 
ATOM   214  C C8    . DA  A 1 11 ? -1.934  20.051  -11.660 1.00 40.53 ? 14  DA  B C8    1 
ATOM   215  N N7    . DA  A 1 11 ? -1.685  18.915  -12.237 1.00 38.36 ? 14  DA  B N7    1 
ATOM   216  C C5    . DA  A 1 11 ? -1.120  18.151  -11.213 1.00 38.11 ? 14  DA  B C5    1 
ATOM   217  C C6    . DA  A 1 11 ? -0.603  16.854  -11.191 1.00 36.58 ? 14  DA  B C6    1 
ATOM   218  N N6    . DA  A 1 11 ? -0.605  16.053  -12.228 1.00 34.91 ? 14  DA  B N6    1 
ATOM   219  N N1    . DA  A 1 11 ? -0.078  16.417  -10.042 1.00 37.47 ? 14  DA  B N1    1 
ATOM   220  C C2    . DA  A 1 11 ? -0.072  17.253  -8.974  1.00 38.10 ? 14  DA  B C2    1 
ATOM   221  N N3    . DA  A 1 11 ? -0.535  18.492  -8.881  1.00 37.99 ? 14  DA  B N3    1 
ATOM   222  C C4    . DA  A 1 11 ? -1.055  18.877  -10.051 1.00 38.39 ? 14  DA  B C4    1 
ATOM   223  P P     . DG  A 1 12 ? -0.650  24.749  -7.713  1.00 52.09 ? 15  DG  B P     1 
ATOM   224  O OP1   . DG  A 1 12 ? -0.973  25.526  -6.509  1.00 51.90 ? 15  DG  B OP1   1 
ATOM   225  O OP2   . DG  A 1 12 ? -0.426  25.440  -9.026  1.00 52.64 ? 15  DG  B OP2   1 
ATOM   226  O "O5'" . DG  A 1 12 ? 0.586   23.757  -7.493  1.00 51.70 ? 15  DG  B "O5'" 1 
ATOM   227  C "C5'" . DG  A 1 12 ? 0.582   22.738  -6.445  1.00 50.43 ? 15  DG  B "C5'" 1 
ATOM   228  C "C4'" . DG  A 1 12 ? 1.869   21.926  -6.481  1.00 48.59 ? 15  DG  B "C4'" 1 
ATOM   229  O "O4'" . DG  A 1 12 ? 1.749   20.893  -7.481  1.00 47.68 ? 15  DG  B "O4'" 1 
ATOM   230  C "C3'" . DG  A 1 12 ? 3.169   22.681  -6.791  1.00 48.59 ? 15  DG  B "C3'" 1 
ATOM   231  O "O3'" . DG  A 1 12 ? 4.262   22.235  -5.949  1.00 51.88 ? 15  DG  B "O3'" 1 
ATOM   232  C "C2'" . DG  A 1 12 ? 3.437   22.314  -8.237  1.00 47.17 ? 15  DG  B "C2'" 1 
ATOM   233  C "C1'" . DG  A 1 12 ? 2.929   20.879  -8.261  1.00 45.62 ? 15  DG  B "C1'" 1 
ATOM   234  N N9    . DG  A 1 12 ? 2.605   20.331  -9.582  1.00 42.53 ? 15  DG  B N9    1 
ATOM   235  C C8    . DG  A 1 12 ? 1.965   20.957  -10.597 1.00 41.26 ? 15  DG  B C8    1 
ATOM   236  N N7    . DG  A 1 12 ? 1.818   20.202  -11.656 1.00 40.06 ? 15  DG  B N7    1 
ATOM   237  C C5    . DG  A 1 12 ? 2.402   19.001  -11.320 1.00 39.18 ? 15  DG  B C5    1 
ATOM   238  C C6    . DG  A 1 12 ? 2.523   17.812  -12.082 1.00 39.25 ? 15  DG  B C6    1 
ATOM   239  O O6    . DG  A 1 12 ? 2.076   17.596  -13.259 1.00 40.43 ? 15  DG  B O6    1 
ATOM   240  N N1    . DG  A 1 12 ? 3.199   16.819  -11.383 1.00 35.98 ? 15  DG  B N1    1 
ATOM   241  C C2    . DG  A 1 12 ? 3.671   16.972  -10.089 1.00 38.35 ? 15  DG  B C2    1 
ATOM   242  N N2    . DG  A 1 12 ? 4.288   15.915  -9.554  1.00 36.19 ? 15  DG  B N2    1 
ATOM   243  N N3    . DG  A 1 12 ? 3.539   18.099  -9.353  1.00 38.33 ? 15  DG  B N3    1 
ATOM   244  C C4    . DG  A 1 12 ? 2.901   19.055  -10.038 1.00 40.48 ? 15  DG  B C4    1 
ATOM   245  P P     . DG  A 1 13 ? 5.696   23.030  -5.964  1.00 55.16 ? 16  DG  B P     1 
ATOM   246  O OP1   . DG  A 1 13 ? 5.922   23.415  -4.499  1.00 53.98 ? 16  DG  B OP1   1 
ATOM   247  O OP2   . DG  A 1 13 ? 5.625   24.080  -7.052  1.00 52.86 ? 16  DG  B OP2   1 
ATOM   248  O "O5'" . DG  A 1 13 ? 6.832   22.008  -6.469  1.00 52.79 ? 16  DG  B "O5'" 1 
ATOM   249  C "C5'" . DG  A 1 13 ? 6.454   20.791  -7.099  1.00 51.86 ? 16  DG  B "C5'" 1 
ATOM   250  C "C4'" . DG  A 1 13 ? 7.635   19.870  -7.311  1.00 49.98 ? 16  DG  B "C4'" 1 
ATOM   251  O "O4'" . DG  A 1 13 ? 7.216   18.959  -8.361  1.00 49.19 ? 16  DG  B "O4'" 1 
ATOM   252  C "C3'" . DG  A 1 13 ? 8.845   20.565  -7.891  1.00 50.09 ? 16  DG  B "C3'" 1 
ATOM   253  O "O3'" . DG  A 1 13 ? 9.982   19.695  -7.741  1.00 50.69 ? 16  DG  B "O3'" 1 
ATOM   254  C "C2'" . DG  A 1 13 ? 8.473   20.641  -9.354  1.00 49.26 ? 16  DG  B "C2'" 1 
ATOM   255  C "C1'" . DG  A 1 13 ? 7.903   19.236  -9.551  1.00 47.40 ? 16  DG  B "C1'" 1 
ATOM   256  N N9    . DG  A 1 13 ? 6.989   19.089  -10.694 1.00 44.06 ? 16  DG  B N9    1 
ATOM   257  C C8    . DG  A 1 13 ? 6.096   20.034  -11.209 1.00 41.67 ? 16  DG  B C8    1 
ATOM   258  N N7    . DG  A 1 13 ? 5.498   19.624  -12.310 1.00 40.07 ? 16  DG  B N7    1 
ATOM   259  C C5    . DG  A 1 13 ? 6.004   18.341  -12.547 1.00 39.11 ? 16  DG  B C5    1 
ATOM   260  C C6    . DG  A 1 13 ? 5.718   17.404  -13.612 1.00 38.58 ? 16  DG  B C6    1 
ATOM   261  O O6    . DG  A 1 13 ? 4.957   17.518  -14.596 1.00 38.38 ? 16  DG  B O6    1 
ATOM   262  N N1    . DG  A 1 13 ? 6.387   16.223  -13.440 1.00 36.57 ? 16  DG  B N1    1 
ATOM   263  C C2    . DG  A 1 13 ? 7.226   15.923  -12.386 1.00 38.69 ? 16  DG  B C2    1 
ATOM   264  N N2    . DG  A 1 13 ? 7.688   14.664  -12.421 1.00 37.69 ? 16  DG  B N2    1 
ATOM   265  N N3    . DG  A 1 13 ? 7.563   16.788  -11.373 1.00 37.99 ? 16  DG  B N3    1 
ATOM   266  C C4    . DG  A 1 13 ? 6.900   17.970  -11.526 1.00 41.20 ? 16  DG  B C4    1 
ATOM   267  P P     . DT  B 2 1  ? 6.638   14.323  -24.030 1.00 72.36 ? 17  DT  C P     1 
ATOM   268  O OP1   . DT  B 2 1  ? 8.028   13.663  -24.392 1.00 72.36 ? 17  DT  C OP1   1 
ATOM   269  O OP2   . DT  B 2 1  ? 6.012   15.337  -25.027 1.00 72.36 ? 17  DT  C OP2   1 
ATOM   270  O "O5'" . DT  B 2 1  ? 7.190   15.115  -22.756 1.00 72.36 ? 17  DT  C "O5'" 1 
ATOM   271  C "C5'" . DT  B 2 1  ? 7.707   14.396  -21.682 1.00 70.25 ? 17  DT  C "C5'" 1 
ATOM   272  C "C4'" . DT  B 2 1  ? 6.574   14.151  -20.736 1.00 69.91 ? 17  DT  C "C4'" 1 
ATOM   273  O "O4'" . DT  B 2 1  ? 6.217   15.474  -20.289 1.00 69.45 ? 17  DT  C "O4'" 1 
ATOM   274  C "C3'" . DT  B 2 1  ? 5.317   13.543  -21.394 1.00 68.91 ? 17  DT  C "C3'" 1 
ATOM   275  O "O3'" . DT  B 2 1  ? 4.685   12.627  -20.491 1.00 67.73 ? 17  DT  C "O3'" 1 
ATOM   276  C "C2'" . DT  B 2 1  ? 4.421   14.747  -21.625 1.00 68.52 ? 17  DT  C "C2'" 1 
ATOM   277  C "C1'" . DT  B 2 1  ? 4.833   15.678  -20.483 1.00 69.41 ? 17  DT  C "C1'" 1 
ATOM   278  N N1    . DT  B 2 1  ? 4.611   17.129  -20.677 1.00 69.59 ? 17  DT  C N1    1 
ATOM   279  C C2    . DT  B 2 1  ? 5.116   18.039  -19.747 1.00 69.97 ? 17  DT  C C2    1 
ATOM   280  O O2    . DT  B 2 1  ? 5.866   17.737  -18.828 1.00 70.18 ? 17  DT  C O2    1 
ATOM   281  N N3    . DT  B 2 1  ? 4.718   19.335  -19.956 1.00 69.85 ? 17  DT  C N3    1 
ATOM   282  C C4    . DT  B 2 1  ? 3.926   19.809  -20.980 1.00 69.22 ? 17  DT  C C4    1 
ATOM   283  O O4    . DT  B 2 1  ? 3.590   20.977  -21.000 1.00 68.77 ? 17  DT  C O4    1 
ATOM   284  C C5    . DT  B 2 1  ? 3.533   18.836  -21.954 1.00 69.69 ? 17  DT  C C5    1 
ATOM   285  C C7    . DT  B 2 1  ? 2.770   19.287  -23.163 1.00 69.75 ? 17  DT  C C7    1 
ATOM   286  C C6    . DT  B 2 1  ? 3.878   17.558  -21.750 1.00 69.72 ? 17  DT  C C6    1 
ATOM   287  P P     . DC  B 2 2  ? 4.771   11.040  -20.756 1.00 66.83 ? 18  DC  C P     1 
ATOM   288  O OP1   . DC  B 2 2  ? 5.536   10.775  -22.012 1.00 66.63 ? 18  DC  C OP1   1 
ATOM   289  O OP2   . DC  B 2 2  ? 3.367   10.534  -20.606 1.00 65.18 ? 18  DC  C OP2   1 
ATOM   290  O "O5'" . DC  B 2 2  ? 5.650   10.474  -19.553 1.00 65.05 ? 18  DC  C "O5'" 1 
ATOM   291  C "C5'" . DC  B 2 2  ? 7.089   10.582  -19.510 1.00 62.81 ? 18  DC  C "C5'" 1 
ATOM   292  C "C4'" . DC  B 2 2  ? 7.562   10.286  -18.102 1.00 60.77 ? 18  DC  C "C4'" 1 
ATOM   293  O "O4'" . DC  B 2 2  ? 7.712   11.506  -17.337 1.00 59.64 ? 18  DC  C "O4'" 1 
ATOM   294  C "C3'" . DC  B 2 2  ? 6.535   9.444   -17.340 1.00 59.92 ? 18  DC  C "C3'" 1 
ATOM   295  O "O3'" . DC  B 2 2  ? 7.159   8.537   -16.430 1.00 59.61 ? 18  DC  C "O3'" 1 
ATOM   296  C "C2'" . DC  B 2 2  ? 5.727   10.464  -16.564 1.00 59.13 ? 18  DC  C "C2'" 1 
ATOM   297  C "C1'" . DC  B 2 2  ? 6.726   11.584  -16.318 1.00 58.14 ? 18  DC  C "C1'" 1 
ATOM   298  N N1    . DC  B 2 2  ? 6.037   12.878  -16.420 1.00 56.80 ? 18  DC  C N1    1 
ATOM   299  C C2    . DC  B 2 2  ? 6.288   13.837  -15.441 1.00 55.60 ? 18  DC  C C2    1 
ATOM   300  O O2    . DC  B 2 2  ? 7.197   13.616  -14.653 1.00 55.84 ? 18  DC  C O2    1 
ATOM   301  N N3    . DC  B 2 2  ? 5.540   14.969  -15.396 1.00 54.61 ? 18  DC  C N3    1 
ATOM   302  C C4    . DC  B 2 2  ? 4.572   15.161  -16.308 1.00 55.23 ? 18  DC  C C4    1 
ATOM   303  N N4    . DC  B 2 2  ? 3.791   16.248  -16.197 1.00 54.85 ? 18  DC  C N4    1 
ATOM   304  C C5    . DC  B 2 2  ? 4.346   14.234  -17.377 1.00 55.53 ? 18  DC  C C5    1 
ATOM   305  C C6    . DC  B 2 2  ? 5.110   13.115  -17.403 1.00 55.92 ? 18  DC  C C6    1 
ATOM   306  P P     . DC  B 2 3  ? 6.254   7.504   -15.571 1.00 58.95 ? 19  DC  C P     1 
ATOM   307  O OP1   . DC  B 2 3  ? 7.297   6.482   -15.310 1.00 57.17 ? 19  DC  C OP1   1 
ATOM   308  O OP2   . DC  B 2 3  ? 4.938   7.093   -16.224 1.00 57.41 ? 19  DC  C OP2   1 
ATOM   309  O "O5'" . DC  B 2 3  ? 5.907   8.363   -14.254 1.00 54.74 ? 19  DC  C "O5'" 1 
ATOM   310  C "C5'" . DC  B 2 3  ? 6.886   8.479   -13.249 1.00 49.84 ? 19  DC  C "C5'" 1 
ATOM   311  C "C4'" . DC  B 2 3  ? 6.436   9.405   -12.150 1.00 46.01 ? 19  DC  C "C4'" 1 
ATOM   312  O "O4'" . DC  B 2 3  ? 6.240   10.732  -12.704 1.00 44.48 ? 19  DC  C "O4'" 1 
ATOM   313  C "C3'" . DC  B 2 3  ? 5.116   9.022   -11.493 1.00 42.91 ? 19  DC  C "C3'" 1 
ATOM   314  O "O3'" . DC  B 2 3  ? 5.235   8.749   -10.145 1.00 39.11 ? 19  DC  C "O3'" 1 
ATOM   315  C "C2'" . DC  B 2 3  ? 4.342   10.307  -11.510 1.00 44.09 ? 19  DC  C "C2'" 1 
ATOM   316  C "C1'" . DC  B 2 3  ? 5.380   11.370  -11.844 1.00 42.40 ? 19  DC  C "C1'" 1 
ATOM   317  N N1    . DC  B 2 3  ? 4.634   12.347  -12.594 1.00 41.16 ? 19  DC  C N1    1 
ATOM   318  C C2    . DC  B 2 3  ? 4.427   13.613  -11.993 1.00 38.93 ? 19  DC  C C2    1 
ATOM   319  O O2    . DC  B 2 3  ? 5.106   13.899  -11.012 1.00 37.03 ? 19  DC  C O2    1 
ATOM   320  N N3    . DC  B 2 3  ? 3.514   14.455  -12.525 1.00 37.46 ? 19  DC  C N3    1 
ATOM   321  C C4    . DC  B 2 3  ? 2.861   14.100  -13.630 1.00 37.20 ? 19  DC  C C4    1 
ATOM   322  N N4    . DC  B 2 3  ? 1.935   14.912  -14.073 1.00 35.33 ? 19  DC  C N4    1 
ATOM   323  C C5    . DC  B 2 3  ? 3.144   12.846  -14.330 1.00 38.46 ? 19  DC  C C5    1 
ATOM   324  C C6    . DC  B 2 3  ? 4.038   12.026  -13.790 1.00 38.75 ? 19  DC  C C6    1 
ATOM   325  P P     . DT  B 2 4  ? 4.059   7.957   -9.397  1.00 36.08 ? 20  DT  C P     1 
ATOM   326  O OP1   . DT  B 2 4  ? 4.573   6.706   -8.877  1.00 36.88 ? 20  DT  C OP1   1 
ATOM   327  O OP2   . DT  B 2 4  ? 2.777   7.952   -10.148 1.00 35.51 ? 20  DT  C OP2   1 
ATOM   328  O "O5'" . DT  B 2 4  ? 3.908   8.888   -8.120  1.00 37.28 ? 20  DT  C "O5'" 1 
ATOM   329  C "C5'" . DT  B 2 4  ? 5.039   9.239   -7.387  1.00 33.18 ? 20  DT  C "C5'" 1 
ATOM   330  C "C4'" . DT  B 2 4  ? 4.777   10.511  -6.633  1.00 33.17 ? 20  DT  C "C4'" 1 
ATOM   331  O "O4'" . DT  B 2 4  ? 4.698   11.592  -7.596  1.00 33.62 ? 20  DT  C "O4'" 1 
ATOM   332  C "C3'" . DT  B 2 4  ? 3.469   10.571  -5.850  1.00 32.45 ? 20  DT  C "C3'" 1 
ATOM   333  O "O3'" . DT  B 2 4  ? 3.636   10.327  -4.468  1.00 31.76 ? 20  DT  C "O3'" 1 
ATOM   334  C "C2'" . DT  B 2 4  ? 2.999   12.011  -6.002  1.00 32.82 ? 20  DT  C "C2'" 1 
ATOM   335  C "C1'" . DT  B 2 4  ? 3.739   12.573  -7.192  1.00 32.87 ? 20  DT  C "C1'" 1 
ATOM   336  N N1    . DT  B 2 4  ? 2.739   12.781  -8.338  1.00 33.50 ? 20  DT  C N1    1 
ATOM   337  C C2    . DT  B 2 4  ? 2.036   13.955  -8.316  1.00 34.66 ? 20  DT  C C2    1 
ATOM   338  O O2    . DT  B 2 4  ? 2.073   14.683  -7.372  1.00 35.79 ? 20  DT  C O2    1 
ATOM   339  N N3    . DT  B 2 4  ? 1.253   14.224  -9.416  1.00 34.72 ? 20  DT  C N3    1 
ATOM   340  C C4    . DT  B 2 4  ? 1.007   13.369  -10.494 1.00 35.49 ? 20  DT  C C4    1 
ATOM   341  O O4    . DT  B 2 4  ? 0.244   13.742  -11.435 1.00 35.27 ? 20  DT  C O4    1 
ATOM   342  C C5    . DT  B 2 4  ? 1.698   12.053  -10.396 1.00 34.12 ? 20  DT  C C5    1 
ATOM   343  C C7    . DT  B 2 4  ? 1.398   10.993  -11.419 1.00 34.18 ? 20  DT  C C7    1 
ATOM   344  C C6    . DT  B 2 4  ? 2.541   11.853  -9.357  1.00 34.53 ? 20  DT  C C6    1 
ATOM   345  P P     . DT  B 2 5  ? 2.429   9.742   -3.656  1.00 27.56 ? 21  DT  C P     1 
ATOM   346  O OP1   . DT  B 2 5  ? 3.060   9.332   -2.471  1.00 27.06 ? 21  DT  C OP1   1 
ATOM   347  O OP2   . DT  B 2 5  ? 1.685   8.753   -4.458  1.00 26.52 ? 21  DT  C OP2   1 
ATOM   348  O "O5'" . DT  B 2 5  ? 1.506   11.067  -3.465  1.00 27.48 ? 21  DT  C "O5'" 1 
ATOM   349  C "C5'" . DT  B 2 5  ? 1.886   12.095  -2.596  1.00 27.70 ? 21  DT  C "C5'" 1 
ATOM   350  C "C4'" . DT  B 2 5  ? 0.893   13.248  -2.591  1.00 29.66 ? 21  DT  C "C4'" 1 
ATOM   351  O "O4'" . DT  B 2 5  ? 0.818   13.892  -3.893  1.00 29.00 ? 21  DT  C "O4'" 1 
ATOM   352  C "C3'" . DT  B 2 5  ? -0.526  12.824  -2.237  1.00 31.54 ? 21  DT  C "C3'" 1 
ATOM   353  O "O3'" . DT  B 2 5  ? -1.001  13.312  -1.039  1.00 33.06 ? 21  DT  C "O3'" 1 
ATOM   354  C "C2'" . DT  B 2 5  ? -1.407  13.343  -3.337  1.00 32.17 ? 21  DT  C "C2'" 1 
ATOM   355  C "C1'" . DT  B 2 5  ? -0.514  14.150  -4.264  1.00 30.25 ? 21  DT  C "C1'" 1 
ATOM   356  N N1    . DT  B 2 5  ? -0.744  13.584  -5.612  1.00 30.22 ? 21  DT  C N1    1 
ATOM   357  C C2    . DT  B 2 5  ? -1.384  14.393  -6.496  1.00 31.44 ? 21  DT  C C2    1 
ATOM   358  O O2    . DT  B 2 5  ? -1.713  15.548  -6.170  1.00 33.46 ? 21  DT  C O2    1 
ATOM   359  N N3    . DT  B 2 5  ? -1.661  13.813  -7.757  1.00 29.38 ? 21  DT  C N3    1 
ATOM   360  C C4    . DT  B 2 5  ? -1.336  12.481  -8.150  1.00 28.13 ? 21  DT  C C4    1 
ATOM   361  O O4    . DT  B 2 5  ? -1.661  12.064  -9.265  1.00 26.63 ? 21  DT  C O4    1 
ATOM   362  C C5    . DT  B 2 5  ? -0.628  11.688  -7.141  1.00 27.02 ? 21  DT  C C5    1 
ATOM   363  C C7    . DT  B 2 5  ? -0.193  10.271  -7.461  1.00 24.05 ? 21  DT  C C7    1 
ATOM   364  C C6    . DT  B 2 5  ? -0.382  12.284  -5.943  1.00 29.28 ? 21  DT  C C6    1 
ATOM   365  P P     . DC  B 2 6  ? -2.349  12.711  -0.484  1.00 33.90 ? 22  DC  C P     1 
ATOM   366  O OP1   . DC  B 2 6  ? -2.286  12.886  0.991   1.00 34.55 ? 22  DC  C OP1   1 
ATOM   367  O OP2   . DC  B 2 6  ? -2.546  11.308  -1.066  1.00 35.17 ? 22  DC  C OP2   1 
ATOM   368  O "O5'" . DC  B 2 6  ? -3.437  13.649  -1.134  1.00 36.13 ? 22  DC  C "O5'" 1 
ATOM   369  C "C5'" . DC  B 2 6  ? -3.381  15.078  -0.917  1.00 37.31 ? 22  DC  C "C5'" 1 
ATOM   370  C "C4'" . DC  B 2 6  ? -4.544  15.727  -1.620  1.00 38.70 ? 22  DC  C "C4'" 1 
ATOM   371  O "O4'" . DC  B 2 6  ? -4.401  15.426  -3.023  1.00 40.07 ? 22  DC  C "O4'" 1 
ATOM   372  C "C3'" . DC  B 2 6  ? -5.930  15.166  -1.228  1.00 40.24 ? 22  DC  C "C3'" 1 
ATOM   373  O "O3'" . DC  B 2 6  ? -6.881  16.174  -1.400  1.00 43.13 ? 22  DC  C "O3'" 1 
ATOM   374  C "C2'" . DC  B 2 6  ? -6.262  14.181  -2.327  1.00 39.02 ? 22  DC  C "C2'" 1 
ATOM   375  C "C1'" . DC  B 2 6  ? -5.604  14.806  -3.524  1.00 38.79 ? 22  DC  C "C1'" 1 
ATOM   376  N N1    . DC  B 2 6  ? -5.177  13.771  -4.486  1.00 40.24 ? 22  DC  C N1    1 
ATOM   377  C C2    . DC  B 2 6  ? -5.444  13.973  -5.856  1.00 39.78 ? 22  DC  C C2    1 
ATOM   378  O O2    . DC  B 2 6  ? -5.989  15.037  -6.164  1.00 41.14 ? 22  DC  C O2    1 
ATOM   379  N N3    . DC  B 2 6  ? -5.083  13.020  -6.786  1.00 37.44 ? 22  DC  C N3    1 
ATOM   380  C C4    . DC  B 2 6  ? -4.425  11.928  -6.366  1.00 37.69 ? 22  DC  C C4    1 
ATOM   381  N N4    . DC  B 2 6  ? -3.999  11.027  -7.292  1.00 37.48 ? 22  DC  C N4    1 
ATOM   382  C C5    . DC  B 2 6  ? -4.138  11.699  -4.964  1.00 38.34 ? 22  DC  C C5    1 
ATOM   383  C C6    . DC  B 2 6  ? -4.528  12.637  -4.066  1.00 38.53 ? 22  DC  C C6    1 
ATOM   384  P P     . DA  B 2 7  ? -8.105  16.292  -0.398  1.00 47.05 ? 23  DA  C P     1 
ATOM   385  O OP1   . DA  B 2 7  ? -8.007  17.772  0.054   1.00 44.89 ? 23  DA  C OP1   1 
ATOM   386  O OP2   . DA  B 2 7  ? -8.137  15.200  0.592   1.00 45.52 ? 23  DA  C OP2   1 
ATOM   387  O "O5'" . DA  B 2 7  ? -9.359  16.192  -1.353  1.00 43.78 ? 23  DA  C "O5'" 1 
ATOM   388  C "C5'" . DA  B 2 7  ? -9.459  17.143  -2.339  1.00 42.76 ? 23  DA  C "C5'" 1 
ATOM   389  C "C4'" . DA  B 2 7  ? -10.359 16.668  -3.434  1.00 41.14 ? 23  DA  C "C4'" 1 
ATOM   390  O "O4'" . DA  B 2 7  ? -9.659  15.830  -4.349  1.00 39.25 ? 23  DA  C "O4'" 1 
ATOM   391  C "C3'" . DA  B 2 7  ? -11.573 15.898  -2.959  1.00 41.35 ? 23  DA  C "C3'" 1 
ATOM   392  O "O3'" . DA  B 2 7  ? -12.670 16.665  -3.404  1.00 41.80 ? 23  DA  C "O3'" 1 
ATOM   393  C "C2'" . DA  B 2 7  ? -11.440 14.531  -3.640  1.00 39.33 ? 23  DA  C "C2'" 1 
ATOM   394  C "C1'" . DA  B 2 7  ? -10.517 14.811  -4.814  1.00 38.68 ? 23  DA  C "C1'" 1 
ATOM   395  N N9    . DA  B 2 7  ? -9.663  13.672  -5.165  1.00 36.99 ? 23  DA  C N9    1 
ATOM   396  C C8    . DA  B 2 7  ? -8.924  12.990  -4.240  1.00 35.16 ? 23  DA  C C8    1 
ATOM   397  N N7    . DA  B 2 7  ? -8.253  11.977  -4.743  1.00 34.36 ? 23  DA  C N7    1 
ATOM   398  C C5    . DA  B 2 7  ? -8.538  12.010  -6.090  1.00 33.03 ? 23  DA  C C5    1 
ATOM   399  C C6    . DA  B 2 7  ? -8.102  11.192  -7.165  1.00 32.26 ? 23  DA  C C6    1 
ATOM   400  N N6    . DA  B 2 7  ? -7.233  10.185  -7.031  1.00 31.14 ? 23  DA  C N6    1 
ATOM   401  N N1    . DA  B 2 7  ? -8.591  11.457  -8.399  1.00 32.53 ? 23  DA  C N1    1 
ATOM   402  C C2    . DA  B 2 7  ? -9.445  12.478  -8.520  1.00 34.37 ? 23  DA  C C2    1 
ATOM   403  N N3    . DA  B 2 7  ? -9.920  13.336  -7.556  1.00 34.68 ? 23  DA  C N3    1 
ATOM   404  C C4    . DA  B 2 7  ? -9.413  13.048  -6.367  1.00 34.01 ? 23  DA  C C4    1 
ATOM   405  P P     . DA  B 2 8  ? -14.142 16.172  -3.112  1.00 42.74 ? 24  DA  C P     1 
ATOM   406  O OP1   . DA  B 2 8  ? -15.009 17.429  -3.162  1.00 42.33 ? 24  DA  C OP1   1 
ATOM   407  O OP2   . DA  B 2 8  ? -14.086 15.343  -1.871  1.00 41.41 ? 24  DA  C OP2   1 
ATOM   408  O "O5'" . DA  B 2 8  ? -14.433 15.289  -4.419  1.00 41.27 ? 24  DA  C "O5'" 1 
ATOM   409  C "C5'" . DA  B 2 8  ? -14.295 15.885  -5.681  1.00 38.54 ? 24  DA  C "C5'" 1 
ATOM   410  C "C4'" . DA  B 2 8  ? -14.566 14.862  -6.752  1.00 38.56 ? 24  DA  C "C4'" 1 
ATOM   411  O "O4'" . DA  B 2 8  ? -13.488 13.910  -6.854  1.00 37.31 ? 24  DA  C "O4'" 1 
ATOM   412  C "C3'" . DA  B 2 8  ? -15.838 14.046  -6.541  1.00 38.98 ? 24  DA  C "C3'" 1 
ATOM   413  O "O3'" . DA  B 2 8  ? -16.528 14.083  -7.790  1.00 39.82 ? 24  DA  C "O3'" 1 
ATOM   414  C "C2'" . DA  B 2 8  ? -15.332 12.645  -6.219  1.00 38.55 ? 24  DA  C "C2'" 1 
ATOM   415  C "C1'" . DA  B 2 8  ? -13.998 12.608  -6.950  1.00 36.53 ? 24  DA  C "C1'" 1 
ATOM   416  N N9    . DA  B 2 8  ? -12.977 11.681  -6.427  1.00 34.10 ? 24  DA  C N9    1 
ATOM   417  C C8    . DA  B 2 8  ? -12.585 11.464  -5.127  1.00 32.86 ? 24  DA  C C8    1 
ATOM   418  N N7    . DA  B 2 8  ? -11.684 10.514  -5.000  1.00 31.40 ? 24  DA  C N7    1 
ATOM   419  C C5    . DA  B 2 8  ? -11.449 10.082  -6.308  1.00 30.23 ? 24  DA  C C5    1 
ATOM   420  C C6    . DA  B 2 8  ? -10.575 9.053   -6.866  1.00 28.93 ? 24  DA  C C6    1 
ATOM   421  N N6    . DA  B 2 8  ? -9.720  8.331   -6.150  1.00 28.01 ? 24  DA  C N6    1 
ATOM   422  N N1    . DA  B 2 8  ? -10.609 8.847   -8.185  1.00 27.42 ? 24  DA  C N1    1 
ATOM   423  C C2    . DA  B 2 8  ? -11.400 9.644   -8.922  1.00 29.11 ? 24  DA  C C2    1 
ATOM   424  N N3    . DA  B 2 8  ? -12.224 10.664  -8.524  1.00 30.06 ? 24  DA  C N3    1 
ATOM   425  C C4    . DA  B 2 8  ? -12.215 10.807  -7.192  1.00 31.42 ? 24  DA  C C4    1 
ATOM   426  P P     . DT  B 2 9  ? -17.962 13.407  -7.932  1.00 39.47 ? 25  DT  C P     1 
ATOM   427  O OP1   . DT  B 2 9  ? -18.540 14.407  -8.877  1.00 40.22 ? 25  DT  C OP1   1 
ATOM   428  O OP2   . DT  B 2 9  ? -18.516 13.118  -6.623  1.00 36.99 ? 25  DT  C OP2   1 
ATOM   429  O "O5'" . DT  B 2 9  ? -17.673 12.059  -8.761  1.00 37.90 ? 25  DT  C "O5'" 1 
ATOM   430  C "C5'" . DT  B 2 9  ? -16.387 11.917  -9.295  1.00 37.57 ? 25  DT  C "C5'" 1 
ATOM   431  C "C4'" . DT  B 2 9  ? -16.299 10.752  -10.234 1.00 37.39 ? 25  DT  C "C4'" 1 
ATOM   432  O "O4'" . DT  B 2 9  ? -15.210 9.988   -9.692  1.00 35.43 ? 25  DT  C "O4'" 1 
ATOM   433  C "C3'" . DT  B 2 9  ? -17.519 9.830   -10.300 1.00 38.35 ? 25  DT  C "C3'" 1 
ATOM   434  O "O3'" . DT  B 2 9  ? -17.690 9.494   -11.684 1.00 40.33 ? 25  DT  C "O3'" 1 
ATOM   435  C "C2'" . DT  B 2 9  ? -17.152 8.691   -9.351  1.00 36.95 ? 25  DT  C "C2'" 1 
ATOM   436  C "C1'" . DT  B 2 9  ? -15.611 8.704   -9.359  1.00 36.22 ? 25  DT  C "C1'" 1 
ATOM   437  N N1    . DT  B 2 9  ? -14.886 8.296   -8.105  1.00 34.19 ? 25  DT  C N1    1 
ATOM   438  C C2    . DT  B 2 9  ? -13.895 7.359   -8.293  1.00 33.04 ? 25  DT  C C2    1 
ATOM   439  O O2    . DT  B 2 9  ? -13.577 6.968   -9.369  1.00 32.20 ? 25  DT  C O2    1 
ATOM   440  N N3    . DT  B 2 9  ? -13.297 6.914   -7.166  1.00 32.40 ? 25  DT  C N3    1 
ATOM   441  C C4    . DT  B 2 9  ? -13.516 7.343   -5.902  1.00 33.20 ? 25  DT  C C4    1 
ATOM   442  O O4    . DT  B 2 9  ? -12.816 6.925   -5.033  1.00 34.51 ? 25  DT  C O4    1 
ATOM   443  C C5    . DT  B 2 9  ? -14.573 8.359   -5.742  1.00 33.52 ? 25  DT  C C5    1 
ATOM   444  C C7    . DT  B 2 9  ? -14.902 8.865   -4.362  1.00 34.50 ? 25  DT  C C7    1 
ATOM   445  C C6    . DT  B 2 9  ? -15.188 8.786   -6.849  1.00 33.24 ? 25  DT  C C6    1 
ATOM   446  P P     . DT  B 2 10 ? -18.741 8.374   -12.141 1.00 41.09 ? 26  DT  C P     1 
ATOM   447  O OP1   . DT  B 2 10 ? -18.911 8.556   -13.592 1.00 41.41 ? 26  DT  C OP1   1 
ATOM   448  O OP2   . DT  B 2 10 ? -19.885 8.178   -11.248 1.00 40.56 ? 26  DT  C OP2   1 
ATOM   449  O "O5'" . DT  B 2 10 ? -17.885 7.047   -12.084 1.00 39.81 ? 26  DT  C "O5'" 1 
ATOM   450  C "C5'" . DT  B 2 10 ? -16.785 6.862   -12.960 1.00 36.57 ? 26  DT  C "C5'" 1 
ATOM   451  C "C4'" . DT  B 2 10 ? -16.347 5.414   -12.861 1.00 36.42 ? 26  DT  C "C4'" 1 
ATOM   452  O "O4'" . DT  B 2 10 ? -15.735 5.133   -11.579 1.00 35.85 ? 26  DT  C "O4'" 1 
ATOM   453  C "C3'" . DT  B 2 10 ? -17.486 4.406   -12.936 1.00 36.29 ? 26  DT  C "C3'" 1 
ATOM   454  O "O3'" . DT  B 2 10 ? -16.949 3.301   -13.645 1.00 36.31 ? 26  DT  C "O3'" 1 
ATOM   455  C "C2'" . DT  B 2 10 ? -17.763 4.026   -11.472 1.00 34.16 ? 26  DT  C "C2'" 1 
ATOM   456  C "C1'" . DT  B 2 10 ? -16.374 4.070   -10.917 1.00 33.66 ? 26  DT  C "C1'" 1 
ATOM   457  N N1    . DT  B 2 10 ? -16.159 4.269   -9.470  1.00 32.87 ? 26  DT  C N1    1 
ATOM   458  C C2    . DT  B 2 10 ? -15.070 3.596   -8.959  1.00 33.24 ? 26  DT  C C2    1 
ATOM   459  O O2    . DT  B 2 10 ? -14.426 2.811   -9.656  1.00 34.04 ? 26  DT  C O2    1 
ATOM   460  N N3    . DT  B 2 10 ? -14.805 3.820   -7.636  1.00 31.63 ? 26  DT  C N3    1 
ATOM   461  C C4    . DT  B 2 10 ? -15.551 4.587   -6.768  1.00 32.25 ? 26  DT  C C4    1 
ATOM   462  O O4    . DT  B 2 10 ? -15.209 4.719   -5.568  1.00 31.16 ? 26  DT  C O4    1 
ATOM   463  C C5    . DT  B 2 10 ? -16.734 5.224   -7.376  1.00 31.87 ? 26  DT  C C5    1 
ATOM   464  C C7    . DT  B 2 10 ? -17.644 6.046   -6.506  1.00 30.78 ? 26  DT  C C7    1 
ATOM   465  C C6    . DT  B 2 10 ? -16.948 5.048   -8.683  1.00 31.51 ? 26  DT  C C6    1 
ATOM   466  P P     . DA  B 2 11 ? -17.930 2.211   -14.231 1.00 36.34 ? 27  DA  C P     1 
ATOM   467  O OP1   . DA  B 2 11 ? -17.339 1.895   -15.538 1.00 33.92 ? 27  DA  C OP1   1 
ATOM   468  O OP2   . DA  B 2 11 ? -19.287 2.815   -14.077 1.00 34.21 ? 27  DA  C OP2   1 
ATOM   469  O "O5'" . DA  B 2 11 ? -17.699 1.027   -13.217 1.00 37.97 ? 27  DA  C "O5'" 1 
ATOM   470  C "C5'" . DA  B 2 11 ? -16.381 0.498   -13.051 1.00 38.79 ? 27  DA  C "C5'" 1 
ATOM   471  C "C4'" . DA  B 2 11 ? -16.366 -0.489  -11.901 1.00 39.93 ? 27  DA  C "C4'" 1 
ATOM   472  O "O4'" . DA  B 2 11 ? -16.315 0.154   -10.584 1.00 38.18 ? 27  DA  C "O4'" 1 
ATOM   473  C "C3'" . DA  B 2 11 ? -17.576 -1.445  -11.870 1.00 40.27 ? 27  DA  C "C3'" 1 
ATOM   474  O "O3'" . DA  B 2 11 ? -17.039 -2.730  -11.595 1.00 42.51 ? 27  DA  C "O3'" 1 
ATOM   475  C "C2'" . DA  B 2 11 ? -18.389 -0.941  -10.672 1.00 38.60 ? 27  DA  C "C2'" 1 
ATOM   476  C "C1'" . DA  B 2 11 ? -17.288 -0.451  -9.730  1.00 36.92 ? 27  DA  C "C1'" 1 
ATOM   477  N N9    . DA  B 2 11 ? -17.663 0.511   -8.690  1.00 35.59 ? 27  DA  C N9    1 
ATOM   478  C C8    . DA  B 2 11 ? -18.672 1.457   -8.702  1.00 35.34 ? 27  DA  C C8    1 
ATOM   479  N N7    . DA  B 2 11 ? -18.739 2.161   -7.586  1.00 32.40 ? 27  DA  C N7    1 
ATOM   480  C C5    . DA  B 2 11 ? -17.730 1.652   -6.794  1.00 32.98 ? 27  DA  C C5    1 
ATOM   481  C C6    . DA  B 2 11 ? -17.276 1.961   -5.479  1.00 33.25 ? 27  DA  C C6    1 
ATOM   482  N N6    . DA  B 2 11 ? -17.826 2.875   -4.663  1.00 33.30 ? 27  DA  C N6    1 
ATOM   483  N N1    . DA  B 2 11 ? -16.226 1.274   -5.013  1.00 33.21 ? 27  DA  C N1    1 
ATOM   484  C C2    . DA  B 2 11 ? -15.677 0.345   -5.789  1.00 33.11 ? 27  DA  C C2    1 
ATOM   485  N N3    . DA  B 2 11 ? -15.996 -0.038  -6.999  1.00 32.87 ? 27  DA  C N3    1 
ATOM   486  C C4    . DA  B 2 11 ? -17.037 0.646   -7.457  1.00 34.08 ? 27  DA  C C4    1 
ATOM   487  P P     . DG  B 2 12 ? -17.698 -4.055  -12.207 1.00 45.43 ? 28  DG  C P     1 
ATOM   488  O OP1   . DG  B 2 12 ? -17.225 -4.216  -13.596 1.00 43.12 ? 28  DG  C OP1   1 
ATOM   489  O OP2   . DG  B 2 12 ? -19.143 -4.041  -11.869 1.00 44.22 ? 28  DG  C OP2   1 
ATOM   490  O "O5'" . DG  B 2 12 ? -17.064 -5.195  -11.299 1.00 44.22 ? 28  DG  C "O5'" 1 
ATOM   491  C "C5'" . DG  B 2 12 ? -15.680 -5.187  -10.991 1.00 44.91 ? 28  DG  C "C5'" 1 
ATOM   492  C "C4'" . DG  B 2 12 ? -15.450 -5.716  -9.594  1.00 45.20 ? 28  DG  C "C4'" 1 
ATOM   493  O "O4'" . DG  B 2 12 ? -15.629 -4.733  -8.540  1.00 43.89 ? 28  DG  C "O4'" 1 
ATOM   494  C "C3'" . DG  B 2 12 ? -16.389 -6.863  -9.265  1.00 46.17 ? 28  DG  C "C3'" 1 
ATOM   495  O "O3'" . DG  B 2 12 ? -15.589 -7.847  -8.662  1.00 51.23 ? 28  DG  C "O3'" 1 
ATOM   496  C "C2'" . DG  B 2 12 ? -17.353 -6.269  -8.258  1.00 43.85 ? 28  DG  C "C2'" 1 
ATOM   497  C "C1'" . DG  B 2 12 ? -16.490 -5.261  -7.529  1.00 42.40 ? 28  DG  C "C1'" 1 
ATOM   498  N N9    . DG  B 2 12 ? -17.252 -4.147  -6.962  1.00 39.67 ? 28  DG  C N9    1 
ATOM   499  C C8    . DG  B 2 12 ? -18.138 -3.396  -7.650  1.00 38.62 ? 28  DG  C C8    1 
ATOM   500  N N7    . DG  B 2 12 ? -18.654 -2.434  -6.938  1.00 38.74 ? 28  DG  C N7    1 
ATOM   501  C C5    . DG  B 2 12 ? -18.091 -2.560  -5.701  1.00 36.81 ? 28  DG  C C5    1 
ATOM   502  C C6    . DG  B 2 12 ? -18.258 -1.746  -4.546  1.00 37.69 ? 28  DG  C C6    1 
ATOM   503  O O6    . DG  B 2 12 ? -18.992 -0.756  -4.414  1.00 38.84 ? 28  DG  C O6    1 
ATOM   504  N N1    . DG  B 2 12 ? -17.462 -2.190  -3.479  1.00 36.74 ? 28  DG  C N1    1 
ATOM   505  C C2    . DG  B 2 12 ? -16.643 -3.318  -3.552  1.00 36.09 ? 28  DG  C C2    1 
ATOM   506  N N2    . DG  B 2 12 ? -16.069 -3.671  -2.435  1.00 35.69 ? 28  DG  C N2    1 
ATOM   507  N N3    . DG  B 2 12 ? -16.454 -4.046  -4.629  1.00 36.21 ? 28  DG  C N3    1 
ATOM   508  C C4    . DG  B 2 12 ? -17.220 -3.619  -5.670  1.00 37.81 ? 28  DG  C C4    1 
ATOM   509  P P     . DT  B 2 13 ? -16.168 -9.326  -8.425  1.00 54.47 ? 29  DT  C P     1 
ATOM   510  O OP1   . DT  B 2 13 ? -14.932 -10.134 -8.683  1.00 53.40 ? 29  DT  C OP1   1 
ATOM   511  O OP2   . DT  B 2 13 ? -17.420 -9.561  -9.215  1.00 54.36 ? 29  DT  C OP2   1 
ATOM   512  O "O5'" . DT  B 2 13 ? -16.560 -9.317  -6.871  1.00 53.68 ? 29  DT  C "O5'" 1 
ATOM   513  C "C5'" . DT  B 2 13 ? -15.589 -8.918  -5.913  1.00 53.91 ? 29  DT  C "C5'" 1 
ATOM   514  C "C4'" . DT  B 2 13 ? -16.103 -9.074  -4.502  1.00 53.60 ? 29  DT  C "C4'" 1 
ATOM   515  O "O4'" . DT  B 2 13 ? -16.621 -7.825  -3.990  1.00 53.33 ? 29  DT  C "O4'" 1 
ATOM   516  C "C3'" . DT  B 2 13 ? -17.143 -10.145 -4.205  1.00 54.43 ? 29  DT  C "C3'" 1 
ATOM   517  O "O3'" . DT  B 2 13 ? -16.663 -10.835 -3.047  1.00 56.67 ? 29  DT  C "O3'" 1 
ATOM   518  C "C2'" . DT  B 2 13 ? -18.405 -9.345  -3.899  1.00 53.16 ? 29  DT  C "C2'" 1 
ATOM   519  C "C1'" . DT  B 2 13 ? -17.869 -8.009  -3.376  1.00 50.89 ? 29  DT  C "C1'" 1 
ATOM   520  N N1    . DT  B 2 13 ? -18.690 -6.846  -3.725  1.00 48.54 ? 29  DT  C N1    1 
ATOM   521  C C2    . DT  B 2 13 ? -18.902 -5.924  -2.730  1.00 47.92 ? 29  DT  C C2    1 
ATOM   522  O O2    . DT  B 2 13 ? -18.396 -6.066  -1.630  1.00 49.79 ? 29  DT  C O2    1 
ATOM   523  N N3    . DT  B 2 13 ? -19.721 -4.859  -3.050  1.00 45.13 ? 29  DT  C N3    1 
ATOM   524  C C4    . DT  B 2 13 ? -20.325 -4.648  -4.268  1.00 46.36 ? 29  DT  C C4    1 
ATOM   525  O O4    . DT  B 2 13 ? -21.052 -3.685  -4.433  1.00 45.46 ? 29  DT  C O4    1 
ATOM   526  C C5    . DT  B 2 13 ? -20.028 -5.662  -5.301  1.00 47.10 ? 29  DT  C C5    1 
ATOM   527  C C7    . DT  B 2 13 ? -20.610 -5.500  -6.669  1.00 46.05 ? 29  DT  C C7    1 
ATOM   528  C C6    . DT  B 2 13 ? -19.226 -6.689  -4.970  1.00 47.16 ? 29  DT  C C6    1 
ATOM   529  P P     . DG  B 2 14 ? -17.599 -11.876 -2.236  1.00 57.47 ? 30  DG  C P     1 
ATOM   530  O OP1   . DG  B 2 14 ? -16.509 -12.695 -1.661  1.00 57.60 ? 30  DG  C OP1   1 
ATOM   531  O OP2   . DG  B 2 14 ? -18.724 -12.501 -2.954  1.00 56.97 ? 30  DG  C OP2   1 
ATOM   532  O "O5'" . DG  B 2 14 ? -18.266 -10.971 -1.129  1.00 57.41 ? 30  DG  C "O5'" 1 
ATOM   533  C "C5'" . DG  B 2 14 ? -17.478 -10.096 -0.330  1.00 57.98 ? 30  DG  C "C5'" 1 
ATOM   534  C "C4'" . DG  B 2 14 ? -18.372 -9.479  0.711   1.00 58.07 ? 30  DG  C "C4'" 1 
ATOM   535  O "O4'" . DG  B 2 14 ? -19.064 -8.321  0.183   1.00 57.25 ? 30  DG  C "O4'" 1 
ATOM   536  C "C3'" . DG  B 2 14 ? -19.460 -10.507 1.017   1.00 58.51 ? 30  DG  C "C3'" 1 
ATOM   537  O "O3'" . DG  B 2 14 ? -19.911 -10.312 2.336   1.00 60.45 ? 30  DG  C "O3'" 1 
ATOM   538  C "C2'" . DG  B 2 14 ? -20.553 -10.147 0.029   1.00 57.37 ? 30  DG  C "C2'" 1 
ATOM   539  C "C1'" . DG  B 2 14 ? -20.452 -8.646  0.149   1.00 56.17 ? 30  DG  C "C1'" 1 
ATOM   540  N N9    . DG  B 2 14 ? -21.133 -7.855  -0.864  1.00 52.81 ? 30  DG  C N9    1 
ATOM   541  C C8    . DG  B 2 14 ? -21.439 -8.166  -2.165  1.00 51.54 ? 30  DG  C C8    1 
ATOM   542  N N7    . DG  B 2 14 ? -22.182 -7.260  -2.737  1.00 50.65 ? 30  DG  C N7    1 
ATOM   543  C C5    . DG  B 2 14 ? -22.333 -6.297  -1.751  1.00 50.24 ? 30  DG  C C5    1 
ATOM   544  C C6    . DG  B 2 14 ? -23.008 -5.089  -1.779  1.00 50.36 ? 30  DG  C C6    1 
ATOM   545  O O6    . DG  B 2 14 ? -23.596 -4.577  -2.757  1.00 50.84 ? 30  DG  C O6    1 
ATOM   546  N N1    . DG  B 2 14 ? -22.927 -4.422  -0.539  1.00 49.69 ? 30  DG  C N1    1 
ATOM   547  C C2    . DG  B 2 14 ? -22.200 -4.869  0.541   1.00 49.41 ? 30  DG  C C2    1 
ATOM   548  N N2    . DG  B 2 14 ? -22.200 -4.121  1.647   1.00 49.21 ? 30  DG  C N2    1 
ATOM   549  N N3    . DG  B 2 14 ? -21.522 -5.981  0.536   1.00 49.21 ? 30  DG  C N3    1 
ATOM   550  C C4    . DG  B 2 14 ? -21.655 -6.644  -0.618  1.00 50.69 ? 30  DG  C C4    1 
ATOM   551  P P     . DA  B 2 15 ? -20.151 -11.578 3.293   1.00 62.12 ? 31  DA  C P     1 
ATOM   552  O OP1   . DA  B 2 15 ? -18.940 -12.409 3.526   1.00 61.23 ? 31  DA  C OP1   1 
ATOM   553  O OP2   . DA  B 2 15 ? -21.423 -12.229 2.804   1.00 60.62 ? 31  DA  C OP2   1 
ATOM   554  O "O5'" . DA  B 2 15 ? -20.399 -10.804 4.638   1.00 60.15 ? 31  DA  C "O5'" 1 
ATOM   555  C "C5'" . DA  B 2 15 ? -21.692 -10.591 5.043   1.00 58.54 ? 31  DA  C "C5'" 1 
ATOM   556  C "C4'" . DA  B 2 15 ? -21.892 -9.140  5.359   1.00 57.97 ? 31  DA  C "C4'" 1 
ATOM   557  O "O4'" . DA  B 2 15 ? -22.071 -8.353  4.147   1.00 56.47 ? 31  DA  C "O4'" 1 
ATOM   558  C "C3'" . DA  B 2 15 ? -23.234 -9.128  6.070   1.00 58.61 ? 31  DA  C "C3'" 1 
ATOM   559  O "O3'" . DA  B 2 15 ? -23.254 -8.298  7.205   1.00 60.73 ? 31  DA  C "O3'" 1 
ATOM   560  C "C2'" . DA  B 2 15 ? -24.231 -8.693  5.022   1.00 56.44 ? 31  DA  C "C2'" 1 
ATOM   561  C "C1'" . DA  B 2 15 ? -23.383 -7.781  4.177   1.00 54.20 ? 31  DA  C "C1'" 1 
ATOM   562  N N9    . DA  B 2 15 ? -23.894 -7.782  2.835   1.00 51.00 ? 31  DA  C N9    1 
ATOM   563  C C8    . DA  B 2 15 ? -23.708 -8.732  1.890   1.00 48.97 ? 31  DA  C C8    1 
ATOM   564  N N7    . DA  B 2 15 ? -24.292 -8.462  0.768   1.00 48.03 ? 31  DA  C N7    1 
ATOM   565  C C5    . DA  B 2 15 ? -24.907 -7.246  0.992   1.00 47.42 ? 31  DA  C C5    1 
ATOM   566  C C6    . DA  B 2 15 ? -25.678 -6.440  0.183   1.00 46.56 ? 31  DA  C C6    1 
ATOM   567  N N6    . DA  B 2 15 ? -25.921 -6.756  -1.067  1.00 45.91 ? 31  DA  C N6    1 
ATOM   568  N N1    . DA  B 2 15 ? -26.178 -5.282  0.706   1.00 46.93 ? 31  DA  C N1    1 
ATOM   569  C C2    . DA  B 2 15 ? -25.857 -4.971  1.963   1.00 47.45 ? 31  DA  C C2    1 
ATOM   570  N N3    . DA  B 2 15 ? -25.101 -5.660  2.825   1.00 48.52 ? 31  DA  C N3    1 
ATOM   571  C C4    . DA  B 2 15 ? -24.669 -6.811  2.263   1.00 48.73 ? 31  DA  C C4    1 
ATOM   572  P P     . DC  B 2 16 ? -24.443 -8.512  8.228   1.00 62.34 ? 32  DC  C P     1 
ATOM   573  O OP1   . DC  B 2 16 ? -24.150 -7.803  9.529   1.00 62.96 ? 32  DC  C OP1   1 
ATOM   574  O OP2   . DC  B 2 16 ? -24.710 -9.988  8.188   1.00 61.78 ? 32  DC  C OP2   1 
ATOM   575  O "O5'" . DC  B 2 16 ? -25.626 -7.699  7.563   1.00 61.48 ? 32  DC  C "O5'" 1 
ATOM   576  C "C5'" . DC  B 2 16 ? -25.659 -6.303  7.721   1.00 58.70 ? 32  DC  C "C5'" 1 
ATOM   577  C "C4'" . DC  B 2 16 ? -27.018 -5.796  7.339   1.00 57.75 ? 32  DC  C "C4'" 1 
ATOM   578  O "O4'" . DC  B 2 16 ? -27.146 -5.773  5.907   1.00 55.70 ? 32  DC  C "O4'" 1 
ATOM   579  C "C3'" . DC  B 2 16 ? -28.192 -6.619  7.879   1.00 57.52 ? 32  DC  C "C3'" 1 
ATOM   580  O "O3'" . DC  B 2 16 ? -29.296 -5.761  8.180   1.00 58.94 ? 32  DC  C "O3'" 1 
ATOM   581  C "C2'" . DC  B 2 16 ? -28.670 -7.369  6.658   1.00 55.78 ? 32  DC  C "C2'" 1 
ATOM   582  C "C1'" . DC  B 2 16 ? -28.372 -6.365  5.562   1.00 54.92 ? 32  DC  C "C1'" 1 
ATOM   583  N N1    . DC  B 2 16 ? -28.210 -7.006  4.259   1.00 53.07 ? 32  DC  C N1    1 
ATOM   584  C C2    . DC  B 2 16 ? -28.857 -6.486  3.186   1.00 51.38 ? 32  DC  C C2    1 
ATOM   585  O O2    . DC  B 2 16 ? -29.468 -5.457  3.318   1.00 50.84 ? 32  DC  C O2    1 
ATOM   586  N N3    . DC  B 2 16 ? -28.800 -7.122  2.036   1.00 50.60 ? 32  DC  C N3    1 
ATOM   587  C C4    . DC  B 2 16 ? -28.104 -8.236  1.934   1.00 50.03 ? 32  DC  C C4    1 
ATOM   588  N N4    . DC  B 2 16 ? -28.092 -8.845  0.785   1.00 50.15 ? 32  DC  C N4    1 
ATOM   589  C C5    . DC  B 2 16 ? -27.398 -8.773  3.003   1.00 50.53 ? 32  DC  C C5    1 
ATOM   590  C C6    . DC  B 2 16 ? -27.460 -8.129  4.140   1.00 51.84 ? 32  DC  C C6    1 
ATOM   591  N N     . ARG C 3 1  ? -10.416 -1.712  -18.148 1.00 48.06 ? 102 ARG A N     1 
ATOM   592  C CA    . ARG C 3 1  ? -10.080 -1.404  -16.731 1.00 48.89 ? 102 ARG A CA    1 
ATOM   593  C C     . ARG C 3 1  ? -9.171  -2.497  -16.226 1.00 49.17 ? 102 ARG A C     1 
ATOM   594  O O     . ARG C 3 1  ? -8.426  -3.109  -17.014 1.00 52.08 ? 102 ARG A O     1 
ATOM   595  C CB    . ARG C 3 1  ? -11.303 -1.303  -15.802 1.00 48.86 ? 102 ARG A CB    1 
ATOM   596  C CG    . ARG C 3 1  ? -11.005 -1.121  -14.316 1.00 48.80 ? 102 ARG A CG    1 
ATOM   597  C CD    . ARG C 3 1  ? -12.256 -0.893  -13.420 1.00 49.06 ? 102 ARG A CD    1 
ATOM   598  N NE    . ARG C 3 1  ? -12.631 0.516   -13.450 1.00 49.22 ? 102 ARG A NE    1 
ATOM   599  C CZ    . ARG C 3 1  ? -12.461 1.375   -12.451 1.00 48.72 ? 102 ARG A CZ    1 
ATOM   600  N NH1   . ARG C 3 1  ? -11.951 0.971   -11.313 1.00 48.87 ? 102 ARG A NH1   1 
ATOM   601  N NH2   . ARG C 3 1  ? -12.726 2.664   -12.621 1.00 49.41 ? 102 ARG A NH2   1 
ATOM   602  N N     . LYS C 3 2  ? -9.173  -2.773  -14.949 1.00 47.49 ? 103 LYS A N     1 
ATOM   603  C CA    . LYS C 3 2  ? -8.260  -3.788  -14.474 1.00 45.95 ? 103 LYS A CA    1 
ATOM   604  C C     . LYS C 3 2  ? -8.863  -4.322  -13.276 1.00 43.42 ? 103 LYS A C     1 
ATOM   605  O O     . LYS C 3 2  ? -9.372  -3.563  -12.468 1.00 43.21 ? 103 LYS A O     1 
ATOM   606  C CB    . LYS C 3 2  ? -6.911  -3.215  -14.147 1.00 47.17 ? 103 LYS A CB    1 
ATOM   607  C CG    . LYS C 3 2  ? -6.352  -2.568  -15.332 1.00 48.09 ? 103 LYS A CG    1 
ATOM   608  C CD    . LYS C 3 2  ? -5.000  -2.174  -15.010 1.00 49.12 ? 103 LYS A CD    1 
ATOM   609  C CE    . LYS C 3 2  ? -4.220  -3.379  -14.672 1.00 49.17 ? 103 LYS A CE    1 
ATOM   610  N NZ    . LYS C 3 2  ? -2.820  -3.127  -15.128 1.00 49.67 ? 103 LYS A NZ    1 
ATOM   611  N N     . PRO C 3 3  ? -8.814  -5.642  -13.147 1.00 41.62 ? 104 PRO A N     1 
ATOM   612  C CA    . PRO C 3 3  ? -9.403  -6.348  -11.998 1.00 40.20 ? 104 PRO A CA    1 
ATOM   613  C C     . PRO C 3 3  ? -8.879  -5.918  -10.631 1.00 39.09 ? 104 PRO A C     1 
ATOM   614  O O     . PRO C 3 3  ? -7.721  -5.543  -10.456 1.00 39.31 ? 104 PRO A O     1 
ATOM   615  C CB    . PRO C 3 3  ? -9.133  -7.816  -12.306 1.00 39.20 ? 104 PRO A CB    1 
ATOM   616  C CG    . PRO C 3 3  ? -7.922  -7.816  -13.184 1.00 39.83 ? 104 PRO A CG    1 
ATOM   617  C CD    . PRO C 3 3  ? -8.030  -6.537  -14.029 1.00 40.18 ? 104 PRO A CD    1 
ATOM   618  N N     . ARG C 3 4  ? -9.731  -5.902  -9.639  1.00 38.34 ? 105 ARG A N     1 
ATOM   619  C CA    . ARG C 3 4  ? -9.214  -5.574  -8.350  1.00 37.58 ? 105 ARG A CA    1 
ATOM   620  C C     . ARG C 3 4  ? -8.204  -6.584  -7.936  1.00 37.97 ? 105 ARG A C     1 
ATOM   621  O O     . ARG C 3 4  ? -8.410  -7.774  -8.107  1.00 37.43 ? 105 ARG A O     1 
ATOM   622  C CB    . ARG C 3 4  ? -10.256 -5.580  -7.249  1.00 37.17 ? 105 ARG A CB    1 
ATOM   623  C CG    . ARG C 3 4  ? -11.596 -5.541  -7.678  1.00 37.14 ? 105 ARG A CG    1 
ATOM   624  C CD    . ARG C 3 4  ? -12.639 -4.829  -6.731  1.00 35.49 ? 105 ARG A CD    1 
ATOM   625  N NE    . ARG C 3 4  ? -12.398 -4.709  -5.291  1.00 35.71 ? 105 ARG A NE    1 
ATOM   626  C CZ    . ARG C 3 4  ? -12.698 -3.582  -4.592  1.00 36.19 ? 105 ARG A CZ    1 
ATOM   627  N NH1   . ARG C 3 4  ? -13.195 -2.508  -5.185  1.00 33.83 ? 105 ARG A NH1   1 
ATOM   628  N NH2   . ARG C 3 4  ? -12.613 -3.522  -3.287  1.00 36.42 ? 105 ARG A NH2   1 
ATOM   629  N N     . THR C 3 5  ? -7.127  -6.098  -7.355  1.00 37.82 ? 106 THR A N     1 
ATOM   630  C CA    . THR C 3 5  ? -6.167  -6.997  -6.862  1.00 39.05 ? 106 THR A CA    1 
ATOM   631  C C     . THR C 3 5  ? -6.620  -7.625  -5.512  1.00 39.38 ? 106 THR A C     1 
ATOM   632  O O     . THR C 3 5  ? -6.935  -6.908  -4.578  1.00 40.87 ? 106 THR A O     1 
ATOM   633  C CB    . THR C 3 5  ? -4.938  -6.221  -6.685  1.00 40.59 ? 106 THR A CB    1 
ATOM   634  O OG1   . THR C 3 5  ? -4.523  -5.790  -7.983  1.00 41.53 ? 106 THR A OG1   1 
ATOM   635  C CG2   . THR C 3 5  ? -3.843  -7.058  -5.965  1.00 39.81 ? 106 THR A CG2   1 
ATOM   636  N N     . PRO C 3 6  ? -6.721  -8.951  -5.400  1.00 38.64 ? 107 PRO A N     1 
ATOM   637  C CA    . PRO C 3 6  ? -7.137  -9.334  -4.058  1.00 37.93 ? 107 PRO A CA    1 
ATOM   638  C C     . PRO C 3 6  ? -5.875  -9.387  -3.136  1.00 37.02 ? 107 PRO A C     1 
ATOM   639  O O     . PRO C 3 6  ? -5.052  -10.356 -3.165  1.00 37.11 ? 107 PRO A O     1 
ATOM   640  C CB    . PRO C 3 6  ? -7.831  -10.694 -4.264  1.00 38.66 ? 107 PRO A CB    1 
ATOM   641  C CG    . PRO C 3 6  ? -6.977  -11.334 -5.421  1.00 39.28 ? 107 PRO A CG    1 
ATOM   642  C CD    . PRO C 3 6  ? -6.613  -10.100 -6.317  1.00 39.22 ? 107 PRO A CD    1 
ATOM   643  N N     . PHE C 3 7  ? -5.675  -8.343  -2.337  1.00 35.11 ? 108 PHE A N     1 
ATOM   644  C CA    . PHE C 3 7  ? -4.507  -8.385  -1.481  1.00 35.26 ? 108 PHE A CA    1 
ATOM   645  C C     . PHE C 3 7  ? -4.714  -9.514  -0.492  1.00 35.89 ? 108 PHE A C     1 
ATOM   646  O O     . PHE C 3 7  ? -5.824  -9.898  -0.193  1.00 35.81 ? 108 PHE A O     1 
ATOM   647  C CB    . PHE C 3 7  ? -4.297  -7.056  -0.741  1.00 35.14 ? 108 PHE A CB    1 
ATOM   648  C CG    . PHE C 3 7  ? -4.017  -5.934  -1.643  1.00 33.30 ? 108 PHE A CG    1 
ATOM   649  C CD1   . PHE C 3 7  ? -2.893  -5.949  -2.407  1.00 33.86 ? 108 PHE A CD1   1 
ATOM   650  C CD2   . PHE C 3 7  ? -4.922  -4.916  -1.795  1.00 34.14 ? 108 PHE A CD2   1 
ATOM   651  C CE1   . PHE C 3 7  ? -2.647  -4.942  -3.326  1.00 34.61 ? 108 PHE A CE1   1 
ATOM   652  C CE2   . PHE C 3 7  ? -4.713  -3.892  -2.691  1.00 33.33 ? 108 PHE A CE2   1 
ATOM   653  C CZ    . PHE C 3 7  ? -3.572  -3.908  -3.477  1.00 33.72 ? 108 PHE A CZ    1 
ATOM   654  N N     . THR C 3 8  ? -3.623  -10.076 -0.014  1.00 36.39 ? 109 THR A N     1 
ATOM   655  C CA    . THR C 3 8  ? -3.688  -11.159 0.985   1.00 36.27 ? 109 THR A CA    1 
ATOM   656  C C     . THR C 3 8  ? -4.017  -10.496 2.347   1.00 36.65 ? 109 THR A C     1 
ATOM   657  O O     . THR C 3 8  ? -3.867  -9.239  2.475   1.00 37.65 ? 109 THR A O     1 
ATOM   658  C CB    . THR C 3 8  ? -2.286  -11.822 0.933   1.00 36.04 ? 109 THR A CB    1 
ATOM   659  O OG1   . THR C 3 8  ? -2.409  -13.040 0.230   1.00 37.53 ? 109 THR A OG1   1 
ATOM   660  C CG2   . THR C 3 8  ? -1.664  -12.007 2.171   1.00 35.54 ? 109 THR A CG2   1 
ATOM   661  N N     . THR C 3 9  ? -4.444  -11.275 3.349   1.00 35.99 ? 110 THR A N     1 
ATOM   662  C CA    . THR C 3 9  ? -4.687  -10.712 4.685   1.00 35.07 ? 110 THR A CA    1 
ATOM   663  C C     . THR C 3 9  ? -3.325  -10.354 5.218   1.00 35.44 ? 110 THR A C     1 
ATOM   664  O O     . THR C 3 9  ? -3.210  -9.410  6.013   1.00 36.35 ? 110 THR A O     1 
ATOM   665  C CB    . THR C 3 9  ? -5.354  -11.713 5.683   1.00 35.02 ? 110 THR A CB    1 
ATOM   666  O OG1   . THR C 3 9  ? -4.783  -13.015 5.501   1.00 35.18 ? 110 THR A OG1   1 
ATOM   667  C CG2   . THR C 3 9  ? -6.873  -11.763 5.425   1.00 33.57 ? 110 THR A CG2   1 
ATOM   668  N N     . ALA C 3 10 ? -2.283  -11.071 4.770   1.00 33.30 ? 111 ALA A N     1 
ATOM   669  C CA    . ALA C 3 10 ? -0.943  -10.753 5.219   1.00 33.14 ? 111 ALA A CA    1 
ATOM   670  C C     . ALA C 3 10 ? -0.408  -9.473  4.502   1.00 33.54 ? 111 ALA A C     1 
ATOM   671  O O     . ALA C 3 10 ? 0.320   -8.661  5.130   1.00 33.43 ? 111 ALA A O     1 
ATOM   672  C CB    . ALA C 3 10 ? 0.044   -11.913 4.958   1.00 32.45 ? 111 ALA A CB    1 
ATOM   673  N N     . GLN C 3 11 ? -0.659  -9.325  3.189   1.00 31.31 ? 112 GLN A N     1 
ATOM   674  C CA    . GLN C 3 11 ? -0.232  -8.103  2.543   1.00 29.45 ? 112 GLN A CA    1 
ATOM   675  C C     . GLN C 3 11 ? -0.991  -6.987  3.234   1.00 30.00 ? 112 GLN A C     1 
ATOM   676  O O     . GLN C 3 11 ? -0.395  -5.969  3.589   1.00 30.60 ? 112 GLN A O     1 
ATOM   677  C CB    . GLN C 3 11 ? -0.581  -8.155  1.099   1.00 28.35 ? 112 GLN A CB    1 
ATOM   678  C CG    . GLN C 3 11 ? 0.364   -9.187  0.446   1.00 28.09 ? 112 GLN A CG    1 
ATOM   679  C CD    . GLN C 3 11 ? -0.043  -9.587  -0.862  1.00 27.58 ? 112 GLN A CD    1 
ATOM   680  O OE1   . GLN C 3 11 ? -1.232  -9.648  -1.179  1.00 28.93 ? 112 GLN A OE1   1 
ATOM   681  N NE2   . GLN C 3 11 ? 0.923   -9.878  -1.669  1.00 30.00 ? 112 GLN A NE2   1 
ATOM   682  N N     . LEU C 3 12 ? -2.293  -7.175  3.442   1.00 29.09 ? 113 LEU A N     1 
ATOM   683  C CA    . LEU C 3 12 ? -3.026  -6.119  4.052   1.00 29.58 ? 113 LEU A CA    1 
ATOM   684  C C     . LEU C 3 12 ? -2.529  -5.803  5.449   1.00 29.52 ? 113 LEU A C     1 
ATOM   685  O O     . LEU C 3 12 ? -2.532  -4.682  5.807   1.00 29.86 ? 113 LEU A O     1 
ATOM   686  C CB    . LEU C 3 12 ? -4.517  -6.400  4.045   1.00 29.90 ? 113 LEU A CB    1 
ATOM   687  C CG    . LEU C 3 12 ? -5.207  -6.345  2.657   1.00 29.18 ? 113 LEU A CG    1 
ATOM   688  C CD1   . LEU C 3 12 ? -6.640  -6.911  2.769   1.00 27.64 ? 113 LEU A CD1   1 
ATOM   689  C CD2   . LEU C 3 12 ? -5.290  -4.920  2.130   1.00 30.10 ? 113 LEU A CD2   1 
ATOM   690  N N     . LEU C 3 13 ? -2.033  -6.764  6.212   1.00 29.73 ? 114 LEU A N     1 
ATOM   691  C CA    . LEU C 3 13 ? -1.595  -6.403  7.552   1.00 29.22 ? 114 LEU A CA    1 
ATOM   692  C C     . LEU C 3 13 ? -0.313  -5.642  7.391   1.00 29.75 ? 114 LEU A C     1 
ATOM   693  O O     . LEU C 3 13 ? -0.096  -4.639  8.088   1.00 30.65 ? 114 LEU A O     1 
ATOM   694  C CB    . LEU C 3 13 ? -1.309  -7.586  8.453   1.00 28.66 ? 114 LEU A CB    1 
ATOM   695  C CG    . LEU C 3 13 ? -2.510  -8.443  8.742   1.00 30.31 ? 114 LEU A CG    1 
ATOM   696  C CD1   . LEU C 3 13 ? -2.040  -9.766  9.310   1.00 30.04 ? 114 LEU A CD1   1 
ATOM   697  C CD2   . LEU C 3 13 ? -3.487  -7.685  9.714   1.00 31.79 ? 114 LEU A CD2   1 
ATOM   698  N N     . ALA C 3 14 ? 0.533   -6.045  6.449   1.00 28.68 ? 115 ALA A N     1 
ATOM   699  C CA    . ALA C 3 14 ? 1.774   -5.287  6.248   1.00 28.60 ? 115 ALA A CA    1 
ATOM   700  C C     . ALA C 3 14 ? 1.523   -3.828  5.750   1.00 28.84 ? 115 ALA A C     1 
ATOM   701  O O     . ALA C 3 14 ? 2.191   -2.894  6.151   1.00 28.36 ? 115 ALA A O     1 
ATOM   702  C CB    . ALA C 3 14 ? 2.631   -5.952  5.319   1.00 28.44 ? 115 ALA A CB    1 
ATOM   703  N N     . LEU C 3 15 ? 0.558   -3.678  4.870   1.00 29.04 ? 116 LEU A N     1 
ATOM   704  C CA    . LEU C 3 15 ? 0.294   -2.395  4.302   1.00 29.46 ? 116 LEU A CA    1 
ATOM   705  C C     . LEU C 3 15 ? -0.229  -1.523  5.459   1.00 30.12 ? 116 LEU A C     1 
ATOM   706  O O     . LEU C 3 15 ? 0.229   -0.468  5.645   1.00 30.73 ? 116 LEU A O     1 
ATOM   707  C CB    . LEU C 3 15 ? -0.753  -2.503  3.148   1.00 28.62 ? 116 LEU A CB    1 
ATOM   708  C CG    . LEU C 3 15 ? -0.202  -3.003  1.775   1.00 27.38 ? 116 LEU A CG    1 
ATOM   709  C CD1   . LEU C 3 15 ? -1.328  -3.542  1.053   1.00 26.31 ? 116 LEU A CD1   1 
ATOM   710  C CD2   . LEU C 3 15 ? 0.574   -1.992  0.864   1.00 25.31 ? 116 LEU A CD2   1 
ATOM   711  N N     . GLU C 3 16 ? -1.116  -2.040  6.250   1.00 30.70 ? 117 GLU A N     1 
ATOM   712  C CA    . GLU C 3 16 ? -1.647  -1.290  7.334   1.00 33.01 ? 117 GLU A CA    1 
ATOM   713  C C     . GLU C 3 16 ? -0.580  -0.892  8.338   1.00 33.27 ? 117 GLU A C     1 
ATOM   714  O O     . GLU C 3 16 ? -0.515  0.289   8.793   1.00 32.95 ? 117 GLU A O     1 
ATOM   715  C CB    . GLU C 3 16 ? -2.730  -2.123  8.062   1.00 34.73 ? 117 GLU A CB    1 
ATOM   716  C CG    . GLU C 3 16 ? -3.749  -1.274  8.640   1.00 36.60 ? 117 GLU A CG    1 
ATOM   717  C CD    . GLU C 3 16 ? -4.514  -0.486  7.558   1.00 37.90 ? 117 GLU A CD    1 
ATOM   718  O OE1   . GLU C 3 16 ? -5.186  -1.092  6.674   1.00 36.70 ? 117 GLU A OE1   1 
ATOM   719  O OE2   . GLU C 3 16 ? -4.465  0.769   7.647   1.00 39.57 ? 117 GLU A OE2   1 
ATOM   720  N N     . ARG C 3 17 ? 0.260   -1.824  8.716   1.00 32.87 ? 118 ARG A N     1 
ATOM   721  C CA    . ARG C 3 17 ? 1.243   -1.364  9.675   1.00 35.01 ? 118 ARG A CA    1 
ATOM   722  C C     . ARG C 3 17 ? 2.332   -0.495  9.098   1.00 33.99 ? 118 ARG A C     1 
ATOM   723  O O     . ARG C 3 17 ? 2.854   0.389   9.778   1.00 34.44 ? 118 ARG A O     1 
ATOM   724  C CB    . ARG C 3 17 ? 1.779   -2.485  10.528  1.00 37.75 ? 118 ARG A CB    1 
ATOM   725  C CG    . ARG C 3 17 ? 2.674   -3.367  9.868   1.00 40.32 ? 118 ARG A CG    1 
ATOM   726  C CD    . ARG C 3 17 ? 2.925   -4.489  10.862  1.00 42.33 ? 118 ARG A CD    1 
ATOM   727  N NE    . ARG C 3 17 ? 3.293   -5.619  10.026  1.00 44.60 ? 118 ARG A NE    1 
ATOM   728  C CZ    . ARG C 3 17 ? 2.671   -6.789  10.022  1.00 44.93 ? 118 ARG A CZ    1 
ATOM   729  N NH1   . ARG C 3 17 ? 1.624   -7.036  10.856  1.00 45.96 ? 118 ARG A NH1   1 
ATOM   730  N NH2   . ARG C 3 17 ? 3.056   -7.667  9.107   1.00 45.05 ? 118 ARG A NH2   1 
ATOM   731  N N     . LYS C 3 18 ? 2.653   -0.675  7.824   1.00 32.80 ? 119 LYS A N     1 
ATOM   732  C CA    . LYS C 3 18 ? 3.581   0.265   7.209   1.00 30.72 ? 119 LYS A CA    1 
ATOM   733  C C     . LYS C 3 18 ? 2.898   1.683   7.232   1.00 31.61 ? 119 LYS A C     1 
ATOM   734  O O     . LYS C 3 18 ? 3.545   2.663   7.572   1.00 32.04 ? 119 LYS A O     1 
ATOM   735  C CB    . LYS C 3 18 ? 3.817   -0.113  5.797   1.00 30.13 ? 119 LYS A CB    1 
ATOM   736  C CG    . LYS C 3 18 ? 4.627   0.832   5.014   1.00 30.09 ? 119 LYS A CG    1 
ATOM   737  C CD    . LYS C 3 18 ? 6.020   0.984   5.666   1.00 31.81 ? 119 LYS A CD    1 
ATOM   738  C CE    . LYS C 3 18 ? 7.164   0.851   4.735   1.00 32.99 ? 119 LYS A CE    1 
ATOM   739  N NZ    . LYS C 3 18 ? 8.141   -0.083  5.409   1.00 36.52 ? 119 LYS A NZ    1 
ATOM   740  N N     . PHE C 3 19 ? 1.592   1.752   6.881   1.00 30.89 ? 120 PHE A N     1 
ATOM   741  C CA    . PHE C 3 19 ? 0.869   2.992   6.850   1.00 30.54 ? 120 PHE A CA    1 
ATOM   742  C C     . PHE C 3 19 ? 0.788   3.598   8.291   1.00 31.53 ? 120 PHE A C     1 
ATOM   743  O O     . PHE C 3 19 ? 0.832   4.825   8.443   1.00 31.62 ? 120 PHE A O     1 
ATOM   744  C CB    . PHE C 3 19 ? -0.500  2.761   6.244   1.00 28.84 ? 120 PHE A CB    1 
ATOM   745  C CG    . PHE C 3 19 ? -1.370  4.020   6.198   1.00 27.38 ? 120 PHE A CG    1 
ATOM   746  C CD1   . PHE C 3 19 ? -1.368  4.837   5.117   1.00 25.49 ? 120 PHE A CD1   1 
ATOM   747  C CD2   . PHE C 3 19 ? -2.154  4.361   7.296   1.00 26.59 ? 120 PHE A CD2   1 
ATOM   748  C CE1   . PHE C 3 19 ? -2.124  5.987   5.083   1.00 25.76 ? 120 PHE A CE1   1 
ATOM   749  C CE2   . PHE C 3 19 ? -2.889  5.480   7.280   1.00 26.77 ? 120 PHE A CE2   1 
ATOM   750  C CZ    . PHE C 3 19 ? -2.870  6.320   6.140   1.00 25.78 ? 120 PHE A CZ    1 
ATOM   751  N N     . ARG C 3 20 ? 0.672   2.744   9.323   1.00 33.47 ? 121 ARG A N     1 
ATOM   752  C CA    . ARG C 3 20 ? 0.689   3.199   10.730  1.00 33.62 ? 121 ARG A CA    1 
ATOM   753  C C     . ARG C 3 20 ? 2.101   3.775   11.011  1.00 33.88 ? 121 ARG A C     1 
ATOM   754  O O     . ARG C 3 20 ? 2.210   4.779   11.719  1.00 35.00 ? 121 ARG A O     1 
ATOM   755  C CB    . ARG C 3 20 ? 0.362   2.046   11.696  1.00 32.71 ? 121 ARG A CB    1 
ATOM   756  N N     . GLN C 3 21 ? 3.191   3.191   10.460  1.00 34.26 ? 122 GLN A N     1 
ATOM   757  C CA    . GLN C 3 21 ? 4.543   3.775   10.648  1.00 33.54 ? 122 GLN A CA    1 
ATOM   758  C C     . GLN C 3 21 ? 4.659   5.151   9.875   1.00 33.43 ? 122 GLN A C     1 
ATOM   759  O O     . GLN C 3 21 ? 5.168   6.125   10.396  1.00 34.78 ? 122 GLN A O     1 
ATOM   760  C CB    . GLN C 3 21 ? 5.651   2.781   10.165  1.00 33.79 ? 122 GLN A CB    1 
ATOM   761  N N     . LYS C 3 22 ? 4.139   5.270   8.668   1.00 31.80 ? 123 LYS A N     1 
ATOM   762  C CA    . LYS C 3 22 ? 4.282   6.524   7.924   1.00 31.53 ? 123 LYS A CA    1 
ATOM   763  C C     . LYS C 3 22 ? 3.301   6.486   6.785   1.00 30.26 ? 123 LYS A C     1 
ATOM   764  O O     . LYS C 3 22 ? 3.250   5.483   6.089   1.00 28.85 ? 123 LYS A O     1 
ATOM   765  C CB    . LYS C 3 22 ? 5.709   6.619   7.348   1.00 32.42 ? 123 LYS A CB    1 
ATOM   766  C CG    . LYS C 3 22 ? 5.989   7.876   6.534   1.00 35.40 ? 123 LYS A CG    1 
ATOM   767  C CD    . LYS C 3 22 ? 7.551   8.206   6.549   1.00 37.35 ? 123 LYS A CD    1 
ATOM   768  C CE    . LYS C 3 22 ? 8.377   7.306   5.640   1.00 36.21 ? 123 LYS A CE    1 
ATOM   769  N NZ    . LYS C 3 22 ? 8.152   7.654   4.169   1.00 37.23 ? 123 LYS A NZ    1 
ATOM   770  N N     . GLN C 3 23 ? 2.536   7.536   6.573   1.00 29.48 ? 124 GLN A N     1 
ATOM   771  C CA    . GLN C 3 23 ? 1.534   7.444   5.476   1.00 31.51 ? 124 GLN A CA    1 
ATOM   772  C C     . GLN C 3 23 ? 1.981   7.786   4.084   1.00 30.29 ? 124 GLN A C     1 
ATOM   773  O O     . GLN C 3 23 ? 1.156   7.824   3.163   1.00 31.21 ? 124 GLN A O     1 
ATOM   774  C CB    . GLN C 3 23 ? 0.315   8.290   5.787   1.00 33.67 ? 124 GLN A CB    1 
ATOM   775  C CG    . GLN C 3 23 ? -0.147  8.067   7.223   1.00 39.29 ? 124 GLN A CG    1 
ATOM   776  C CD    . GLN C 3 23 ? -1.037  9.196   7.744   1.00 42.33 ? 124 GLN A CD    1 
ATOM   777  O OE1   . GLN C 3 23 ? -0.676  10.391  7.660   1.00 45.54 ? 124 GLN A OE1   1 
ATOM   778  N NE2   . GLN C 3 23 ? -2.211  8.822   8.272   1.00 42.17 ? 124 GLN A NE2   1 
ATOM   779  N N     . TYR C 3 24 ? 3.251   8.096   3.925   1.00 28.99 ? 125 TYR A N     1 
ATOM   780  C CA    . TYR C 3 24 ? 3.758   8.332   2.622   1.00 28.58 ? 125 TYR A CA    1 
ATOM   781  C C     . TYR C 3 24 ? 4.991   7.499   2.397   1.00 29.32 ? 125 TYR A C     1 
ATOM   782  O O     . TYR C 3 24 ? 5.691   7.297   3.385   1.00 31.43 ? 125 TYR A O     1 
ATOM   783  C CB    . TYR C 3 24 ? 4.123   9.748   2.490   1.00 29.05 ? 125 TYR A CB    1 
ATOM   784  C CG    . TYR C 3 24 ? 2.879   10.567  2.551   1.00 28.84 ? 125 TYR A CG    1 
ATOM   785  C CD1   . TYR C 3 24 ? 2.401   11.046  3.790   1.00 29.77 ? 125 TYR A CD1   1 
ATOM   786  C CD2   . TYR C 3 24 ? 2.242   10.939  1.374   1.00 28.23 ? 125 TYR A CD2   1 
ATOM   787  C CE1   . TYR C 3 24 ? 1.336   11.912  3.819   1.00 28.71 ? 125 TYR A CE1   1 
ATOM   788  C CE2   . TYR C 3 24 ? 1.201   11.752  1.395   1.00 28.32 ? 125 TYR A CE2   1 
ATOM   789  C CZ    . TYR C 3 24 ? 0.745   12.244  2.617   1.00 28.59 ? 125 TYR A CZ    1 
ATOM   790  O OH    . TYR C 3 24 ? -0.345  13.007  2.602   1.00 29.15 ? 125 TYR A OH    1 
ATOM   791  N N     . LEU C 3 25 ? 5.254   6.978   1.187   1.00 27.71 ? 126 LEU A N     1 
ATOM   792  C CA    . LEU C 3 25 ? 6.530   6.283   0.989   1.00 27.85 ? 126 LEU A CA    1 
ATOM   793  C C     . LEU C 3 25 ? 7.373   7.098   0.007   1.00 27.16 ? 126 LEU A C     1 
ATOM   794  O O     . LEU C 3 25 ? 6.814   7.712   -0.910  1.00 27.71 ? 126 LEU A O     1 
ATOM   795  C CB    . LEU C 3 25 ? 6.336   4.943   0.346   1.00 29.21 ? 126 LEU A CB    1 
ATOM   796  C CG    . LEU C 3 25 ? 5.979   3.637   1.037   1.00 29.35 ? 126 LEU A CG    1 
ATOM   797  C CD1   . LEU C 3 25 ? 5.784   3.835   2.478   1.00 30.94 ? 126 LEU A CD1   1 
ATOM   798  C CD2   . LEU C 3 25 ? 4.710   3.131   0.485   1.00 31.51 ? 126 LEU A CD2   1 
ATOM   799  N N     . SER C 3 26 ? 8.681   7.180   0.175   1.00 26.18 ? 127 SER A N     1 
ATOM   800  C CA    . SER C 3 26 ? 9.448   7.810   -0.917  1.00 27.05 ? 127 SER A CA    1 
ATOM   801  C C     . SER C 3 26 ? 9.482   6.748   -2.025  1.00 25.88 ? 127 SER A C     1 
ATOM   802  O O     . SER C 3 26 ? 8.992   5.661   -1.829  1.00 25.89 ? 127 SER A O     1 
ATOM   803  C CB    . SER C 3 26 ? 10.883  8.067   -0.543  1.00 27.78 ? 127 SER A CB    1 
ATOM   804  O OG    . SER C 3 26 ? 11.328  6.793   -0.201  1.00 30.60 ? 127 SER A OG    1 
ATOM   805  N N     . ILE C 3 27 ? 9.991   7.098   -3.177  1.00 26.08 ? 128 ILE A N     1 
ATOM   806  C CA    . ILE C 3 27 ? 10.081  6.143   -4.314  1.00 27.03 ? 128 ILE A CA    1 
ATOM   807  C C     . ILE C 3 27 ? 10.854  4.865   -3.967  1.00 27.05 ? 128 ILE A C     1 
ATOM   808  O O     . ILE C 3 27 ? 10.456  3.778   -4.221  1.00 29.03 ? 128 ILE A O     1 
ATOM   809  C CB    . ILE C 3 27 ? 10.792  6.798   -5.544  1.00 27.96 ? 128 ILE A CB    1 
ATOM   810  C CG1   . ILE C 3 27 ? 9.899   7.868   -6.247  1.00 28.66 ? 128 ILE A CG1   1 
ATOM   811  C CG2   . ILE C 3 27 ? 11.143  5.734   -6.512  1.00 28.22 ? 128 ILE A CG2   1 
ATOM   812  C CD1   . ILE C 3 27 ? 8.462   7.433   -6.455  1.00 28.81 ? 128 ILE A CD1   1 
ATOM   813  N N     . ALA C 3 28 ? 12.013  5.040   -3.376  1.00 27.45 ? 129 ALA A N     1 
ATOM   814  C CA    . ALA C 3 28 ? 12.879  3.956   -2.948  1.00 26.36 ? 129 ALA A CA    1 
ATOM   815  C C     . ALA C 3 28 ? 12.141  3.116   -1.927  1.00 26.38 ? 129 ALA A C     1 
ATOM   816  O O     . ALA C 3 28 ? 12.161  1.823   -1.948  1.00 24.70 ? 129 ALA A O     1 
ATOM   817  C CB    . ALA C 3 28 ? 14.181  4.548   -2.318  1.00 25.20 ? 129 ALA A CB    1 
ATOM   818  N N     . GLU C 3 29 ? 11.478  3.822   -1.007  1.00 24.94 ? 130 GLU A N     1 
ATOM   819  C CA    . GLU C 3 29 ? 10.769  2.998   -0.028  1.00 26.35 ? 130 GLU A CA    1 
ATOM   820  C C     . GLU C 3 29 ? 9.683   2.154   -0.649  1.00 26.73 ? 130 GLU A C     1 
ATOM   821  O O     . GLU C 3 29 ? 9.431   0.974   -0.242  1.00 27.79 ? 130 GLU A O     1 
ATOM   822  C CB    . GLU C 3 29 ? 10.043  3.845   1.029   1.00 27.57 ? 130 GLU A CB    1 
ATOM   823  C CG    . GLU C 3 29 ? 11.033  4.452   1.943   1.00 29.16 ? 130 GLU A CG    1 
ATOM   824  C CD    . GLU C 3 29 ? 10.412  5.369   2.905   1.00 30.86 ? 130 GLU A CD    1 
ATOM   825  O OE1   . GLU C 3 29 ? 9.419   6.063   2.557   1.00 29.67 ? 130 GLU A OE1   1 
ATOM   826  O OE2   . GLU C 3 29 ? 10.969  5.371   4.018   1.00 32.51 ? 130 GLU A OE2   1 
ATOM   827  N N     . ARG C 3 30 ? 9.032   2.763   -1.651  1.00 25.99 ? 131 ARG A N     1 
ATOM   828  C CA    . ARG C 3 30 ? 7.926   2.106   -2.171  1.00 24.89 ? 131 ARG A CA    1 
ATOM   829  C C     . ARG C 3 30 ? 8.428   0.911   -3.001  1.00 25.96 ? 131 ARG A C     1 
ATOM   830  O O     . ARG C 3 30 ? 7.747   -0.052  -3.083  1.00 26.26 ? 131 ARG A O     1 
ATOM   831  C CB    . ARG C 3 30 ? 7.150   3.083   -3.037  1.00 24.70 ? 131 ARG A CB    1 
ATOM   832  C CG    . ARG C 3 30 ? 5.921   2.468   -3.628  1.00 24.24 ? 131 ARG A CG    1 
ATOM   833  C CD    . ARG C 3 30 ? 5.257   3.457   -4.454  1.00 26.23 ? 131 ARG A CD    1 
ATOM   834  N NE    . ARG C 3 30 ? 6.067   3.645   -5.657  1.00 28.62 ? 131 ARG A NE    1 
ATOM   835  C CZ    . ARG C 3 30 ? 5.831   4.582   -6.580  1.00 29.69 ? 131 ARG A CZ    1 
ATOM   836  N NH1   . ARG C 3 30 ? 4.825   5.436   -6.425  1.00 29.93 ? 131 ARG A NH1   1 
ATOM   837  N NH2   . ARG C 3 30 ? 6.510   4.589   -7.698  1.00 29.76 ? 131 ARG A NH2   1 
ATOM   838  N N     . ALA C 3 31 ? 9.589   1.069   -3.592  1.00 26.00 ? 132 ALA A N     1 
ATOM   839  C CA    . ALA C 3 31 ? 10.162  0.122   -4.503  1.00 28.25 ? 132 ALA A CA    1 
ATOM   840  C C     . ALA C 3 31 ? 10.521  -1.070  -3.687  1.00 28.71 ? 132 ALA A C     1 
ATOM   841  O O     . ALA C 3 31 ? 10.212  -2.201  -4.002  1.00 29.90 ? 132 ALA A O     1 
ATOM   842  C CB    . ALA C 3 31 ? 11.373  0.775   -5.222  1.00 25.98 ? 132 ALA A CB    1 
ATOM   843  N N     . GLU C 3 32 ? 11.070  -0.764  -2.531  1.00 30.36 ? 133 GLU A N     1 
ATOM   844  C CA    . GLU C 3 32 ? 11.441  -1.786  -1.586  1.00 29.60 ? 133 GLU A CA    1 
ATOM   845  C C     . GLU C 3 32 ? 10.283  -2.531  -0.929  1.00 29.03 ? 133 GLU A C     1 
ATOM   846  O O     . GLU C 3 32 ? 10.273  -3.811  -0.743  1.00 28.17 ? 133 GLU A O     1 
ATOM   847  C CB    . GLU C 3 32 ? 12.193  -1.111  -0.509  1.00 31.52 ? 133 GLU A CB    1 
ATOM   848  C CG    . GLU C 3 32 ? 13.090  -1.986  0.073   1.00 36.49 ? 133 GLU A CG    1 
ATOM   849  C CD    . GLU C 3 32 ? 13.018  -1.906  1.513   1.00 39.10 ? 133 GLU A CD    1 
ATOM   850  O OE1   . GLU C 3 32 ? 13.699  -0.967  2.059   1.00 39.34 ? 133 GLU A OE1   1 
ATOM   851  O OE2   . GLU C 3 32 ? 12.216  -2.786  2.042   1.00 42.75 ? 133 GLU A OE2   1 
ATOM   852  N N     . PHE C 3 33 ? 9.304   -1.728  -0.548  1.00 26.83 ? 134 PHE A N     1 
ATOM   853  C CA    . PHE C 3 33 ? 8.209   -2.280  0.153   1.00 25.95 ? 134 PHE A CA    1 
ATOM   854  C C     . PHE C 3 33 ? 7.365   -3.147  -0.731  1.00 25.79 ? 134 PHE A C     1 
ATOM   855  O O     . PHE C 3 33 ? 6.814   -4.150  -0.276  1.00 26.68 ? 134 PHE A O     1 
ATOM   856  C CB    . PHE C 3 33 ? 7.349   -1.165  0.767   1.00 26.90 ? 134 PHE A CB    1 
ATOM   857  C CG    . PHE C 3 33 ? 6.275   -1.700  1.719   1.00 27.77 ? 134 PHE A CG    1 
ATOM   858  C CD1   . PHE C 3 33 ? 6.556   -2.767  2.572   1.00 28.37 ? 134 PHE A CD1   1 
ATOM   859  C CD2   . PHE C 3 33 ? 5.035   -1.164  1.802   1.00 28.33 ? 134 PHE A CD2   1 
ATOM   860  C CE1   . PHE C 3 33 ? 5.643   -3.265  3.453   1.00 26.55 ? 134 PHE A CE1   1 
ATOM   861  C CE2   . PHE C 3 33 ? 4.084   -1.682  2.719   1.00 29.49 ? 134 PHE A CE2   1 
ATOM   862  C CZ    . PHE C 3 33 ? 4.426   -2.752  3.544   1.00 28.12 ? 134 PHE A CZ    1 
ATOM   863  N N     . SER C 3 34 ? 7.122   -2.689  -1.951  1.00 25.95 ? 135 SER A N     1 
ATOM   864  C CA    . SER C 3 34 ? 6.318   -3.448  -2.895  1.00 25.92 ? 135 SER A CA    1 
ATOM   865  C C     . SER C 3 34 ? 7.003   -4.810  -3.239  1.00 26.84 ? 135 SER A C     1 
ATOM   866  O O     . SER C 3 34 ? 6.335   -5.801  -3.339  1.00 27.70 ? 135 SER A O     1 
ATOM   867  C CB    . SER C 3 34 ? 6.115   -2.643  -4.187  1.00 25.51 ? 135 SER A CB    1 
ATOM   868  O OG    . SER C 3 34 ? 7.365   -2.183  -4.711  1.00 25.62 ? 135 SER A OG    1 
ATOM   869  N N     . SER C 3 35 ? 8.305   -4.806  -3.442  1.00 27.40 ? 136 SER A N     1 
ATOM   870  C CA    . SER C 3 35 ? 9.060   -6.040  -3.717  1.00 29.23 ? 136 SER A CA    1 
ATOM   871  C C     . SER C 3 35 ? 8.921   -6.908  -2.483  1.00 30.00 ? 136 SER A C     1 
ATOM   872  O O     . SER C 3 35 ? 8.772   -8.131  -2.592  1.00 30.07 ? 136 SER A O     1 
ATOM   873  C CB    . SER C 3 35 ? 10.565  -5.806  -3.844  1.00 28.08 ? 136 SER A CB    1 
ATOM   874  O OG    . SER C 3 35 ? 10.759  -5.088  -5.051  1.00 29.62 ? 136 SER A OG    1 
ATOM   875  N N     . SER C 3 36 ? 9.017   -6.288  -1.304  1.00 30.19 ? 137 SER A N     1 
ATOM   876  C CA    . SER C 3 36 ? 8.926   -7.154  -0.142  1.00 30.61 ? 137 SER A CA    1 
ATOM   877  C C     . SER C 3 36 ? 7.587   -7.904  -0.049  1.00 29.94 ? 137 SER A C     1 
ATOM   878  O O     . SER C 3 36 ? 7.480   -8.963  0.580   1.00 29.87 ? 137 SER A O     1 
ATOM   879  C CB    . SER C 3 36 ? 9.157   -6.370  1.138   1.00 31.03 ? 137 SER A CB    1 
ATOM   880  O OG    . SER C 3 36 ? 7.935   -6.244  1.825   1.00 35.98 ? 137 SER A OG    1 
ATOM   881  N N     . LEU C 3 37 ? 6.556   -7.378  -0.677  1.00 29.18 ? 138 LEU A N     1 
ATOM   882  C CA    . LEU C 3 37 ? 5.287   -8.026  -0.514  1.00 27.66 ? 138 LEU A CA    1 
ATOM   883  C C     . LEU C 3 37 ? 4.991   -8.694  -1.877  1.00 28.66 ? 138 LEU A C     1 
ATOM   884  O O     . LEU C 3 37 ? 3.882   -9.292  -2.095  1.00 28.12 ? 138 LEU A O     1 
ATOM   885  C CB    . LEU C 3 37 ? 4.309   -6.889  -0.272  1.00 25.97 ? 138 LEU A CB    1 
ATOM   886  C CG    . LEU C 3 37 ? 3.594   -6.694  1.057   1.00 26.47 ? 138 LEU A CG    1 
ATOM   887  C CD1   . LEU C 3 37 ? 4.462   -7.188  2.237   1.00 26.47 ? 138 LEU A CD1   1 
ATOM   888  C CD2   . LEU C 3 37 ? 3.086   -5.313  1.252   1.00 24.34 ? 138 LEU A CD2   1 
ATOM   889  N N     . SER C 3 38 ? 5.918   -8.529  -2.833  1.00 27.33 ? 139 SER A N     1 
ATOM   890  C CA    . SER C 3 38 ? 5.578   -9.035  -4.172  1.00 27.82 ? 139 SER A CA    1 
ATOM   891  C C     . SER C 3 38 ? 4.367   -8.325  -4.766  1.00 28.05 ? 139 SER A C     1 
ATOM   892  O O     . SER C 3 38 ? 3.513   -8.928  -5.341  1.00 28.29 ? 139 SER A O     1 
ATOM   893  C CB    . SER C 3 38 ? 5.323   -10.573 -4.159  1.00 26.96 ? 139 SER A CB    1 
ATOM   894  O OG    . SER C 3 38 ? 6.496   -11.203 -3.669  1.00 28.02 ? 139 SER A OG    1 
ATOM   895  N N     . LEU C 3 39 ? 4.285   -7.001  -4.657  1.00 28.03 ? 140 LEU A N     1 
ATOM   896  C CA    . LEU C 3 39 ? 3.152   -6.363  -5.282  1.00 25.61 ? 140 LEU A CA    1 
ATOM   897  C C     . LEU C 3 39 ? 3.839   -5.358  -6.126  1.00 23.89 ? 140 LEU A C     1 
ATOM   898  O O     . LEU C 3 39 ? 4.987   -5.096  -5.919  1.00 22.95 ? 140 LEU A O     1 
ATOM   899  C CB    . LEU C 3 39 ? 2.288   -5.690  -4.233  1.00 26.84 ? 140 LEU A CB    1 
ATOM   900  C CG    . LEU C 3 39 ? 1.557   -6.643  -3.272  1.00 26.49 ? 140 LEU A CG    1 
ATOM   901  C CD1   . LEU C 3 39 ? 0.969   -5.774  -2.102  1.00 27.02 ? 140 LEU A CD1   1 
ATOM   902  C CD2   . LEU C 3 39 ? 0.387   -7.376  -3.991  1.00 24.48 ? 140 LEU A CD2   1 
ATOM   903  N N     . THR C 3 40 ? 3.140   -4.833  -7.095  1.00 23.10 ? 141 THR A N     1 
ATOM   904  C CA    . THR C 3 40 ? 3.708   -3.834  -7.950  1.00 22.98 ? 141 THR A CA    1 
ATOM   905  C C     . THR C 3 40 ? 3.731   -2.456  -7.183  1.00 24.62 ? 141 THR A C     1 
ATOM   906  O O     . THR C 3 40 ? 2.957   -2.230  -6.255  1.00 23.99 ? 141 THR A O     1 
ATOM   907  C CB    . THR C 3 40 ? 2.861   -3.726  -9.325  1.00 21.91 ? 141 THR A CB    1 
ATOM   908  O OG1   . THR C 3 40 ? 1.483   -3.329  -9.059  1.00 23.71 ? 141 THR A OG1   1 
ATOM   909  C CG2   . THR C 3 40 ? 2.793   -5.154  -10.078 1.00 21.83 ? 141 THR A CG2   1 
ATOM   910  N N     . GLU C 3 41 ? 4.638   -1.592  -7.602  1.00 24.53 ? 142 GLU A N     1 
ATOM   911  C CA    . GLU C 3 41 ? 4.760   -0.255  -7.069  1.00 25.99 ? 142 GLU A CA    1 
ATOM   912  C C     . GLU C 3 41 ? 3.354   0.383   -7.236  1.00 26.86 ? 142 GLU A C     1 
ATOM   913  O O     . GLU C 3 41 ? 2.786   0.915   -6.290  1.00 29.50 ? 142 GLU A O     1 
ATOM   914  C CB    . GLU C 3 41 ? 5.859   0.433   -7.867  1.00 25.13 ? 142 GLU A CB    1 
ATOM   915  C CG    . GLU C 3 41 ? 7.239   -0.117  -7.462  1.00 27.27 ? 142 GLU A CG    1 
ATOM   916  C CD    . GLU C 3 41 ? 8.323   0.691   -8.132  1.00 31.46 ? 142 GLU A CD    1 
ATOM   917  O OE1   . GLU C 3 41 ? 8.062   1.089   -9.272  1.00 34.66 ? 142 GLU A OE1   1 
ATOM   918  O OE2   . GLU C 3 41 ? 9.407   0.952   -7.595  1.00 31.27 ? 142 GLU A OE2   1 
ATOM   919  N N     . THR C 3 42 ? 2.741   0.256   -8.412  1.00 26.94 ? 143 THR A N     1 
ATOM   920  C CA    . THR C 3 42 ? 1.422   0.828   -8.602  1.00 25.89 ? 143 THR A CA    1 
ATOM   921  C C     . THR C 3 42 ? 0.419   0.333   -7.593  1.00 26.06 ? 143 THR A C     1 
ATOM   922  O O     . THR C 3 42 ? -0.348  1.120   -7.012  1.00 26.08 ? 143 THR A O     1 
ATOM   923  C CB    . THR C 3 42 ? 0.893   0.583   -9.969  1.00 25.69 ? 143 THR A CB    1 
ATOM   924  O OG1   . THR C 3 42 ? 1.847   1.056   -10.868 1.00 27.67 ? 143 THR A OG1   1 
ATOM   925  C CG2   . THR C 3 42 ? -0.455  1.349   -10.210 1.00 24.37 ? 143 THR A CG2   1 
ATOM   926  N N     . GLN C 3 43 ? 0.372   -0.974  -7.404  1.00 25.37 ? 144 GLN A N     1 
ATOM   927  C CA    . GLN C 3 43 ? -0.505  -1.444  -6.379  1.00 24.92 ? 144 GLN A CA    1 
ATOM   928  C C     . GLN C 3 43 ? -0.305  -0.765  -5.012  1.00 24.48 ? 144 GLN A C     1 
ATOM   929  O O     . GLN C 3 43 ? -1.278  -0.377  -4.394  1.00 24.40 ? 144 GLN A O     1 
ATOM   930  C CB    . GLN C 3 43 ? -0.305  -2.894  -6.195  1.00 25.80 ? 144 GLN A CB    1 
ATOM   931  C CG    . GLN C 3 43 ? -1.120  -3.636  -7.255  1.00 27.61 ? 144 GLN A CG    1 
ATOM   932  C CD    . GLN C 3 43 ? -0.602  -5.034  -7.653  1.00 28.09 ? 144 GLN A CD    1 
ATOM   933  O OE1   . GLN C 3 43 ? 0.397   -5.564  -7.167  1.00 28.25 ? 144 GLN A OE1   1 
ATOM   934  N NE2   . GLN C 3 43 ? -1.294  -5.587  -8.591  1.00 30.23 ? 144 GLN A NE2   1 
ATOM   935  N N     . VAL C 3 44 ? 0.943   -0.650  -4.552  1.00 23.84 ? 145 VAL A N     1 
ATOM   936  C CA    . VAL C 3 44 ? 1.205   -0.069  -3.268  1.00 22.58 ? 145 VAL A CA    1 
ATOM   937  C C     . VAL C 3 44 ? 0.832   1.435   -3.267  1.00 24.70 ? 145 VAL A C     1 
ATOM   938  O O     . VAL C 3 44 ? 0.110   1.916   -2.353  1.00 25.44 ? 145 VAL A O     1 
ATOM   939  C CB    . VAL C 3 44 ? 2.690   -0.314  -2.995  1.00 23.98 ? 145 VAL A CB    1 
ATOM   940  C CG1   . VAL C 3 44 ? 3.186   0.443   -1.764  1.00 20.06 ? 145 VAL A CG1   1 
ATOM   941  C CG2   . VAL C 3 44 ? 2.924   -1.828  -2.959  1.00 20.79 ? 145 VAL A CG2   1 
ATOM   942  N N     . LYS C 3 45 ? 1.305   2.152   -4.294  1.00 25.18 ? 146 LYS A N     1 
ATOM   943  C CA    . LYS C 3 45 ? 0.980   3.576   -4.489  1.00 25.66 ? 146 LYS A CA    1 
ATOM   944  C C     . LYS C 3 45 ? -0.545  3.753   -4.317  1.00 26.76 ? 146 LYS A C     1 
ATOM   945  O O     . LYS C 3 45 ? -1.008  4.553   -3.496  1.00 28.07 ? 146 LYS A O     1 
ATOM   946  C CB    . LYS C 3 45 ? 1.383   4.019   -5.937  1.00 26.13 ? 146 LYS A CB    1 
ATOM   947  C CG    . LYS C 3 45 ? 0.813   5.390   -6.335  1.00 27.99 ? 146 LYS A CG    1 
ATOM   948  C CD    . LYS C 3 45 ? 1.187   5.917   -7.746  1.00 27.60 ? 146 LYS A CD    1 
ATOM   949  C CE    . LYS C 3 45 ? 0.051   6.692   -8.286  1.00 27.22 ? 146 LYS A CE    1 
ATOM   950  N NZ    . LYS C 3 45 ? 0.334   7.507   -9.445  1.00 27.75 ? 146 LYS A NZ    1 
ATOM   951  N N     . ILE C 3 46 ? -1.315  2.985   -5.060  1.00 25.56 ? 147 ILE A N     1 
ATOM   952  C CA    . ILE C 3 46 ? -2.760  3.134   -5.017  1.00 26.60 ? 147 ILE A CA    1 
ATOM   953  C C     . ILE C 3 46 ? -3.419  2.735   -3.701  1.00 26.83 ? 147 ILE A C     1 
ATOM   954  O O     . ILE C 3 46 ? -4.334  3.447   -3.179  1.00 25.55 ? 147 ILE A O     1 
ATOM   955  C CB    . ILE C 3 46 ? -3.454  2.526   -6.268  1.00 24.84 ? 147 ILE A CB    1 
ATOM   956  C CG1   . ILE C 3 46 ? -3.215  3.530   -7.455  1.00 23.56 ? 147 ILE A CG1   1 
ATOM   957  C CG2   . ILE C 3 46 ? -4.914  2.371   -5.999  1.00 25.44 ? 147 ILE A CG2   1 
ATOM   958  C CD1   . ILE C 3 46 ? -2.475  3.004   -8.417  1.00 28.98 ? 147 ILE A CD1   1 
ATOM   959  N N     . TRP C 3 47 ? -2.848  1.720   -3.094  1.00 26.32 ? 148 TRP A N     1 
ATOM   960  C CA    . TRP C 3 47 ? -3.345  1.336   -1.780  1.00 25.93 ? 148 TRP A CA    1 
ATOM   961  C C     . TRP C 3 47 ? -3.062  2.513   -0.751  1.00 26.27 ? 148 TRP A C     1 
ATOM   962  O O     . TRP C 3 47 ? -3.917  2.818   0.047   1.00 27.54 ? 148 TRP A O     1 
ATOM   963  C CB    . TRP C 3 47 ? -2.639  0.123   -1.284  1.00 24.74 ? 148 TRP A CB    1 
ATOM   964  C CG    . TRP C 3 47 ? -3.268  -0.379  -0.037  1.00 24.98 ? 148 TRP A CG    1 
ATOM   965  C CD1   . TRP C 3 47 ? -4.287  -1.218  0.033   1.00 23.88 ? 148 TRP A CD1   1 
ATOM   966  C CD2   . TRP C 3 47 ? -2.958  0.009   1.297   1.00 24.31 ? 148 TRP A CD2   1 
ATOM   967  N NE1   . TRP C 3 47 ? -4.657  -1.414  1.339   1.00 25.67 ? 148 TRP A NE1   1 
ATOM   968  C CE2   . TRP C 3 47 ? -3.841  -0.649  2.139   1.00 25.92 ? 148 TRP A CE2   1 
ATOM   969  C CE3   . TRP C 3 47 ? -2.030  0.879   1.865   1.00 24.76 ? 148 TRP A CE3   1 
ATOM   970  C CZ2   . TRP C 3 47 ? -3.840  -0.479  3.543   1.00 27.49 ? 148 TRP A CZ2   1 
ATOM   971  C CZ3   . TRP C 3 47 ? -2.021  1.065   3.276   1.00 25.57 ? 148 TRP A CZ3   1 
ATOM   972  C CH2   . TRP C 3 47 ? -2.895  0.399   4.071   1.00 25.64 ? 148 TRP A CH2   1 
ATOM   973  N N     . PHE C 3 48 ? -1.882  3.115   -0.774  1.00 25.95 ? 149 PHE A N     1 
ATOM   974  C CA    . PHE C 3 48 ? -1.567  4.172   0.126   1.00 26.01 ? 149 PHE A CA    1 
ATOM   975  C C     . PHE C 3 48 ? -2.426  5.359   -0.203  1.00 25.75 ? 149 PHE A C     1 
ATOM   976  O O     . PHE C 3 48 ? -2.986  5.971   0.642   1.00 28.60 ? 149 PHE A O     1 
ATOM   977  C CB    . PHE C 3 48 ? -0.067  4.514   0.048   1.00 25.98 ? 149 PHE A CB    1 
ATOM   978  C CG    . PHE C 3 48 ? 0.738   3.822   1.127   1.00 26.00 ? 149 PHE A CG    1 
ATOM   979  C CD1   . PHE C 3 48 ? 1.084   4.520   2.336   1.00 25.57 ? 149 PHE A CD1   1 
ATOM   980  C CD2   . PHE C 3 48 ? 1.148   2.447   0.972   1.00 25.62 ? 149 PHE A CD2   1 
ATOM   981  C CE1   . PHE C 3 48 ? 1.809   3.928   3.340   1.00 25.26 ? 149 PHE A CE1   1 
ATOM   982  C CE2   . PHE C 3 48 ? 1.898   1.830   2.005   1.00 24.63 ? 149 PHE A CE2   1 
ATOM   983  C CZ    . PHE C 3 48 ? 2.228   2.551   3.197   1.00 26.08 ? 149 PHE A CZ    1 
ATOM   984  N N     . GLN C 3 49 ? -2.608  5.615   -1.464  1.00 25.49 ? 150 GLN A N     1 
ATOM   985  C CA    . GLN C 3 49 ? -3.432  6.718   -1.895  1.00 26.80 ? 150 GLN A CA    1 
ATOM   986  C C     . GLN C 3 49 ? -4.845  6.585   -1.359  1.00 28.26 ? 150 GLN A C     1 
ATOM   987  O O     . GLN C 3 49 ? -5.376  7.547   -0.705  1.00 27.92 ? 150 GLN A O     1 
ATOM   988  C CB    . GLN C 3 49 ? -3.485  6.772   -3.403  1.00 26.25 ? 150 GLN A CB    1 
ATOM   989  C CG    . GLN C 3 49 ? -4.247  7.892   -3.883  1.00 26.23 ? 150 GLN A CG    1 
ATOM   990  C CD    . GLN C 3 49 ? -4.145  8.106   -5.433  1.00 27.26 ? 150 GLN A CD    1 
ATOM   991  O OE1   . GLN C 3 49 ? -3.185  8.684   -5.963  1.00 27.54 ? 150 GLN A OE1   1 
ATOM   992  N NE2   . GLN C 3 49 ? -5.138  7.609   -6.133  1.00 26.80 ? 150 GLN A NE2   1 
ATOM   993  N N     . ASN C 3 50 ? -5.428  5.408   -1.616  1.00 27.08 ? 151 ASN A N     1 
ATOM   994  C CA    . ASN C 3 50 ? -6.778  5.113   -1.140  1.00 28.65 ? 151 ASN A CA    1 
ATOM   995  C C     . ASN C 3 50 ? -6.806  5.102   0.398   1.00 29.42 ? 151 ASN A C     1 
ATOM   996  O O     . ASN C 3 50 ? -7.770  5.576   1.049   1.00 30.44 ? 151 ASN A O     1 
ATOM   997  C CB    . ASN C 3 50 ? -7.260  3.781   -1.663  1.00 29.62 ? 151 ASN A CB    1 
ATOM   998  C CG    . ASN C 3 50 ? -7.703  3.809   -3.152  1.00 31.43 ? 151 ASN A CG    1 
ATOM   999  O OD1   . ASN C 3 50 ? -8.304  4.815   -3.669  1.00 32.35 ? 151 ASN A OD1   1 
ATOM   1000 N ND2   . ASN C 3 50 ? -7.503  2.675   -3.824  1.00 30.93 ? 151 ASN A ND2   1 
ATOM   1001 N N     . ARG C 3 51 ? -5.773  4.603   1.039   1.00 29.25 ? 152 ARG A N     1 
ATOM   1002 C CA    . ARG C 3 51 ? -5.895  4.594   2.477   1.00 27.50 ? 152 ARG A CA    1 
ATOM   1003 C C     . ARG C 3 51 ? -5.814  5.995   3.105   1.00 27.94 ? 152 ARG A C     1 
ATOM   1004 O O     . ARG C 3 51 ? -6.355  6.224   4.175   1.00 24.79 ? 152 ARG A O     1 
ATOM   1005 C CB    . ARG C 3 51 ? -4.828  3.822   3.145   1.00 27.19 ? 152 ARG A CB    1 
ATOM   1006 C CG    . ARG C 3 51 ? -5.564  3.089   4.166   1.00 31.33 ? 152 ARG A CG    1 
ATOM   1007 C CD    . ARG C 3 51 ? -4.730  2.672   5.196   1.00 32.85 ? 152 ARG A CD    1 
ATOM   1008 N NE    . ARG C 3 51 ? -5.409  2.488   6.485   1.00 32.27 ? 152 ARG A NE    1 
ATOM   1009 C CZ    . ARG C 3 51 ? -6.128  3.430   7.110   1.00 33.08 ? 152 ARG A CZ    1 
ATOM   1010 N NH1   . ARG C 3 51 ? -6.334  4.609   6.558   1.00 33.47 ? 152 ARG A NH1   1 
ATOM   1011 N NH2   . ARG C 3 51 ? -6.481  3.251   8.377   1.00 30.76 ? 152 ARG A NH2   1 
ATOM   1012 N N     . ARG C 3 52 ? -5.023  6.864   2.466   1.00 28.68 ? 153 ARG A N     1 
ATOM   1013 C CA    . ARG C 3 52 ? -4.876  8.188   2.999   1.00 29.91 ? 153 ARG A CA    1 
ATOM   1014 C C     . ARG C 3 52 ? -6.299  8.810   2.878   1.00 31.07 ? 153 ARG A C     1 
ATOM   1015 O O     . ARG C 3 52 ? -6.714  9.566   3.767   1.00 30.33 ? 153 ARG A O     1 
ATOM   1016 C CB    . ARG C 3 52 ? -3.927  9.039   2.192   1.00 28.45 ? 153 ARG A CB    1 
ATOM   1017 C CG    . ARG C 3 52 ? -2.471  9.348   2.600   1.00 28.26 ? 153 ARG A CG    1 
ATOM   1018 C CD    . ARG C 3 52 ? -1.781  9.989   1.273   1.00 27.51 ? 153 ARG A CD    1 
ATOM   1019 N NE    . ARG C 3 52 ? -0.794  9.040   1.076   1.00 29.68 ? 153 ARG A NE    1 
ATOM   1020 C CZ    . ARG C 3 52 ? -0.226  8.585   0.003   1.00 26.43 ? 153 ARG A CZ    1 
ATOM   1021 N NH1   . ARG C 3 52 ? -0.482  8.949   -1.197  1.00 24.48 ? 153 ARG A NH1   1 
ATOM   1022 N NH2   . ARG C 3 52 ? 0.665   7.653   0.310   1.00 30.53 ? 153 ARG A NH2   1 
ATOM   1023 N N     . ALA C 3 53 ? -7.072  8.408   1.856   1.00 32.38 ? 154 ALA A N     1 
ATOM   1024 C CA    . ALA C 3 53 ? -8.381  8.997   1.692   1.00 33.22 ? 154 ALA A CA    1 
ATOM   1025 C C     . ALA C 3 53 ? -9.267  8.517   2.764   1.00 34.48 ? 154 ALA A C     1 
ATOM   1026 O O     . ALA C 3 53 ? -9.982  9.302   3.464   1.00 35.21 ? 154 ALA A O     1 
ATOM   1027 C CB    . ALA C 3 53 ? -8.971  8.726   0.341   1.00 32.94 ? 154 ALA A CB    1 
ATOM   1028 N N     . LYS C 3 54 ? -9.164  7.245   3.025   1.00 34.67 ? 155 LYS A N     1 
ATOM   1029 C CA    . LYS C 3 54 ? -10.049 6.733   4.062   1.00 35.37 ? 155 LYS A CA    1 
ATOM   1030 C C     . LYS C 3 54 ? -9.739  7.388   5.410   1.00 36.99 ? 155 LYS A C     1 
ATOM   1031 O O     . LYS C 3 54 ? -10.604 7.811   6.159   1.00 36.77 ? 155 LYS A O     1 
ATOM   1032 C CB    . LYS C 3 54 ? -9.913  5.254   4.120   1.00 34.19 ? 155 LYS A CB    1 
ATOM   1033 C CG    . LYS C 3 54 ? -9.852  4.689   5.463   1.00 33.51 ? 155 LYS A CG    1 
ATOM   1034 C CD    . LYS C 3 54 ? -10.410 3.264   5.411   1.00 34.08 ? 155 LYS A CD    1 
ATOM   1035 C CE    . LYS C 3 54 ? -10.688 2.724   6.763   1.00 34.68 ? 155 LYS A CE    1 
ATOM   1036 N NZ    . LYS C 3 54 ? -10.276 1.247   6.838   1.00 36.44 ? 155 LYS A NZ    1 
ATOM   1037 N N     . ALA C 3 55 ? -8.462  7.461   5.698   1.00 38.31 ? 156 ALA A N     1 
ATOM   1038 C CA    . ALA C 3 55 ? -8.031  8.034   6.907   1.00 39.81 ? 156 ALA A CA    1 
ATOM   1039 C C     . ALA C 3 55 ? -8.503  9.504   6.892   1.00 41.67 ? 156 ALA A C     1 
ATOM   1040 O O     . ALA C 3 55 ? -8.744  10.024  7.936   1.00 42.30 ? 156 ALA A O     1 
ATOM   1041 C CB    . ALA C 3 55 ? -6.547  7.957   6.962   1.00 38.01 ? 156 ALA A CB    1 
ATOM   1042 N N     . LYS C 3 56 ? -8.620  10.196  5.742   1.00 43.81 ? 157 LYS A N     1 
ATOM   1043 C CA    . LYS C 3 56 ? -9.088  11.592  5.855   1.00 45.70 ? 157 LYS A CA    1 
ATOM   1044 C C     . LYS C 3 56 ? -10.581 11.590  6.174   1.00 47.11 ? 157 LYS A C     1 
ATOM   1045 O O     . LYS C 3 56 ? -11.045 12.417  6.927   1.00 48.34 ? 157 LYS A O     1 
ATOM   1046 C CB    . LYS C 3 56 ? -8.812  12.437  4.603   1.00 44.48 ? 157 LYS A CB    1 
ATOM   1047 N N     . ARG C 3 57 ? -11.333 10.656  5.633   1.00 48.69 ? 158 ARG A N     1 
ATOM   1048 C CA    . ARG C 3 57 ? -12.763 10.614  5.925   1.00 50.26 ? 158 ARG A CA    1 
ATOM   1049 C C     . ARG C 3 57 ? -13.033 10.508  7.394   1.00 51.71 ? 158 ARG A C     1 
ATOM   1050 O O     . ARG C 3 57 ? -13.943 11.118  7.915   1.00 52.90 ? 158 ARG A O     1 
ATOM   1051 C CB    . ARG C 3 57 ? -13.374 9.429   5.264   1.00 51.05 ? 158 ARG A CB    1 
ATOM   1052 C CG    . ARG C 3 57 ? -13.274 9.505   3.794   1.00 51.48 ? 158 ARG A CG    1 
ATOM   1053 C CD    . ARG C 3 57 ? -14.308 8.602   3.257   1.00 52.52 ? 158 ARG A CD    1 
ATOM   1054 N NE    . ARG C 3 57 ? -13.937 7.179   3.340   1.00 53.69 ? 158 ARG A NE    1 
ATOM   1055 C CZ    . ARG C 3 57 ? -13.030 6.614   2.547   1.00 53.50 ? 158 ARG A CZ    1 
ATOM   1056 N NH1   . ARG C 3 57 ? -12.407 7.372   1.641   1.00 52.90 ? 158 ARG A NH1   1 
ATOM   1057 N NH2   . ARG C 3 57 ? -12.776 5.298   2.638   1.00 53.82 ? 158 ARG A NH2   1 
ATOM   1058 N N     . LEU C 3 58 ? -12.223 9.727   8.073   1.00 52.22 ? 159 LEU A N     1 
ATOM   1059 C CA    . LEU C 3 58 ? -12.355 9.572   9.498   1.00 52.87 ? 159 LEU A CA    1 
ATOM   1060 C C     . LEU C 3 58 ? -11.632 10.823  10.148  1.00 53.46 ? 159 LEU A C     1 
ATOM   1061 O O     . LEU C 3 58 ? -10.604 10.684  10.847  1.00 54.28 ? 159 LEU A O     1 
ATOM   1062 C CB    . LEU C 3 58 ? -11.737 8.187   9.855   1.00 52.69 ? 159 LEU A CB    1 
ATOM   1063 C CG    . LEU C 3 58 ? -11.871 7.138   8.684   1.00 53.12 ? 159 LEU A CG    1 
ATOM   1064 C CD1   . LEU C 3 58 ? -12.189 5.732   9.126   1.00 51.66 ? 159 LEU A CD1   1 
ATOM   1065 C CD2   . LEU C 3 58 ? -13.014 7.537   7.751   1.00 54.15 ? 159 LEU A CD2   1 
ATOM   1066 O OXT   . LEU C 3 58 ? -12.074 11.998  9.914   1.00 53.60 ? 159 LEU A OXT   1 
HETATM 1067 O O     . HOH D 4 .  ? -10.994 3.263   -1.632  1.00 30.26 ? 161 HOH B O     1 
HETATM 1068 O O     . HOH D 4 .  ? -6.347  0.490   -3.128  1.00 24.46 ? 162 HOH B O     1 
HETATM 1069 O O     . HOH D 4 .  ? -3.994  8.015   -9.100  1.00 26.86 ? 168 HOH B O     1 
HETATM 1070 O O     . HOH D 4 .  ? -3.041  -0.536  -8.937  1.00 29.40 ? 170 HOH B O     1 
HETATM 1071 O O     . HOH D 4 .  ? -4.494  5.325   -15.193 1.00 38.44 ? 183 HOH B O     1 
HETATM 1072 O O     . HOH D 4 .  ? -12.333 1.959   2.558   1.00 28.22 ? 188 HOH B O     1 
HETATM 1073 O O     . HOH D 4 .  ? -3.110  10.394  -12.649 1.00 34.42 ? 191 HOH B O     1 
HETATM 1074 O O     . HOH D 4 .  ? -6.998  0.943   -17.198 1.00 52.00 ? 194 HOH B O     1 
HETATM 1075 O O     . HOH D 4 .  ? -5.428  3.964   -13.027 1.00 33.24 ? 195 HOH B O     1 
HETATM 1076 O O     . HOH D 4 .  ? -6.375  1.312   0.593   1.00 30.78 ? 202 HOH B O     1 
HETATM 1077 O O     . HOH D 4 .  ? -7.570  -2.241  2.317   1.00 22.90 ? 203 HOH B O     1 
HETATM 1078 O O     . HOH D 4 .  ? -2.979  0.398   -13.961 1.00 52.74 ? 206 HOH B O     1 
HETATM 1079 O O     . HOH D 4 .  ? -2.650  -2.525  -10.382 1.00 43.17 ? 213 HOH B O     1 
HETATM 1080 O O     . HOH D 4 .  ? -22.504 1.876   -1.538  1.00 39.75 ? 215 HOH B O     1 
HETATM 1081 O O     . HOH D 4 .  ? -3.080  14.249  -14.216 1.00 39.31 ? 218 HOH B O     1 
HETATM 1082 O O     . HOH D 4 .  ? -24.669 -1.185  -5.661  1.00 43.46 ? 220 HOH B O     1 
HETATM 1083 O O     . HOH D 4 .  ? -16.256 -4.697  1.655   1.00 44.89 ? 226 HOH B O     1 
HETATM 1084 O O     . HOH D 4 .  ? -5.386  19.213  -7.943  1.00 41.01 ? 234 HOH B O     1 
HETATM 1085 O O     . HOH D 4 .  ? -8.524  17.589  -9.178  1.00 48.20 ? 248 HOH B O     1 
HETATM 1086 O O     . HOH D 4 .  ? -1.196  19.647  -6.178  1.00 42.41 ? 255 HOH B O     1 
HETATM 1087 O O     . HOH D 4 .  ? -6.426  22.738  -18.350 1.00 66.41 ? 289 HOH B O     1 
HETATM 1088 O O     . HOH D 4 .  ? -11.900 6.131   -23.651 1.00 62.38 ? 296 HOH B O     1 
HETATM 1089 O O     . HOH D 4 .  ? -9.217  16.681  -19.160 1.00 51.47 ? 299 HOH B O     1 
HETATM 1090 O O     . HOH D 4 .  ? -3.650  27.615  -9.971  1.00 55.00 ? 305 HOH B O     1 
HETATM 1091 O O     . HOH D 4 .  ? -12.269 -0.721  -9.098  1.00 41.32 ? 314 HOH B O     1 
HETATM 1092 O O     . HOH D 4 .  ? 2.272   24.087  -1.948  1.00 48.04 ? 332 HOH B O     1 
HETATM 1093 O O     . HOH D 4 .  ? -10.615 2.958   1.134   1.00 52.65 ? 357 HOH B O     1 
HETATM 1094 O O     . HOH D 4 .  ? -22.410 0.313   -3.634  1.00 39.99 ? 359 HOH B O     1 
HETATM 1095 O O     . HOH D 4 .  ? -1.351  11.955  -13.498 1.00 43.87 ? 360 HOH B O     1 
HETATM 1096 O O     . HOH D 4 .  ? -4.621  29.892  -6.216  1.00 58.24 ? 383 HOH B O     1 
HETATM 1097 O O     . HOH D 4 .  ? -6.212  29.512  -7.711  1.00 53.37 ? 384 HOH B O     1 
HETATM 1098 O O     . HOH D 4 .  ? -5.800  26.736  -7.439  1.00 55.06 ? 385 HOH B O     1 
HETATM 1099 O O     . HOH D 4 .  ? -8.181  30.055  -5.567  1.00 58.76 ? 386 HOH B O     1 
HETATM 1100 O O     . HOH E 4 .  ? -1.919  9.520   -9.925  1.00 27.52 ? 160 HOH C O     1 
HETATM 1101 O O     . HOH E 4 .  ? 0.644   6.797   -2.726  1.00 25.36 ? 163 HOH C O     1 
HETATM 1102 O O     . HOH E 4 .  ? -8.819  8.103   -3.617  1.00 24.44 ? 169 HOH C O     1 
HETATM 1103 O O     . HOH E 4 .  ? -6.511  11.847  0.731   1.00 29.89 ? 173 HOH C O     1 
HETATM 1104 O O     . HOH E 4 .  ? -14.254 -1.860  -8.178  1.00 46.59 ? 174 HOH C O     1 
HETATM 1105 O O     . HOH E 4 .  ? -12.982 5.622   -11.831 1.00 36.69 ? 175 HOH C O     1 
HETATM 1106 O O     . HOH E 4 .  ? 5.523   10.240  -1.650  1.00 31.56 ? 179 HOH C O     1 
HETATM 1107 O O     . HOH E 4 .  ? -20.862 -1.460  -7.914  1.00 36.73 ? 185 HOH C O     1 
HETATM 1108 O O     . HOH E 4 .  ? -4.553  12.948  2.258   1.00 43.74 ? 189 HOH C O     1 
HETATM 1109 O O     . HOH E 4 .  ? -13.131 12.391  -11.034 1.00 24.87 ? 190 HOH C O     1 
HETATM 1110 O O     . HOH E 4 .  ? -18.641 6.953   -15.531 1.00 40.15 ? 205 HOH C O     1 
HETATM 1111 O O     . HOH E 4 .  ? -18.358 -16.607 5.754   1.00 41.53 ? 217 HOH C O     1 
HETATM 1112 O O     . HOH E 4 .  ? 9.021   11.929  -13.601 1.00 58.56 ? 224 HOH C O     1 
HETATM 1113 O O     . HOH E 4 .  ? -18.405 7.395   -3.216  1.00 43.95 ? 233 HOH C O     1 
HETATM 1114 O O     . HOH E 4 .  ? -5.254  16.093  2.290   1.00 52.22 ? 236 HOH C O     1 
HETATM 1115 O O     . HOH E 4 .  ? -17.149 12.069  -14.151 1.00 61.24 ? 237 HOH C O     1 
HETATM 1116 O O     . HOH E 4 .  ? -18.124 11.634  -5.127  1.00 46.30 ? 240 HOH C O     1 
HETATM 1117 O O     . HOH E 4 .  ? -11.274 9.818   -2.451  1.00 45.63 ? 244 HOH C O     1 
HETATM 1118 O O     . HOH E 4 .  ? -16.125 3.380   -16.928 1.00 38.45 ? 246 HOH C O     1 
HETATM 1119 O O     . HOH E 4 .  ? -17.360 0.675   -17.571 1.00 42.78 ? 252 HOH C O     1 
HETATM 1120 O O     . HOH E 4 .  ? 3.439   4.331   -10.795 1.00 45.65 ? 256 HOH C O     1 
HETATM 1121 O O     . HOH E 4 .  ? 3.827   7.045   -4.233  1.00 36.78 ? 257 HOH C O     1 
HETATM 1122 O O     . HOH E 4 .  ? -31.297 -3.742  4.808   1.00 40.97 ? 259 HOH C O     1 
HETATM 1123 O O     . HOH E 4 .  ? -15.264 -7.581  -0.637  1.00 49.78 ? 260 HOH C O     1 
HETATM 1124 O O     . HOH E 4 .  ? 5.037   2.844   -11.509 1.00 47.79 ? 265 HOH C O     1 
HETATM 1125 O O     . HOH E 4 .  ? -2.408  17.901  -5.113  1.00 56.99 ? 275 HOH C O     1 
HETATM 1126 O O     . HOH E 4 .  ? -14.146 -9.606  0.117   1.00 57.37 ? 277 HOH C O     1 
HETATM 1127 O O     . HOH E 4 .  ? -14.192 12.840  -2.549  1.00 60.79 ? 278 HOH C O     1 
HETATM 1128 O O     . HOH E 4 .  ? -21.016 0.301   -6.141  1.00 45.11 ? 279 HOH C O     1 
HETATM 1129 O O     . HOH E 4 .  ? -5.093  19.173  -3.597  1.00 52.48 ? 280 HOH C O     1 
HETATM 1130 O O     . HOH E 4 .  ? -20.180 6.369   -9.249  1.00 43.26 ? 282 HOH C O     1 
HETATM 1131 O O     . HOH E 4 .  ? -13.752 6.226   -2.009  1.00 53.13 ? 290 HOH C O     1 
HETATM 1132 O O     . HOH E 4 .  ? -15.503 -14.706 2.081   1.00 53.74 ? 304 HOH C O     1 
HETATM 1133 O O     . HOH E 4 .  ? -7.183  9.230   -3.449  1.00 44.11 ? 330 HOH C O     1 
HETATM 1134 O O     . HOH E 4 .  ? -8.576  13.178  -0.404  1.00 41.24 ? 331 HOH C O     1 
HETATM 1135 O O     . HOH E 4 .  ? -21.164 -3.327  -11.109 1.00 59.80 ? 338 HOH C O     1 
HETATM 1136 O O     . HOH E 4 .  ? -15.743 -14.481 -9.007  1.00 44.60 ? 355 HOH C O     1 
HETATM 1137 O O     . HOH E 4 .  ? -23.525 6.351   -13.752 1.00 43.96 ? 364 HOH C O     1 
HETATM 1138 O O     . HOH E 4 .  ? -27.389 -3.824  8.152   1.00 53.21 ? 378 HOH C O     1 
HETATM 1139 O O     . HOH E 4 .  ? -18.232 13.872  -0.963  1.00 47.34 ? 379 HOH C O     1 
HETATM 1140 O O     . HOH E 4 .  ? -23.598 9.455   -10.744 1.00 59.90 ? 380 HOH C O     1 
HETATM 1141 O O     . HOH E 4 .  ? 2.300   3.953   -18.838 1.00 47.03 ? 382 HOH C O     1 
HETATM 1142 O O     . HOH E 4 .  ? -20.979 -7.818  -10.731 1.00 54.74 ? 389 HOH C O     1 
HETATM 1143 O O     . HOH E 4 .  ? -18.150 -12.625 -12.493 1.00 53.19 ? 390 HOH C O     1 
HETATM 1144 O O     . HOH F 4 .  ? -1.038  9.738   -3.768  1.00 27.27 ? 164 HOH A O     1 
HETATM 1145 O O     . HOH F 4 .  ? 2.690   9.802   8.579   1.00 36.30 ? 165 HOH A O     1 
HETATM 1146 O O     . HOH F 4 .  ? 6.019   -11.765 -0.705  1.00 32.78 ? 166 HOH A O     1 
HETATM 1147 O O     . HOH F 4 .  ? 7.007   -7.160  -6.537  1.00 29.37 ? 167 HOH A O     1 
HETATM 1148 O O     . HOH F 4 .  ? 12.482  -5.242  0.042   1.00 33.03 ? 171 HOH A O     1 
HETATM 1149 O O     . HOH F 4 .  ? 4.511   -3.437  7.219   1.00 44.32 ? 172 HOH A O     1 
HETATM 1150 O O     . HOH F 4 .  ? -8.282  2.497   2.349   1.00 34.03 ? 176 HOH A O     1 
HETATM 1151 O O     . HOH F 4 .  ? 8.832   3.146   -6.295  1.00 33.78 ? 177 HOH A O     1 
HETATM 1152 O O     . HOH F 4 .  ? 3.139   7.224   -0.507  1.00 25.02 ? 178 HOH A O     1 
HETATM 1153 O O     . HOH F 4 .  ? -3.228  12.253  8.659   1.00 44.52 ? 180 HOH A O     1 
HETATM 1154 O O     . HOH F 4 .  ? -2.843  3.695   -11.463 1.00 31.76 ? 181 HOH A O     1 
HETATM 1155 O O     . HOH F 4 .  ? 13.787  7.381   1.408   1.00 31.66 ? 182 HOH A O     1 
HETATM 1156 O O     . HOH F 4 .  ? -0.956  3.369   -13.194 1.00 46.41 ? 184 HOH A O     1 
HETATM 1157 O O     . HOH F 4 .  ? -6.844  5.863   -5.659  1.00 26.53 ? 186 HOH A O     1 
HETATM 1158 O O     . HOH F 4 .  ? -4.016  -0.915  -4.632  1.00 32.68 ? 187 HOH A O     1 
HETATM 1159 O O     . HOH F 4 .  ? 10.922  2.235   -8.904  1.00 34.78 ? 192 HOH A O     1 
HETATM 1160 O O     . HOH F 4 .  ? -7.684  5.687   9.426   1.00 38.48 ? 193 HOH A O     1 
HETATM 1161 O O     . HOH F 4 .  ? -5.587  -8.106  6.752   1.00 33.96 ? 196 HOH A O     1 
HETATM 1162 O O     . HOH F 4 .  ? -9.287  -9.497  -0.669  1.00 46.51 ? 197 HOH A O     1 
HETATM 1163 O O     . HOH F 4 .  ? 15.612  2.697   3.379   1.00 39.95 ? 198 HOH A O     1 
HETATM 1164 O O     . HOH F 4 .  ? -9.793  -8.699  3.851   1.00 43.87 ? 200 HOH A O     1 
HETATM 1165 O O     . HOH F 4 .  ? 0.849   0.791   -13.841 1.00 35.62 ? 201 HOH A O     1 
HETATM 1166 O O     . HOH F 4 .  ? 7.548   9.929   -4.071  1.00 30.66 ? 204 HOH A O     1 
HETATM 1167 O O     . HOH F 4 .  ? 3.965   -10.556 5.307   1.00 41.54 ? 207 HOH A O     1 
HETATM 1168 O O     . HOH F 4 .  ? 9.959   -1.863  3.324   1.00 49.46 ? 208 HOH A O     1 
HETATM 1169 O O     . HOH F 4 .  ? 0.775   -8.119  -7.788  1.00 37.26 ? 209 HOH A O     1 
HETATM 1170 O O     . HOH F 4 .  ? -11.781 -5.686  -1.249  1.00 53.71 ? 210 HOH A O     1 
HETATM 1171 O O     . HOH F 4 .  ? -2.721  6.407   -10.649 1.00 37.35 ? 211 HOH A O     1 
HETATM 1172 O O     . HOH F 4 .  ? -2.378  -10.206 -3.953  1.00 42.13 ? 212 HOH A O     1 
HETATM 1173 O O     . HOH F 4 .  ? -12.030 -5.963  -14.842 1.00 48.81 ? 214 HOH A O     1 
HETATM 1174 O O     . HOH F 4 .  ? 6.316   -2.483  -9.290  1.00 41.53 ? 216 HOH A O     1 
HETATM 1175 O O     . HOH F 4 .  ? -5.143  10.030  -1.163  1.00 27.33 ? 219 HOH A O     1 
HETATM 1176 O O     . HOH F 4 .  ? 7.843   -12.847 -4.999  1.00 26.97 ? 221 HOH A O     1 
HETATM 1177 O O     . HOH F 4 .  ? 12.031  10.342  -5.446  1.00 46.02 ? 225 HOH A O     1 
HETATM 1178 O O     . HOH F 4 .  ? -4.751  -4.301  10.453  1.00 44.19 ? 229 HOH A O     1 
HETATM 1179 O O     . HOH F 4 .  ? 0.896   -11.044 9.195   1.00 41.48 ? 235 HOH A O     1 
HETATM 1180 O O     . HOH F 4 .  ? 1.687   -9.278  7.123   1.00 40.76 ? 241 HOH A O     1 
HETATM 1181 O O     . HOH F 4 .  ? -9.882  -6.214  2.429   1.00 40.34 ? 243 HOH A O     1 
HETATM 1182 O O     . HOH F 4 .  ? 9.903   9.973   -3.371  1.00 26.68 ? 247 HOH A O     1 
HETATM 1183 O O     . HOH F 4 .  ? -0.114  -3.122  -11.120 1.00 38.80 ? 249 HOH A O     1 
HETATM 1184 O O     . HOH F 4 .  ? -0.753  -1.708  12.189  1.00 34.50 ? 250 HOH A O     1 
HETATM 1185 O O     . HOH F 4 .  ? 5.635   4.245   5.384   1.00 46.79 ? 253 HOH A O     1 
HETATM 1186 O O     . HOH F 4 .  ? 14.341  2.448   1.444   1.00 50.81 ? 254 HOH A O     1 
HETATM 1187 O O     . HOH F 4 .  ? -7.829  7.513   10.946  1.00 42.19 ? 258 HOH A O     1 
HETATM 1188 O O     . HOH F 4 .  ? 7.929   -4.034  -6.659  1.00 40.46 ? 262 HOH A O     1 
HETATM 1189 O O     . HOH F 4 .  ? 4.854   -9.284  11.369  1.00 47.85 ? 263 HOH A O     1 
HETATM 1190 O O     . HOH F 4 .  ? 8.093   0.868   13.942  1.00 52.17 ? 264 HOH A O     1 
HETATM 1191 O O     . HOH F 4 .  ? 12.582  -6.341  2.690   1.00 38.89 ? 266 HOH A O     1 
HETATM 1192 O O     . HOH F 4 .  ? 3.848   -0.891  -10.711 1.00 42.74 ? 267 HOH A O     1 
HETATM 1193 O O     . HOH F 4 .  ? -14.917 5.967   5.379   1.00 43.99 ? 269 HOH A O     1 
HETATM 1194 O O     . HOH F 4 .  ? -0.488  -13.325 8.056   1.00 64.53 ? 270 HOH A O     1 
HETATM 1195 O O     . HOH F 4 .  ? -11.941 -8.159  -4.360  1.00 53.65 ? 271 HOH A O     1 
HETATM 1196 O O     . HOH F 4 .  ? -8.621  -13.438 -8.159  1.00 46.50 ? 272 HOH A O     1 
HETATM 1197 O O     . HOH F 4 .  ? -3.974  4.070   11.211  1.00 45.26 ? 276 HOH A O     1 
HETATM 1198 O O     . HOH F 4 .  ? -12.602 11.949  14.798  1.00 44.01 ? 283 HOH A O     1 
HETATM 1199 O O     . HOH F 4 .  ? 2.509   3.498   -14.734 1.00 55.13 ? 284 HOH A O     1 
HETATM 1200 O O     . HOH F 4 .  ? 7.351   6.097   -10.391 1.00 46.66 ? 285 HOH A O     1 
HETATM 1201 O O     . HOH F 4 .  ? 6.364   7.239   -3.768  1.00 32.27 ? 288 HOH A O     1 
HETATM 1202 O O     . HOH F 4 .  ? -14.345 3.451   3.764   1.00 50.50 ? 291 HOH A O     1 
HETATM 1203 O O     . HOH F 4 .  ? -10.662 11.425  1.844   1.00 48.78 ? 297 HOH A O     1 
HETATM 1204 O O     . HOH F 4 .  ? -7.217  -3.664  6.435   1.00 34.04 ? 302 HOH A O     1 
HETATM 1205 O O     . HOH F 4 .  ? -5.435  -13.946 2.657   1.00 43.19 ? 309 HOH A O     1 
HETATM 1206 O O     . HOH F 4 .  ? -8.063  -8.686  6.148   1.00 44.20 ? 310 HOH A O     1 
HETATM 1207 O O     . HOH F 4 .  ? 2.922   -11.047 1.644   1.00 57.35 ? 312 HOH A O     1 
HETATM 1208 O O     . HOH F 4 .  ? -6.631  -9.818  -9.611  1.00 52.38 ? 318 HOH A O     1 
HETATM 1209 O O     . HOH F 4 .  ? -15.838 13.480  9.391   1.00 56.91 ? 325 HOH A O     1 
HETATM 1210 O O     . HOH F 4 .  ? -13.906 14.699  6.173   1.00 60.04 ? 326 HOH A O     1 
HETATM 1211 O O     . HOH F 4 .  ? 6.018   -6.251  8.657   1.00 54.55 ? 352 HOH A O     1 
HETATM 1212 O O     . HOH F 4 .  ? 3.261   -2.025  -12.576 1.00 49.52 ? 353 HOH A O     1 
HETATM 1213 O O     . HOH F 4 .  ? -9.184  -17.684 -4.320  1.00 47.14 ? 356 HOH A O     1 
HETATM 1214 O O     . HOH F 4 .  ? -2.036  3.978   -15.618 1.00 47.79 ? 358 HOH A O     1 
HETATM 1215 O O     . HOH F 4 .  ? 11.687  4.025   -10.152 1.00 45.99 ? 361 HOH A O     1 
HETATM 1216 O O     . HOH F 4 .  ? -8.204  -7.624  -1.747  1.00 39.09 ? 363 HOH A O     1 
HETATM 1217 O O     . HOH F 4 .  ? -11.439 9.187   16.168  1.00 62.25 ? 381 HOH A O     1 
HETATM 1218 O O     . HOH F 4 .  ? 4.987   -17.828 -1.920  1.00 45.11 ? 387 HOH A O     1 
HETATM 1219 O O     . HOH F 4 .  ? 8.418   -18.952 0.494   1.00 59.08 ? 388 HOH A O     1 
# 
